data_3DBO
# 
_entry.id   3DBO 
# 
_audit_conform.dict_name       mmcif_pdbx.dic 
_audit_conform.dict_version    5.387 
_audit_conform.dict_location   http://mmcif.pdb.org/dictionaries/ascii/mmcif_pdbx.dic 
# 
loop_
_database_2.database_id 
_database_2.database_code 
_database_2.pdbx_database_accession 
_database_2.pdbx_DOI 
PDB   3DBO         pdb_00003dbo 10.2210/pdb3dbo/pdb 
RCSB  RCSB047837   ?            ?                   
WWPDB D_1000047837 ?            ?                   
# 
loop_
_pdbx_audit_revision_history.ordinal 
_pdbx_audit_revision_history.data_content_type 
_pdbx_audit_revision_history.major_revision 
_pdbx_audit_revision_history.minor_revision 
_pdbx_audit_revision_history.revision_date 
1 'Structure model' 1 0 2008-07-15 
2 'Structure model' 1 1 2011-07-13 
3 'Structure model' 1 2 2024-02-21 
# 
_pdbx_audit_revision_details.ordinal             1 
_pdbx_audit_revision_details.revision_ordinal    1 
_pdbx_audit_revision_details.data_content_type   'Structure model' 
_pdbx_audit_revision_details.provider            repository 
_pdbx_audit_revision_details.type                'Initial release' 
_pdbx_audit_revision_details.description         ? 
_pdbx_audit_revision_details.details             ? 
# 
loop_
_pdbx_audit_revision_group.ordinal 
_pdbx_audit_revision_group.revision_ordinal 
_pdbx_audit_revision_group.data_content_type 
_pdbx_audit_revision_group.group 
1 2 'Structure model' 'Source and taxonomy'       
2 2 'Structure model' 'Version format compliance' 
3 3 'Structure model' 'Data collection'           
4 3 'Structure model' 'Database references'       
5 3 'Structure model' 'Derived calculations'      
# 
loop_
_pdbx_audit_revision_category.ordinal 
_pdbx_audit_revision_category.revision_ordinal 
_pdbx_audit_revision_category.data_content_type 
_pdbx_audit_revision_category.category 
1 3 'Structure model' chem_comp_atom     
2 3 'Structure model' chem_comp_bond     
3 3 'Structure model' database_2         
4 3 'Structure model' struct_conn        
5 3 'Structure model' struct_ref_seq_dif 
6 3 'Structure model' struct_site        
# 
loop_
_pdbx_audit_revision_item.ordinal 
_pdbx_audit_revision_item.revision_ordinal 
_pdbx_audit_revision_item.data_content_type 
_pdbx_audit_revision_item.item 
1  3 'Structure model' '_database_2.pdbx_DOI'                
2  3 'Structure model' '_database_2.pdbx_database_accession' 
3  3 'Structure model' '_struct_conn.pdbx_dist_value'        
4  3 'Structure model' '_struct_conn.ptnr1_auth_seq_id'      
5  3 'Structure model' '_struct_conn.ptnr1_label_asym_id'    
6  3 'Structure model' '_struct_conn.ptnr2_auth_comp_id'     
7  3 'Structure model' '_struct_conn.ptnr2_auth_seq_id'      
8  3 'Structure model' '_struct_conn.ptnr2_label_asym_id'    
9  3 'Structure model' '_struct_conn.ptnr2_label_comp_id'    
10 3 'Structure model' '_struct_ref_seq_dif.details'         
11 3 'Structure model' '_struct_site.pdbx_auth_asym_id'      
12 3 'Structure model' '_struct_site.pdbx_auth_comp_id'      
13 3 'Structure model' '_struct_site.pdbx_auth_seq_id'       
# 
_pdbx_database_status.status_code                     REL 
_pdbx_database_status.entry_id                        3DBO 
_pdbx_database_status.recvd_initial_deposition_date   2008-06-02 
_pdbx_database_status.deposit_site                    RCSB 
_pdbx_database_status.process_site                    RCSB 
_pdbx_database_status.status_code_sf                  REL 
_pdbx_database_status.status_code_mr                  ? 
_pdbx_database_status.SG_entry                        Y 
_pdbx_database_status.pdb_format_compatible           Y 
_pdbx_database_status.status_code_cs                  ? 
_pdbx_database_status.status_code_nmr_data            ? 
_pdbx_database_status.methods_development_category    ? 
# 
loop_
_pdbx_database_related.db_name 
_pdbx_database_related.db_id 
_pdbx_database_related.details 
_pdbx_database_related.content_type 
TargetDB Rv0626 'Target ID of entity 1' unspecified 
TargetDB Rv0627 'Target ID of entity 2' unspecified 
# 
loop_
_audit_author.name 
_audit_author.pdbx_ordinal 
'Miallau, L.'                                                    1 
'Cascio, D.'                                                     2 
'Eisenberg, D.'                                                  3 
'Integrated Center for Structure and Function Innovation (ISFI)' 4 
'TB Structural Genomics Consortium (TBSGC)'                      5 
# 
_citation.id                        primary 
_citation.title                     
;Structure and Proposed Activity of a Member of the VapBC Family of Toxin-Antitoxin Systems: VapBC-5 FROM MYCOBACTERIUM TUBERCULOSIS.
;
_citation.journal_abbrev            J.Biol.Chem. 
_citation.journal_volume            284 
_citation.page_first                276 
_citation.page_last                 283 
_citation.year                      2009 
_citation.journal_id_ASTM           JBCHA3 
_citation.country                   US 
_citation.journal_id_ISSN           0021-9258 
_citation.journal_id_CSD            0071 
_citation.book_publisher            ? 
_citation.pdbx_database_id_PubMed   18952600 
_citation.pdbx_database_id_DOI      10.1074/jbc.M805061200 
# 
loop_
_citation_author.citation_id 
_citation_author.name 
_citation_author.ordinal 
_citation_author.identifier_ORCID 
primary 'Miallau, L.'   1 ? 
primary 'Faller, M.'    2 ? 
primary 'Chiang, J.'    3 ? 
primary 'Arbing, M.'    4 ? 
primary 'Guo, F.'       5 ? 
primary 'Cascio, D.'    6 ? 
primary 'Eisenberg, D.' 7 ? 
# 
loop_
_entity.id 
_entity.type 
_entity.src_method 
_entity.pdbx_description 
_entity.formula_weight 
_entity.pdbx_number_of_molecules 
_entity.pdbx_ec 
_entity.pdbx_mutation 
_entity.pdbx_fragment 
_entity.details 
1 polymer     man 'Uncharacterized protein' 10177.658 1  ? ? ? ? 
2 polymer     man 'Uncharacterized protein' 16241.325 1  ? ? ? ? 
3 non-polymer syn 'SODIUM ION'              22.990    4  ? ? ? ? 
4 non-polymer syn 'ACETATE ION'             59.044    1  ? ? ? ? 
5 non-polymer syn BETA-MERCAPTOETHANOL      78.133    1  ? ? ? ? 
6 water       nat water                     18.015    46 ? ? ? ? 
# 
loop_
_entity_poly.entity_id 
_entity_poly.type 
_entity_poly.nstd_linkage 
_entity_poly.nstd_monomer 
_entity_poly.pdbx_seq_one_letter_code 
_entity_poly.pdbx_seq_one_letter_code_can 
_entity_poly.pdbx_strand_id 
_entity_poly.pdbx_target_identifier 
1 'polypeptide(L)' no no 
;MQAGPALMSEVASRELRNDTAGVLRRVRAGEDVTITVSGRPVAVLTPVRPRRRRWLSKTEFLSRLRGAQADPGLRNDLAV
LAGDTTEDLGPIR
;
;MQAGPALMSEVASRELRNDTAGVLRRVRAGEDVTITVSGRPVAVLTPVRPRRRRWLSKTEFLSRLRGAQADPGLRNDLAV
LAGDTTEDLGPIR
;
A Rv0626 
2 'polypeptide(L)' no no 
;MAHHHHHHVDDDDKMVSTTPAAGVLDTSVFIATESGRQLDEALIPDRVATTVVTLAELRVGVLAAATTDIRAQRLATLES
VADMETLPVDDDAARMWARLRIHLAESGRRVRINDLWIAAVAASRALPVITQDDDFAALDGAASVEIIRV
;
;MAHHHHHHVDDDDKMVSTTPAAGVLDTSVFIATESGRQLDEALIPDRVATTVVTLAELRVGVLAAATTDIRAQRLATLES
VADMETLPVDDDAARMWARLRIHLAESGRRVRINDLWIAAVAASRALPVITQDDDFAALDGAASVEIIRV
;
B Rv0627 
# 
loop_
_pdbx_entity_nonpoly.entity_id 
_pdbx_entity_nonpoly.name 
_pdbx_entity_nonpoly.comp_id 
3 'SODIUM ION'         NA  
4 'ACETATE ION'        ACT 
5 BETA-MERCAPTOETHANOL BME 
6 water                HOH 
# 
loop_
_entity_poly_seq.entity_id 
_entity_poly_seq.num 
_entity_poly_seq.mon_id 
_entity_poly_seq.hetero 
1 1   MET n 
1 2   GLN n 
1 3   ALA n 
1 4   GLY n 
1 5   PRO n 
1 6   ALA n 
1 7   LEU n 
1 8   MET n 
1 9   SER n 
1 10  GLU n 
1 11  VAL n 
1 12  ALA n 
1 13  SER n 
1 14  ARG n 
1 15  GLU n 
1 16  LEU n 
1 17  ARG n 
1 18  ASN n 
1 19  ASP n 
1 20  THR n 
1 21  ALA n 
1 22  GLY n 
1 23  VAL n 
1 24  LEU n 
1 25  ARG n 
1 26  ARG n 
1 27  VAL n 
1 28  ARG n 
1 29  ALA n 
1 30  GLY n 
1 31  GLU n 
1 32  ASP n 
1 33  VAL n 
1 34  THR n 
1 35  ILE n 
1 36  THR n 
1 37  VAL n 
1 38  SER n 
1 39  GLY n 
1 40  ARG n 
1 41  PRO n 
1 42  VAL n 
1 43  ALA n 
1 44  VAL n 
1 45  LEU n 
1 46  THR n 
1 47  PRO n 
1 48  VAL n 
1 49  ARG n 
1 50  PRO n 
1 51  ARG n 
1 52  ARG n 
1 53  ARG n 
1 54  ARG n 
1 55  TRP n 
1 56  LEU n 
1 57  SER n 
1 58  LYS n 
1 59  THR n 
1 60  GLU n 
1 61  PHE n 
1 62  LEU n 
1 63  SER n 
1 64  ARG n 
1 65  LEU n 
1 66  ARG n 
1 67  GLY n 
1 68  ALA n 
1 69  GLN n 
1 70  ALA n 
1 71  ASP n 
1 72  PRO n 
1 73  GLY n 
1 74  LEU n 
1 75  ARG n 
1 76  ASN n 
1 77  ASP n 
1 78  LEU n 
1 79  ALA n 
1 80  VAL n 
1 81  LEU n 
1 82  ALA n 
1 83  GLY n 
1 84  ASP n 
1 85  THR n 
1 86  THR n 
1 87  GLU n 
1 88  ASP n 
1 89  LEU n 
1 90  GLY n 
1 91  PRO n 
1 92  ILE n 
1 93  ARG n 
2 1   MET n 
2 2   ALA n 
2 3   HIS n 
2 4   HIS n 
2 5   HIS n 
2 6   HIS n 
2 7   HIS n 
2 8   HIS n 
2 9   VAL n 
2 10  ASP n 
2 11  ASP n 
2 12  ASP n 
2 13  ASP n 
2 14  LYS n 
2 15  MET n 
2 16  VAL n 
2 17  SER n 
2 18  THR n 
2 19  THR n 
2 20  PRO n 
2 21  ALA n 
2 22  ALA n 
2 23  GLY n 
2 24  VAL n 
2 25  LEU n 
2 26  ASP n 
2 27  THR n 
2 28  SER n 
2 29  VAL n 
2 30  PHE n 
2 31  ILE n 
2 32  ALA n 
2 33  THR n 
2 34  GLU n 
2 35  SER n 
2 36  GLY n 
2 37  ARG n 
2 38  GLN n 
2 39  LEU n 
2 40  ASP n 
2 41  GLU n 
2 42  ALA n 
2 43  LEU n 
2 44  ILE n 
2 45  PRO n 
2 46  ASP n 
2 47  ARG n 
2 48  VAL n 
2 49  ALA n 
2 50  THR n 
2 51  THR n 
2 52  VAL n 
2 53  VAL n 
2 54  THR n 
2 55  LEU n 
2 56  ALA n 
2 57  GLU n 
2 58  LEU n 
2 59  ARG n 
2 60  VAL n 
2 61  GLY n 
2 62  VAL n 
2 63  LEU n 
2 64  ALA n 
2 65  ALA n 
2 66  ALA n 
2 67  THR n 
2 68  THR n 
2 69  ASP n 
2 70  ILE n 
2 71  ARG n 
2 72  ALA n 
2 73  GLN n 
2 74  ARG n 
2 75  LEU n 
2 76  ALA n 
2 77  THR n 
2 78  LEU n 
2 79  GLU n 
2 80  SER n 
2 81  VAL n 
2 82  ALA n 
2 83  ASP n 
2 84  MET n 
2 85  GLU n 
2 86  THR n 
2 87  LEU n 
2 88  PRO n 
2 89  VAL n 
2 90  ASP n 
2 91  ASP n 
2 92  ASP n 
2 93  ALA n 
2 94  ALA n 
2 95  ARG n 
2 96  MET n 
2 97  TRP n 
2 98  ALA n 
2 99  ARG n 
2 100 LEU n 
2 101 ARG n 
2 102 ILE n 
2 103 HIS n 
2 104 LEU n 
2 105 ALA n 
2 106 GLU n 
2 107 SER n 
2 108 GLY n 
2 109 ARG n 
2 110 ARG n 
2 111 VAL n 
2 112 ARG n 
2 113 ILE n 
2 114 ASN n 
2 115 ASP n 
2 116 LEU n 
2 117 TRP n 
2 118 ILE n 
2 119 ALA n 
2 120 ALA n 
2 121 VAL n 
2 122 ALA n 
2 123 ALA n 
2 124 SER n 
2 125 ARG n 
2 126 ALA n 
2 127 LEU n 
2 128 PRO n 
2 129 VAL n 
2 130 ILE n 
2 131 THR n 
2 132 GLN n 
2 133 ASP n 
2 134 ASP n 
2 135 ASP n 
2 136 PHE n 
2 137 ALA n 
2 138 ALA n 
2 139 LEU n 
2 140 ASP n 
2 141 GLY n 
2 142 ALA n 
2 143 ALA n 
2 144 SER n 
2 145 VAL n 
2 146 GLU n 
2 147 ILE n 
2 148 ILE n 
2 149 ARG n 
2 150 VAL n 
# 
loop_
_entity_src_gen.entity_id 
_entity_src_gen.pdbx_src_id 
_entity_src_gen.pdbx_alt_source_flag 
_entity_src_gen.pdbx_seq_type 
_entity_src_gen.pdbx_beg_seq_num 
_entity_src_gen.pdbx_end_seq_num 
_entity_src_gen.gene_src_common_name 
_entity_src_gen.gene_src_genus 
_entity_src_gen.pdbx_gene_src_gene 
_entity_src_gen.gene_src_species 
_entity_src_gen.gene_src_strain 
_entity_src_gen.gene_src_tissue 
_entity_src_gen.gene_src_tissue_fraction 
_entity_src_gen.gene_src_details 
_entity_src_gen.pdbx_gene_src_fragment 
_entity_src_gen.pdbx_gene_src_scientific_name 
_entity_src_gen.pdbx_gene_src_ncbi_taxonomy_id 
_entity_src_gen.pdbx_gene_src_variant 
_entity_src_gen.pdbx_gene_src_cell_line 
_entity_src_gen.pdbx_gene_src_atcc 
_entity_src_gen.pdbx_gene_src_organ 
_entity_src_gen.pdbx_gene_src_organelle 
_entity_src_gen.pdbx_gene_src_cell 
_entity_src_gen.pdbx_gene_src_cellular_location 
_entity_src_gen.host_org_common_name 
_entity_src_gen.pdbx_host_org_scientific_name 
_entity_src_gen.pdbx_host_org_ncbi_taxonomy_id 
_entity_src_gen.host_org_genus 
_entity_src_gen.pdbx_host_org_gene 
_entity_src_gen.pdbx_host_org_organ 
_entity_src_gen.host_org_species 
_entity_src_gen.pdbx_host_org_tissue 
_entity_src_gen.pdbx_host_org_tissue_fraction 
_entity_src_gen.pdbx_host_org_strain 
_entity_src_gen.pdbx_host_org_variant 
_entity_src_gen.pdbx_host_org_cell_line 
_entity_src_gen.pdbx_host_org_atcc 
_entity_src_gen.pdbx_host_org_culture_collection 
_entity_src_gen.pdbx_host_org_cell 
_entity_src_gen.pdbx_host_org_organelle 
_entity_src_gen.pdbx_host_org_cellular_location 
_entity_src_gen.pdbx_host_org_vector_type 
_entity_src_gen.pdbx_host_org_vector 
_entity_src_gen.host_org_details 
_entity_src_gen.expression_system_id 
_entity_src_gen.plasmid_name 
_entity_src_gen.plasmid_details 
_entity_src_gen.pdbx_description 
1 1 sample ? ? ? ? ? 'Rv0626, MT0654' ? H37Rv ? ? ? ? 'Mycobacterium tuberculosis' 83332 ? ? 25618 ? ? ? ? ? 'Escherichia coli' 
562 ? ? ? ? ? ? 'BL21(DE3)pLysS' ? ? ? ? ? ? ? Plasmid ? ? ? pET46duet ? ? 
2 1 sample ? ? ? ? ? Rv0627           ? H37Rv ? ? ? ? 'Mycobacterium tuberculosis' 83332 ? ? 25618 ? ? ? ? ? 'Escherichia coli' 
562 ? ? ? ? ? ? 'BL21(DE3)pLysS' ? ? ? ? ? ? ? Plasmid ? ? ? pET46duet ? ? 
# 
loop_
_chem_comp.id 
_chem_comp.type 
_chem_comp.mon_nstd_flag 
_chem_comp.name 
_chem_comp.pdbx_synonyms 
_chem_comp.formula 
_chem_comp.formula_weight 
ACT non-polymer         . 'ACETATE ION'        ? 'C2 H3 O2 -1'    59.044  
ALA 'L-peptide linking' y ALANINE              ? 'C3 H7 N O2'     89.093  
ARG 'L-peptide linking' y ARGININE             ? 'C6 H15 N4 O2 1' 175.209 
ASN 'L-peptide linking' y ASPARAGINE           ? 'C4 H8 N2 O3'    132.118 
ASP 'L-peptide linking' y 'ASPARTIC ACID'      ? 'C4 H7 N O4'     133.103 
BME non-polymer         . BETA-MERCAPTOETHANOL ? 'C2 H6 O S'      78.133  
GLN 'L-peptide linking' y GLUTAMINE            ? 'C5 H10 N2 O3'   146.144 
GLU 'L-peptide linking' y 'GLUTAMIC ACID'      ? 'C5 H9 N O4'     147.129 
GLY 'peptide linking'   y GLYCINE              ? 'C2 H5 N O2'     75.067  
HIS 'L-peptide linking' y HISTIDINE            ? 'C6 H10 N3 O2 1' 156.162 
HOH non-polymer         . WATER                ? 'H2 O'           18.015  
ILE 'L-peptide linking' y ISOLEUCINE           ? 'C6 H13 N O2'    131.173 
LEU 'L-peptide linking' y LEUCINE              ? 'C6 H13 N O2'    131.173 
LYS 'L-peptide linking' y LYSINE               ? 'C6 H15 N2 O2 1' 147.195 
MET 'L-peptide linking' y METHIONINE           ? 'C5 H11 N O2 S'  149.211 
NA  non-polymer         . 'SODIUM ION'         ? 'Na 1'           22.990  
PHE 'L-peptide linking' y PHENYLALANINE        ? 'C9 H11 N O2'    165.189 
PRO 'L-peptide linking' y PROLINE              ? 'C5 H9 N O2'     115.130 
SER 'L-peptide linking' y SERINE               ? 'C3 H7 N O3'     105.093 
THR 'L-peptide linking' y THREONINE            ? 'C4 H9 N O3'     119.119 
TRP 'L-peptide linking' y TRYPTOPHAN           ? 'C11 H12 N2 O2'  204.225 
VAL 'L-peptide linking' y VALINE               ? 'C5 H11 N O2'    117.146 
# 
loop_
_pdbx_poly_seq_scheme.asym_id 
_pdbx_poly_seq_scheme.entity_id 
_pdbx_poly_seq_scheme.seq_id 
_pdbx_poly_seq_scheme.mon_id 
_pdbx_poly_seq_scheme.ndb_seq_num 
_pdbx_poly_seq_scheme.pdb_seq_num 
_pdbx_poly_seq_scheme.auth_seq_num 
_pdbx_poly_seq_scheme.pdb_mon_id 
_pdbx_poly_seq_scheme.auth_mon_id 
_pdbx_poly_seq_scheme.pdb_strand_id 
_pdbx_poly_seq_scheme.pdb_ins_code 
_pdbx_poly_seq_scheme.hetero 
A 1 1   MET 1   1   ?   ?   ?   A . n 
A 1 2   GLN 2   2   ?   ?   ?   A . n 
A 1 3   ALA 3   3   ?   ?   ?   A . n 
A 1 4   GLY 4   4   ?   ?   ?   A . n 
A 1 5   PRO 5   5   ?   ?   ?   A . n 
A 1 6   ALA 6   6   ?   ?   ?   A . n 
A 1 7   LEU 7   7   ?   ?   ?   A . n 
A 1 8   MET 8   8   ?   ?   ?   A . n 
A 1 9   SER 9   9   ?   ?   ?   A . n 
A 1 10  GLU 10  10  ?   ?   ?   A . n 
A 1 11  VAL 11  11  ?   ?   ?   A . n 
A 1 12  ALA 12  12  ?   ?   ?   A . n 
A 1 13  SER 13  13  ?   ?   ?   A . n 
A 1 14  ARG 14  14  ?   ?   ?   A . n 
A 1 15  GLU 15  15  ?   ?   ?   A . n 
A 1 16  LEU 16  16  ?   ?   ?   A . n 
A 1 17  ARG 17  17  ?   ?   ?   A . n 
A 1 18  ASN 18  18  ?   ?   ?   A . n 
A 1 19  ASP 19  19  ?   ?   ?   A . n 
A 1 20  THR 20  20  ?   ?   ?   A . n 
A 1 21  ALA 21  21  ?   ?   ?   A . n 
A 1 22  GLY 22  22  ?   ?   ?   A . n 
A 1 23  VAL 23  23  ?   ?   ?   A . n 
A 1 24  LEU 24  24  ?   ?   ?   A . n 
A 1 25  ARG 25  25  ?   ?   ?   A . n 
A 1 26  ARG 26  26  ?   ?   ?   A . n 
A 1 27  VAL 27  27  ?   ?   ?   A . n 
A 1 28  ARG 28  28  ?   ?   ?   A . n 
A 1 29  ALA 29  29  ?   ?   ?   A . n 
A 1 30  GLY 30  30  ?   ?   ?   A . n 
A 1 31  GLU 31  31  ?   ?   ?   A . n 
A 1 32  ASP 32  32  ?   ?   ?   A . n 
A 1 33  VAL 33  33  ?   ?   ?   A . n 
A 1 34  THR 34  34  ?   ?   ?   A . n 
A 1 35  ILE 35  35  ?   ?   ?   A . n 
A 1 36  THR 36  36  ?   ?   ?   A . n 
A 1 37  VAL 37  37  ?   ?   ?   A . n 
A 1 38  SER 38  38  ?   ?   ?   A . n 
A 1 39  GLY 39  39  ?   ?   ?   A . n 
A 1 40  ARG 40  40  ?   ?   ?   A . n 
A 1 41  PRO 41  41  ?   ?   ?   A . n 
A 1 42  VAL 42  42  ?   ?   ?   A . n 
A 1 43  ALA 43  43  ?   ?   ?   A . n 
A 1 44  VAL 44  44  ?   ?   ?   A . n 
A 1 45  LEU 45  45  ?   ?   ?   A . n 
A 1 46  THR 46  46  ?   ?   ?   A . n 
A 1 47  PRO 47  47  ?   ?   ?   A . n 
A 1 48  VAL 48  48  ?   ?   ?   A . n 
A 1 49  ARG 49  49  ?   ?   ?   A . n 
A 1 50  PRO 50  50  ?   ?   ?   A . n 
A 1 51  ARG 51  51  ?   ?   ?   A . n 
A 1 52  ARG 52  52  ?   ?   ?   A . n 
A 1 53  ARG 53  53  53  ARG ARG A . n 
A 1 54  ARG 54  54  54  ARG ARG A . n 
A 1 55  TRP 55  55  55  TRP TRP A . n 
A 1 56  LEU 56  56  56  LEU LEU A . n 
A 1 57  SER 57  57  57  SER SER A . n 
A 1 58  LYS 58  58  58  LYS LYS A . n 
A 1 59  THR 59  59  59  THR THR A . n 
A 1 60  GLU 60  60  60  GLU GLU A . n 
A 1 61  PHE 61  61  61  PHE PHE A . n 
A 1 62  LEU 62  62  62  LEU LEU A . n 
A 1 63  SER 63  63  63  SER SER A . n 
A 1 64  ARG 64  64  64  ARG ARG A . n 
A 1 65  LEU 65  65  65  LEU LEU A . n 
A 1 66  ARG 66  66  66  ARG ARG A . n 
A 1 67  GLY 67  67  67  GLY GLY A . n 
A 1 68  ALA 68  68  68  ALA ALA A . n 
A 1 69  GLN 69  69  69  GLN GLN A . n 
A 1 70  ALA 70  70  70  ALA ALA A . n 
A 1 71  ASP 71  71  71  ASP ASP A . n 
A 1 72  PRO 72  72  72  PRO PRO A . n 
A 1 73  GLY 73  73  73  GLY GLY A . n 
A 1 74  LEU 74  74  74  LEU LEU A . n 
A 1 75  ARG 75  75  75  ARG ARG A . n 
A 1 76  ASN 76  76  76  ASN ASN A . n 
A 1 77  ASP 77  77  77  ASP ASP A . n 
A 1 78  LEU 78  78  78  LEU LEU A . n 
A 1 79  ALA 79  79  79  ALA ALA A . n 
A 1 80  VAL 80  80  80  VAL VAL A . n 
A 1 81  LEU 81  81  81  LEU LEU A . n 
A 1 82  ALA 82  82  82  ALA ALA A . n 
A 1 83  GLY 83  83  83  GLY GLY A . n 
A 1 84  ASP 84  84  84  ASP ASP A . n 
A 1 85  THR 85  85  85  THR THR A . n 
A 1 86  THR 86  86  86  THR THR A . n 
A 1 87  GLU 87  87  ?   ?   ?   A . n 
A 1 88  ASP 88  88  ?   ?   ?   A . n 
A 1 89  LEU 89  89  ?   ?   ?   A . n 
A 1 90  GLY 90  90  ?   ?   ?   A . n 
A 1 91  PRO 91  91  ?   ?   ?   A . n 
A 1 92  ILE 92  92  ?   ?   ?   A . n 
A 1 93  ARG 93  93  ?   ?   ?   A . n 
B 2 1   MET 1   1   ?   ?   ?   B . n 
B 2 2   ALA 2   2   ?   ?   ?   B . n 
B 2 3   HIS 3   3   ?   ?   ?   B . n 
B 2 4   HIS 4   4   ?   ?   ?   B . n 
B 2 5   HIS 5   5   ?   ?   ?   B . n 
B 2 6   HIS 6   6   ?   ?   ?   B . n 
B 2 7   HIS 7   7   ?   ?   ?   B . n 
B 2 8   HIS 8   8   ?   ?   ?   B . n 
B 2 9   VAL 9   9   ?   ?   ?   B . n 
B 2 10  ASP 10  10  ?   ?   ?   B . n 
B 2 11  ASP 11  11  ?   ?   ?   B . n 
B 2 12  ASP 12  12  ?   ?   ?   B . n 
B 2 13  ASP 13  13  ?   ?   ?   B . n 
B 2 14  LYS 14  14  ?   ?   ?   B . n 
B 2 15  MET 15  15  ?   ?   ?   B . n 
B 2 16  VAL 16  16  ?   ?   ?   B . n 
B 2 17  SER 17  17  ?   ?   ?   B . n 
B 2 18  THR 18  18  ?   ?   ?   B . n 
B 2 19  THR 19  19  ?   ?   ?   B . n 
B 2 20  PRO 20  20  20  PRO PRO B . n 
B 2 21  ALA 21  21  21  ALA ALA B . n 
B 2 22  ALA 22  22  22  ALA ALA B . n 
B 2 23  GLY 23  23  23  GLY GLY B . n 
B 2 24  VAL 24  24  24  VAL VAL B . n 
B 2 25  LEU 25  25  25  LEU LEU B . n 
B 2 26  ASP 26  26  26  ASP ASP B . n 
B 2 27  THR 27  27  27  THR THR B . n 
B 2 28  SER 28  28  28  SER SER B . n 
B 2 29  VAL 29  29  29  VAL VAL B . n 
B 2 30  PHE 30  30  30  PHE PHE B . n 
B 2 31  ILE 31  31  31  ILE ILE B . n 
B 2 32  ALA 32  32  32  ALA ALA B . n 
B 2 33  THR 33  33  ?   ?   ?   B . n 
B 2 34  GLU 34  34  ?   ?   ?   B . n 
B 2 35  SER 35  35  ?   ?   ?   B . n 
B 2 36  GLY 36  36  ?   ?   ?   B . n 
B 2 37  ARG 37  37  ?   ?   ?   B . n 
B 2 38  GLN 38  38  38  GLN GLN B . n 
B 2 39  LEU 39  39  39  LEU LEU B . n 
B 2 40  ASP 40  40  40  ASP ASP B . n 
B 2 41  GLU 41  41  41  GLU GLU B . n 
B 2 42  ALA 42  42  42  ALA ALA B . n 
B 2 43  LEU 43  43  43  LEU LEU B . n 
B 2 44  ILE 44  44  44  ILE ILE B . n 
B 2 45  PRO 45  45  45  PRO PRO B . n 
B 2 46  ASP 46  46  46  ASP ASP B . n 
B 2 47  ARG 47  47  47  ARG ARG B . n 
B 2 48  VAL 48  48  48  VAL VAL B . n 
B 2 49  ALA 49  49  49  ALA ALA B . n 
B 2 50  THR 50  50  50  THR THR B . n 
B 2 51  THR 51  51  51  THR THR B . n 
B 2 52  VAL 52  52  52  VAL VAL B . n 
B 2 53  VAL 53  53  53  VAL VAL B . n 
B 2 54  THR 54  54  54  THR THR B . n 
B 2 55  LEU 55  55  55  LEU LEU B . n 
B 2 56  ALA 56  56  56  ALA ALA B . n 
B 2 57  GLU 57  57  57  GLU GLU B . n 
B 2 58  LEU 58  58  58  LEU LEU B . n 
B 2 59  ARG 59  59  59  ARG ARG B . n 
B 2 60  VAL 60  60  60  VAL VAL B . n 
B 2 61  GLY 61  61  61  GLY GLY B . n 
B 2 62  VAL 62  62  62  VAL VAL B . n 
B 2 63  LEU 63  63  63  LEU LEU B . n 
B 2 64  ALA 64  64  64  ALA ALA B . n 
B 2 65  ALA 65  65  65  ALA ALA B . n 
B 2 66  ALA 66  66  66  ALA ALA B . n 
B 2 67  THR 67  67  67  THR THR B . n 
B 2 68  THR 68  68  68  THR THR B . n 
B 2 69  ASP 69  69  69  ASP ASP B . n 
B 2 70  ILE 70  70  70  ILE ILE B . n 
B 2 71  ARG 71  71  71  ARG ARG B . n 
B 2 72  ALA 72  72  72  ALA ALA B . n 
B 2 73  GLN 73  73  73  GLN GLN B . n 
B 2 74  ARG 74  74  74  ARG ARG B . n 
B 2 75  LEU 75  75  75  LEU LEU B . n 
B 2 76  ALA 76  76  76  ALA ALA B . n 
B 2 77  THR 77  77  77  THR THR B . n 
B 2 78  LEU 78  78  78  LEU LEU B . n 
B 2 79  GLU 79  79  79  GLU GLU B . n 
B 2 80  SER 80  80  80  SER SER B . n 
B 2 81  VAL 81  81  81  VAL VAL B . n 
B 2 82  ALA 82  82  82  ALA ALA B . n 
B 2 83  ASP 83  83  83  ASP ASP B . n 
B 2 84  MET 84  84  84  MET MET B . n 
B 2 85  GLU 85  85  85  GLU GLU B . n 
B 2 86  THR 86  86  86  THR THR B . n 
B 2 87  LEU 87  87  87  LEU LEU B . n 
B 2 88  PRO 88  88  88  PRO PRO B . n 
B 2 89  VAL 89  89  89  VAL VAL B . n 
B 2 90  ASP 90  90  90  ASP ASP B . n 
B 2 91  ASP 91  91  91  ASP ASP B . n 
B 2 92  ASP 92  92  92  ASP ASP B . n 
B 2 93  ALA 93  93  93  ALA ALA B . n 
B 2 94  ALA 94  94  94  ALA ALA B . n 
B 2 95  ARG 95  95  95  ARG ARG B . n 
B 2 96  MET 96  96  96  MET MET B . n 
B 2 97  TRP 97  97  97  TRP TRP B . n 
B 2 98  ALA 98  98  98  ALA ALA B . n 
B 2 99  ARG 99  99  99  ARG ARG B . n 
B 2 100 LEU 100 100 100 LEU LEU B . n 
B 2 101 ARG 101 101 101 ARG ARG B . n 
B 2 102 ILE 102 102 102 ILE ILE B . n 
B 2 103 HIS 103 103 103 HIS HIS B . n 
B 2 104 LEU 104 104 104 LEU LEU B . n 
B 2 105 ALA 105 105 105 ALA ALA B . n 
B 2 106 GLU 106 106 106 GLU GLU B . n 
B 2 107 SER 107 107 107 SER SER B . n 
B 2 108 GLY 108 108 108 GLY GLY B . n 
B 2 109 ARG 109 109 109 ARG ARG B . n 
B 2 110 ARG 110 110 110 ARG ARG B . n 
B 2 111 VAL 111 111 111 VAL VAL B . n 
B 2 112 ARG 112 112 112 ARG ARG B . n 
B 2 113 ILE 113 113 113 ILE ILE B . n 
B 2 114 ASN 114 114 114 ASN ASN B . n 
B 2 115 ASP 115 115 115 ASP ASP B . n 
B 2 116 LEU 116 116 116 LEU LEU B . n 
B 2 117 TRP 117 117 117 TRP TRP B . n 
B 2 118 ILE 118 118 118 ILE ILE B . n 
B 2 119 ALA 119 119 119 ALA ALA B . n 
B 2 120 ALA 120 120 120 ALA ALA B . n 
B 2 121 VAL 121 121 121 VAL VAL B . n 
B 2 122 ALA 122 122 122 ALA ALA B . n 
B 2 123 ALA 123 123 123 ALA ALA B . n 
B 2 124 SER 124 124 124 SER SER B . n 
B 2 125 ARG 125 125 125 ARG ARG B . n 
B 2 126 ALA 126 126 126 ALA ALA B . n 
B 2 127 LEU 127 127 127 LEU LEU B . n 
B 2 128 PRO 128 128 128 PRO PRO B . n 
B 2 129 VAL 129 129 129 VAL VAL B . n 
B 2 130 ILE 130 130 130 ILE ILE B . n 
B 2 131 THR 131 131 131 THR THR B . n 
B 2 132 GLN 132 132 132 GLN GLN B . n 
B 2 133 ASP 133 133 133 ASP ASP B . n 
B 2 134 ASP 134 134 134 ASP ASP B . n 
B 2 135 ASP 135 135 135 ASP ASP B . n 
B 2 136 PHE 136 136 136 PHE PHE B . n 
B 2 137 ALA 137 137 137 ALA ALA B . n 
B 2 138 ALA 138 138 138 ALA ALA B . n 
B 2 139 LEU 139 139 139 LEU LEU B . n 
B 2 140 ASP 140 140 140 ASP ASP B . n 
B 2 141 GLY 141 141 141 GLY GLY B . n 
B 2 142 ALA 142 142 142 ALA ALA B . n 
B 2 143 ALA 143 143 143 ALA ALA B . n 
B 2 144 SER 144 144 144 SER SER B . n 
B 2 145 VAL 145 145 145 VAL VAL B . n 
B 2 146 GLU 146 146 146 GLU GLU B . n 
B 2 147 ILE 147 147 147 ILE ILE B . n 
B 2 148 ILE 148 148 148 ILE ILE B . n 
B 2 149 ARG 149 149 149 ARG ARG B . n 
B 2 150 VAL 150 150 150 VAL VAL B . n 
# 
loop_
_pdbx_nonpoly_scheme.asym_id 
_pdbx_nonpoly_scheme.entity_id 
_pdbx_nonpoly_scheme.mon_id 
_pdbx_nonpoly_scheme.ndb_seq_num 
_pdbx_nonpoly_scheme.pdb_seq_num 
_pdbx_nonpoly_scheme.auth_seq_num 
_pdbx_nonpoly_scheme.pdb_mon_id 
_pdbx_nonpoly_scheme.auth_mon_id 
_pdbx_nonpoly_scheme.pdb_strand_id 
_pdbx_nonpoly_scheme.pdb_ins_code 
C 3 NA  1  301 1    NA  NA  B . 
D 3 NA  1  302 1    NA  NA  B . 
E 3 NA  1  303 1    NA  NA  B . 
F 3 NA  1  304 1    NA  NA  B . 
G 4 ACT 1  305 1307 ACT ACT B . 
H 5 BME 1  306 1909 BME BME B . 
I 6 HOH 1  94  1    HOH HOH A . 
J 6 HOH 1  307 2    HOH HOH B . 
J 6 HOH 2  308 3    HOH HOH B . 
J 6 HOH 3  309 4    HOH HOH B . 
J 6 HOH 4  310 5    HOH HOH B . 
J 6 HOH 5  311 6    HOH HOH B . 
J 6 HOH 6  312 7    HOH HOH B . 
J 6 HOH 7  313 8    HOH HOH B . 
J 6 HOH 8  314 10   HOH HOH B . 
J 6 HOH 9  315 11   HOH HOH B . 
J 6 HOH 10 316 13   HOH HOH B . 
J 6 HOH 11 317 14   HOH HOH B . 
J 6 HOH 12 318 15   HOH HOH B . 
J 6 HOH 13 319 16   HOH HOH B . 
J 6 HOH 14 320 18   HOH HOH B . 
J 6 HOH 15 321 19   HOH HOH B . 
J 6 HOH 16 322 20   HOH HOH B . 
J 6 HOH 17 323 21   HOH HOH B . 
J 6 HOH 18 324 22   HOH HOH B . 
J 6 HOH 19 325 23   HOH HOH B . 
J 6 HOH 20 326 24   HOH HOH B . 
J 6 HOH 21 327 25   HOH HOH B . 
J 6 HOH 22 328 26   HOH HOH B . 
J 6 HOH 23 329 27   HOH HOH B . 
J 6 HOH 24 330 28   HOH HOH B . 
J 6 HOH 25 331 29   HOH HOH B . 
J 6 HOH 26 332 30   HOH HOH B . 
J 6 HOH 27 333 31   HOH HOH B . 
J 6 HOH 28 334 32   HOH HOH B . 
J 6 HOH 29 335 33   HOH HOH B . 
J 6 HOH 30 336 34   HOH HOH B . 
J 6 HOH 31 337 35   HOH HOH B . 
J 6 HOH 32 338 36   HOH HOH B . 
J 6 HOH 33 339 37   HOH HOH B . 
J 6 HOH 34 340 38   HOH HOH B . 
J 6 HOH 35 341 39   HOH HOH B . 
J 6 HOH 36 342 41   HOH HOH B . 
J 6 HOH 37 343 43   HOH HOH B . 
J 6 HOH 38 344 45   HOH HOH B . 
J 6 HOH 39 345 46   HOH HOH B . 
J 6 HOH 40 346 48   HOH HOH B . 
J 6 HOH 41 347 49   HOH HOH B . 
J 6 HOH 42 348 50   HOH HOH B . 
J 6 HOH 43 349 52   HOH HOH B . 
J 6 HOH 44 350 53   HOH HOH B . 
J 6 HOH 45 351 55   HOH HOH B . 
# 
loop_
_pdbx_unobs_or_zero_occ_atoms.id 
_pdbx_unobs_or_zero_occ_atoms.PDB_model_num 
_pdbx_unobs_or_zero_occ_atoms.polymer_flag 
_pdbx_unobs_or_zero_occ_atoms.occupancy_flag 
_pdbx_unobs_or_zero_occ_atoms.auth_asym_id 
_pdbx_unobs_or_zero_occ_atoms.auth_comp_id 
_pdbx_unobs_or_zero_occ_atoms.auth_seq_id 
_pdbx_unobs_or_zero_occ_atoms.PDB_ins_code 
_pdbx_unobs_or_zero_occ_atoms.auth_atom_id 
_pdbx_unobs_or_zero_occ_atoms.label_alt_id 
_pdbx_unobs_or_zero_occ_atoms.label_asym_id 
_pdbx_unobs_or_zero_occ_atoms.label_comp_id 
_pdbx_unobs_or_zero_occ_atoms.label_seq_id 
_pdbx_unobs_or_zero_occ_atoms.label_atom_id 
1 1 Y 1 A ARG 54 ? CG  ? A ARG 54 CG  
2 1 Y 1 A ARG 54 ? CD  ? A ARG 54 CD  
3 1 Y 1 A ARG 54 ? NE  ? A ARG 54 NE  
4 1 Y 1 A ARG 54 ? CZ  ? A ARG 54 CZ  
5 1 Y 1 A ARG 54 ? NH1 ? A ARG 54 NH1 
6 1 Y 1 A ARG 54 ? NH2 ? A ARG 54 NH2 
# 
loop_
_software.name 
_software.classification 
_software.version 
_software.citation_id 
_software.pdbx_ordinal 
REFMAC    refinement        5.4.0061 ? 1 
HKL-2000  'data collection' .        ? 2 
DENZO     'data reduction'  .        ? 3 
SCALEPACK 'data scaling'    .        ? 4 
SHELXD    phasing           .        ? 5 
# 
_cell.entry_id           3DBO 
_cell.length_a           64.830 
_cell.length_b           64.830 
_cell.length_c           164.650 
_cell.angle_alpha        90.00 
_cell.angle_beta         90.00 
_cell.angle_gamma        120.00 
_cell.Z_PDB              12 
_cell.pdbx_unique_axis   ? 
_cell.length_a_esd       ? 
_cell.length_b_esd       ? 
_cell.length_c_esd       ? 
_cell.angle_alpha_esd    ? 
_cell.angle_beta_esd     ? 
_cell.angle_gamma_esd    ? 
# 
_symmetry.entry_id                         3DBO 
_symmetry.space_group_name_H-M             'P 65 2 2' 
_symmetry.pdbx_full_space_group_name_H-M   ? 
_symmetry.cell_setting                     ? 
_symmetry.Int_Tables_number                179 
_symmetry.space_group_name_Hall            ? 
# 
_exptl.entry_id          3DBO 
_exptl.method            'X-RAY DIFFRACTION' 
_exptl.crystals_number   2 
# 
_exptl_crystal.id                    1 
_exptl_crystal.density_meas          ? 
_exptl_crystal.density_Matthews      1.89 
_exptl_crystal.density_percent_sol   34.93 
_exptl_crystal.description           ? 
_exptl_crystal.F_000                 ? 
_exptl_crystal.preparation           ? 
# 
_exptl_crystal_grow.crystal_id      1 
_exptl_crystal_grow.method          'VAPOR DIFFUSION, HANGING DROP' 
_exptl_crystal_grow.temp            293.15 
_exptl_crystal_grow.temp_details    ? 
_exptl_crystal_grow.pH              7.0 
_exptl_crystal_grow.pdbx_details    
'30% MPD, 0.1 M Na acetate pH 4.6, 0.2 M NaCl, pH 7.0, VAPOR DIFFUSION, HANGING DROP, temperature 293.15K' 
_exptl_crystal_grow.pdbx_pH_range   . 
# 
loop_
_diffrn.id 
_diffrn.ambient_temp 
_diffrn.ambient_temp_details 
_diffrn.crystal_id 
1   77 ? 1 
2   ?  ? 1 
1,2 ?  ? 1 
# 
loop_
_diffrn_detector.diffrn_id 
_diffrn_detector.detector 
_diffrn_detector.type 
_diffrn_detector.pdbx_collection_date 
_diffrn_detector.details 
1 CCD 'ADSC QUANTUM 315' 2007-12-21 ? 
2 CCD 'ADSC QUANTUM 315' 2007-12-21 ? 
# 
loop_
_diffrn_radiation.diffrn_id 
_diffrn_radiation.wavelength_id 
_diffrn_radiation.pdbx_monochromatic_or_laue_m_l 
_diffrn_radiation.monochromator 
_diffrn_radiation.pdbx_diffrn_protocol 
_diffrn_radiation.pdbx_scattering_type 
1 1 M 'Si(111) Double crystal' 'SINGLE WAVELENGTH' x-ray 
2 1 M ?                        'SINGLE WAVELENGTH' x-ray 
# 
loop_
_diffrn_radiation_wavelength.id 
_diffrn_radiation_wavelength.wavelength 
_diffrn_radiation_wavelength.wt 
1 0.9795 1.0 
2 1.5418 1.0 
# 
loop_
_diffrn_source.diffrn_id 
_diffrn_source.source 
_diffrn_source.type 
_diffrn_source.pdbx_synchrotron_site 
_diffrn_source.pdbx_synchrotron_beamline 
_diffrn_source.pdbx_wavelength 
_diffrn_source.pdbx_wavelength_list 
1 SYNCHROTRON 'ALS BEAMLINE 8.2.2'   ALS 8.2.2   ? 0.9795 
2 SYNCHROTRON 'APS BEAMLINE 24-ID-C' APS 24-ID-C ? 1.5418 
# 
_reflns.entry_id                     3DBO 
_reflns.observed_criterion_sigma_F   ? 
_reflns.observed_criterion_sigma_I   ? 
_reflns.d_resolution_high            1.76 
_reflns.d_resolution_low             56.17 
_reflns.number_all                   ? 
_reflns.number_obs                   19839 
_reflns.percent_possible_obs         ? 
_reflns.pdbx_Rmerge_I_obs            0.058 
_reflns.pdbx_Rsym_value              ? 
_reflns.pdbx_netI_over_sigmaI        11.8 
_reflns.B_iso_Wilson_estimate        ? 
_reflns.pdbx_redundancy              9.1 
_reflns.R_free_details               ? 
_reflns.limit_h_max                  ? 
_reflns.limit_h_min                  ? 
_reflns.limit_k_max                  ? 
_reflns.limit_k_min                  ? 
_reflns.limit_l_max                  ? 
_reflns.limit_l_min                  ? 
_reflns.observed_criterion_F_max     ? 
_reflns.observed_criterion_F_min     ? 
_reflns.pdbx_chi_squared             ? 
_reflns.pdbx_scaling_rejects         ? 
_reflns.pdbx_ordinal                 1 
_reflns.pdbx_diffrn_id               1,2 
# 
_reflns_shell.d_res_high             1.76 
_reflns_shell.d_res_low              1.86 
_reflns_shell.percent_possible_all   ? 
_reflns_shell.Rmerge_I_obs           0.409 
_reflns_shell.pdbx_Rsym_value        ? 
_reflns_shell.meanI_over_sigI_obs    2.49 
_reflns_shell.pdbx_redundancy        2.9 
_reflns_shell.percent_possible_obs   ? 
_reflns_shell.number_unique_all      957 
_reflns_shell.number_measured_all    ? 
_reflns_shell.number_measured_obs    ? 
_reflns_shell.number_unique_obs      ? 
_reflns_shell.pdbx_chi_squared       ? 
_reflns_shell.pdbx_ordinal           1 
_reflns_shell.pdbx_diffrn_id         1,2 
# 
_refine.entry_id                                 3DBO 
_refine.ls_number_reflns_obs                     16830 
_refine.ls_number_reflns_all                     ? 
_refine.pdbx_ls_sigma_I                          ? 
_refine.pdbx_ls_sigma_F                          ? 
_refine.pdbx_data_cutoff_high_absF               ? 
_refine.pdbx_data_cutoff_low_absF                ? 
_refine.pdbx_data_cutoff_high_rms_absF           ? 
_refine.ls_d_res_low                             56.17 
_refine.ls_d_res_high                            1.76 
_refine.ls_percent_reflns_obs                    84.53 
_refine.ls_R_factor_obs                          0.21448 
_refine.ls_R_factor_all                          ? 
_refine.ls_R_factor_R_work                       0.21276 
_refine.ls_R_factor_R_free                       0.24709 
_refine.ls_R_factor_R_free_error                 ? 
_refine.ls_R_factor_R_free_error_details         ? 
_refine.ls_percent_reflns_R_free                 5.2 
_refine.ls_number_reflns_R_free                  915 
_refine.ls_number_parameters                     ? 
_refine.ls_number_restraints                     ? 
_refine.occupancy_min                            ? 
_refine.occupancy_max                            ? 
_refine.correlation_coeff_Fo_to_Fc               0.929 
_refine.correlation_coeff_Fo_to_Fc_free          0.905 
_refine.B_iso_mean                               21.009 
_refine.aniso_B[1][1]                            0.17 
_refine.aniso_B[2][2]                            0.17 
_refine.aniso_B[3][3]                            -0.25 
_refine.aniso_B[1][2]                            0.08 
_refine.aniso_B[1][3]                            0.00 
_refine.aniso_B[2][3]                            0.00 
_refine.solvent_model_details                    MASK 
_refine.solvent_model_param_ksol                 ? 
_refine.solvent_model_param_bsol                 ? 
_refine.pdbx_solvent_vdw_probe_radii             1.40 
_refine.pdbx_solvent_ion_probe_radii             0.80 
_refine.pdbx_solvent_shrinkage_radii             0.80 
_refine.pdbx_ls_cross_valid_method               THROUGHOUT 
_refine.details                                  ? 
_refine.pdbx_starting_model                      ? 
_refine.pdbx_method_to_determine_struct          SAD 
_refine.pdbx_isotropic_thermal_model             ? 
_refine.pdbx_stereochemistry_target_values       'MAXIMUM LIKELIHOOD' 
_refine.pdbx_stereochem_target_val_spec_case     ? 
_refine.pdbx_R_Free_selection_details            RANDOM 
_refine.pdbx_overall_ESU_R                       0.138 
_refine.pdbx_overall_ESU_R_Free                  0.132 
_refine.overall_SU_ML                            0.074 
_refine.overall_SU_B                             2.241 
_refine.ls_redundancy_reflns_obs                 ? 
_refine.B_iso_min                                ? 
_refine.B_iso_max                                ? 
_refine.overall_SU_R_Cruickshank_DPI             ? 
_refine.overall_SU_R_free                        ? 
_refine.ls_wR_factor_R_free                      ? 
_refine.ls_wR_factor_R_work                      ? 
_refine.overall_FOM_free_R_set                   ? 
_refine.overall_FOM_work_R_set                   ? 
_refine.pdbx_overall_phase_error                 ? 
_refine.pdbx_refine_id                           'X-RAY DIFFRACTION' 
_refine.pdbx_diffrn_id                           1 
_refine.pdbx_TLS_residual_ADP_flag               ? 
_refine.pdbx_overall_SU_R_free_Cruickshank_DPI   ? 
_refine.pdbx_overall_SU_R_Blow_DPI               ? 
_refine.pdbx_overall_SU_R_free_Blow_DPI          ? 
# 
_refine_hist.pdbx_refine_id                   'X-RAY DIFFRACTION' 
_refine_hist.cycle_id                         LAST 
_refine_hist.pdbx_number_atoms_protein        1206 
_refine_hist.pdbx_number_atoms_nucleic_acid   0 
_refine_hist.pdbx_number_atoms_ligand         12 
_refine_hist.number_atoms_solvent             46 
_refine_hist.number_atoms_total               1264 
_refine_hist.d_res_high                       1.76 
_refine_hist.d_res_low                        56.17 
# 
loop_
_refine_ls_restr.type 
_refine_ls_restr.dev_ideal 
_refine_ls_restr.dev_ideal_target 
_refine_ls_restr.weight 
_refine_ls_restr.number 
_refine_ls_restr.pdbx_refine_id 
_refine_ls_restr.pdbx_restraint_function 
r_bond_refined_d             0.012  0.022  ? 1293 'X-RAY DIFFRACTION' ? 
r_bond_other_d               ?      ?      ? ?    'X-RAY DIFFRACTION' ? 
r_angle_refined_deg          1.282  1.968  ? 1765 'X-RAY DIFFRACTION' ? 
r_angle_other_deg            ?      ?      ? ?    'X-RAY DIFFRACTION' ? 
r_dihedral_angle_1_deg       4.969  5.000  ? 161  'X-RAY DIFFRACTION' ? 
r_dihedral_angle_2_deg       27.500 22.105 ? 57   'X-RAY DIFFRACTION' ? 
r_dihedral_angle_3_deg       14.965 15.000 ? 222  'X-RAY DIFFRACTION' ? 
r_dihedral_angle_4_deg       15.088 15.000 ? 19   'X-RAY DIFFRACTION' ? 
r_chiral_restr               0.095  0.200  ? 229  'X-RAY DIFFRACTION' ? 
r_gen_planes_refined         0.005  0.021  ? 948  'X-RAY DIFFRACTION' ? 
r_gen_planes_other           ?      ?      ? ?    'X-RAY DIFFRACTION' ? 
r_nbd_refined                ?      ?      ? ?    'X-RAY DIFFRACTION' ? 
r_nbd_other                  ?      ?      ? ?    'X-RAY DIFFRACTION' ? 
r_nbtor_refined              ?      ?      ? ?    'X-RAY DIFFRACTION' ? 
r_nbtor_other                ?      ?      ? ?    'X-RAY DIFFRACTION' ? 
r_xyhbond_nbd_refined        ?      ?      ? ?    'X-RAY DIFFRACTION' ? 
r_xyhbond_nbd_other          ?      ?      ? ?    'X-RAY DIFFRACTION' ? 
r_metal_ion_refined          ?      ?      ? ?    'X-RAY DIFFRACTION' ? 
r_metal_ion_other            ?      ?      ? ?    'X-RAY DIFFRACTION' ? 
r_symmetry_vdw_refined       ?      ?      ? ?    'X-RAY DIFFRACTION' ? 
r_symmetry_vdw_other         ?      ?      ? ?    'X-RAY DIFFRACTION' ? 
r_symmetry_hbond_refined     ?      ?      ? ?    'X-RAY DIFFRACTION' ? 
r_symmetry_hbond_other       ?      ?      ? ?    'X-RAY DIFFRACTION' ? 
r_symmetry_metal_ion_refined ?      ?      ? ?    'X-RAY DIFFRACTION' ? 
r_symmetry_metal_ion_other   ?      ?      ? ?    'X-RAY DIFFRACTION' ? 
r_mcbond_it                  0.801  1.500  ? 823  'X-RAY DIFFRACTION' ? 
r_mcbond_other               ?      ?      ? ?    'X-RAY DIFFRACTION' ? 
r_mcangle_it                 1.399  2.000  ? 1338 'X-RAY DIFFRACTION' ? 
r_scbond_it                  1.995  3.000  ? 470  'X-RAY DIFFRACTION' ? 
r_scangle_it                 3.186  4.500  ? 427  'X-RAY DIFFRACTION' ? 
r_rigid_bond_restr           ?      ?      ? ?    'X-RAY DIFFRACTION' ? 
r_sphericity_free            ?      ?      ? ?    'X-RAY DIFFRACTION' ? 
r_sphericity_bonded          ?      ?      ? ?    'X-RAY DIFFRACTION' ? 
# 
_refine_ls_shell.pdbx_total_number_of_bins_used   20 
_refine_ls_shell.d_res_high                       1.76 
_refine_ls_shell.d_res_low                        1.81 
_refine_ls_shell.number_reflns_R_work             324 
_refine_ls_shell.R_factor_R_work                  0.257 
_refine_ls_shell.percent_reflns_obs               21.94 
_refine_ls_shell.R_factor_R_free                  0.158 
_refine_ls_shell.R_factor_R_free_error            ? 
_refine_ls_shell.percent_reflns_R_free            ? 
_refine_ls_shell.number_reflns_R_free             9 
_refine_ls_shell.number_reflns_all                ? 
_refine_ls_shell.R_factor_all                     ? 
_refine_ls_shell.number_reflns_obs                ? 
_refine_ls_shell.redundancy_reflns_obs            ? 
_refine_ls_shell.pdbx_refine_id                   'X-RAY DIFFRACTION' 
# 
_struct.entry_id                  3DBO 
_struct.title                     
'Crystal structure of a member of the VapBC family of toxin-antitoxin systems, VapBC-5, from Mycobacterium tuberculosis' 
_struct.pdbx_model_details        ? 
_struct.pdbx_CASP_flag            ? 
_struct.pdbx_model_type_details   ? 
# 
_struct_keywords.entry_id        3DBO 
_struct_keywords.pdbx_keywords   TOXIN/ANTITOXIN 
_struct_keywords.text            
;toxin antitoxin complex, VapBC, Mycobacterium tuberculosis, Structural Genomics, PSI-2, Protein Structure Initiative, Integrated Center for Structure and Function Innovation, ISFI, TB Structural Genomics Consortium, TBSGC, TOXIN-ANTITOXIN COMPLEX
;
# 
loop_
_struct_asym.id 
_struct_asym.pdbx_blank_PDB_chainid_flag 
_struct_asym.pdbx_modified 
_struct_asym.entity_id 
_struct_asym.details 
A N N 1 ? 
B N N 2 ? 
C N N 3 ? 
D N N 3 ? 
E N N 3 ? 
F N N 3 ? 
G N N 4 ? 
H N N 5 ? 
I N N 6 ? 
J N N 6 ? 
# 
loop_
_struct_ref.id 
_struct_ref.db_name 
_struct_ref.db_code 
_struct_ref.pdbx_db_accession 
_struct_ref.entity_id 
_struct_ref.pdbx_seq_one_letter_code 
_struct_ref.pdbx_align_begin 
_struct_ref.pdbx_db_isoform 
1 UNP P96916_MYCTU P96916 1 
;MSEVASRELRNDTAGVLRRVRAGEDVTITVSGRPVAVLTPVRPRRRRWLSKTEFLSRLRGAQADPGLRNDLAVLAGDTTE
DLGPIR
;
1 ? 
2 UNP P96917_MYCTU P96917 2 
;STTPAAGVLDTSVFIATESGRQLDEALIPDRVATTVVTLAELRVGVLAAATTDIRAQRLATLESVADMETLPVDDDAARM
WARLRIHLAESGRRVRINDLWIAAVAASRALPVITQDDDFAALDGAASVEIIRV
;
2 ? 
# 
loop_
_struct_ref_seq.align_id 
_struct_ref_seq.ref_id 
_struct_ref_seq.pdbx_PDB_id_code 
_struct_ref_seq.pdbx_strand_id 
_struct_ref_seq.seq_align_beg 
_struct_ref_seq.pdbx_seq_align_beg_ins_code 
_struct_ref_seq.seq_align_end 
_struct_ref_seq.pdbx_seq_align_end_ins_code 
_struct_ref_seq.pdbx_db_accession 
_struct_ref_seq.db_align_beg 
_struct_ref_seq.pdbx_db_align_beg_ins_code 
_struct_ref_seq.db_align_end 
_struct_ref_seq.pdbx_db_align_end_ins_code 
_struct_ref_seq.pdbx_auth_seq_align_beg 
_struct_ref_seq.pdbx_auth_seq_align_end 
1 1 3DBO A 8  ? 93  ? P96916 1 ? 86  ? 8  93  
2 2 3DBO B 17 ? 150 ? P96917 2 ? 135 ? 17 150 
# 
loop_
_struct_ref_seq_dif.align_id 
_struct_ref_seq_dif.pdbx_pdb_id_code 
_struct_ref_seq_dif.mon_id 
_struct_ref_seq_dif.pdbx_pdb_strand_id 
_struct_ref_seq_dif.seq_num 
_struct_ref_seq_dif.pdbx_pdb_ins_code 
_struct_ref_seq_dif.pdbx_seq_db_name 
_struct_ref_seq_dif.pdbx_seq_db_accession_code 
_struct_ref_seq_dif.db_mon_id 
_struct_ref_seq_dif.pdbx_seq_db_seq_num 
_struct_ref_seq_dif.details 
_struct_ref_seq_dif.pdbx_auth_seq_num 
_struct_ref_seq_dif.pdbx_ordinal 
1 3DBO MET A 1  ? UNP P96916 ? ? 'expression tag' 1  1  
1 3DBO GLN A 2  ? UNP P96916 ? ? 'expression tag' 2  2  
1 3DBO ALA A 3  ? UNP P96916 ? ? 'expression tag' 3  3  
1 3DBO GLY A 4  ? UNP P96916 ? ? 'expression tag' 4  4  
1 3DBO PRO A 5  ? UNP P96916 ? ? 'expression tag' 5  5  
1 3DBO ALA A 6  ? UNP P96916 ? ? 'expression tag' 6  6  
1 3DBO LEU A 7  ? UNP P96916 ? ? 'expression tag' 7  7  
2 3DBO MET B 1  ? UNP P96917 ? ? 'expression tag' 1  8  
2 3DBO ALA B 2  ? UNP P96917 ? ? 'expression tag' 2  9  
2 3DBO HIS B 3  ? UNP P96917 ? ? 'expression tag' 3  10 
2 3DBO HIS B 4  ? UNP P96917 ? ? 'expression tag' 4  11 
2 3DBO HIS B 5  ? UNP P96917 ? ? 'expression tag' 5  12 
2 3DBO HIS B 6  ? UNP P96917 ? ? 'expression tag' 6  13 
2 3DBO HIS B 7  ? UNP P96917 ? ? 'expression tag' 7  14 
2 3DBO HIS B 8  ? UNP P96917 ? ? 'expression tag' 8  15 
2 3DBO VAL B 9  ? UNP P96917 ? ? 'expression tag' 9  16 
2 3DBO ASP B 10 ? UNP P96917 ? ? 'expression tag' 10 17 
2 3DBO ASP B 11 ? UNP P96917 ? ? 'expression tag' 11 18 
2 3DBO ASP B 12 ? UNP P96917 ? ? 'expression tag' 12 19 
2 3DBO ASP B 13 ? UNP P96917 ? ? 'expression tag' 13 20 
2 3DBO LYS B 14 ? UNP P96917 ? ? 'expression tag' 14 21 
2 3DBO MET B 15 ? UNP P96917 ? ? 'expression tag' 15 22 
2 3DBO VAL B 16 ? UNP P96917 ? ? 'expression tag' 16 23 
# 
_pdbx_struct_assembly.id                   1 
_pdbx_struct_assembly.details              author_and_software_defined_assembly 
_pdbx_struct_assembly.method_details       PISA 
_pdbx_struct_assembly.oligomeric_details   dimeric 
_pdbx_struct_assembly.oligomeric_count     2 
# 
loop_
_pdbx_struct_assembly_prop.biol_id 
_pdbx_struct_assembly_prop.type 
_pdbx_struct_assembly_prop.value 
_pdbx_struct_assembly_prop.details 
1 'ABSA (A^2)' 3370  ? 
1 MORE         -12.0 ? 
1 'SSA (A^2)'  7590  ? 
# 
_pdbx_struct_assembly_gen.assembly_id       1 
_pdbx_struct_assembly_gen.oper_expression   1 
_pdbx_struct_assembly_gen.asym_id_list      A,B,C,D,E,F,G,H,I,J 
# 
_pdbx_struct_oper_list.id                   1 
_pdbx_struct_oper_list.type                 'identity operation' 
_pdbx_struct_oper_list.name                 1_555 
_pdbx_struct_oper_list.symmetry_operation   x,y,z 
_pdbx_struct_oper_list.matrix[1][1]         1.0000000000 
_pdbx_struct_oper_list.matrix[1][2]         0.0000000000 
_pdbx_struct_oper_list.matrix[1][3]         0.0000000000 
_pdbx_struct_oper_list.vector[1]            0.0000000000 
_pdbx_struct_oper_list.matrix[2][1]         0.0000000000 
_pdbx_struct_oper_list.matrix[2][2]         1.0000000000 
_pdbx_struct_oper_list.matrix[2][3]         0.0000000000 
_pdbx_struct_oper_list.vector[2]            0.0000000000 
_pdbx_struct_oper_list.matrix[3][1]         0.0000000000 
_pdbx_struct_oper_list.matrix[3][2]         0.0000000000 
_pdbx_struct_oper_list.matrix[3][3]         1.0000000000 
_pdbx_struct_oper_list.vector[3]            0.0000000000 
# 
_struct_biol.id        1 
_struct_biol.details   ? 
# 
loop_
_struct_conf.conf_type_id 
_struct_conf.id 
_struct_conf.pdbx_PDB_helix_id 
_struct_conf.beg_label_comp_id 
_struct_conf.beg_label_asym_id 
_struct_conf.beg_label_seq_id 
_struct_conf.pdbx_beg_PDB_ins_code 
_struct_conf.end_label_comp_id 
_struct_conf.end_label_asym_id 
_struct_conf.end_label_seq_id 
_struct_conf.pdbx_end_PDB_ins_code 
_struct_conf.beg_auth_comp_id 
_struct_conf.beg_auth_asym_id 
_struct_conf.beg_auth_seq_id 
_struct_conf.end_auth_comp_id 
_struct_conf.end_auth_asym_id 
_struct_conf.end_auth_seq_id 
_struct_conf.pdbx_PDB_helix_class 
_struct_conf.details 
_struct_conf.pdbx_PDB_helix_length 
HELX_P HELX_P1 1 LYS A 58  ? ARG A 66  ? LYS A 58  ARG A 66  1 ? 9  
HELX_P HELX_P2 2 GLY A 73  ? GLY A 83  ? GLY A 73  GLY A 83  1 ? 11 
HELX_P HELX_P3 3 THR B 27  ? ILE B 31  ? THR B 27  ILE B 31  5 ? 5  
HELX_P HELX_P4 4 ASP B 40  ? ILE B 44  ? ASP B 40  ILE B 44  5 ? 5  
HELX_P HELX_P5 5 VAL B 52  ? ALA B 65  ? VAL B 52  ALA B 65  1 ? 14 
HELX_P HELX_P6 6 THR B 67  ? SER B 80  ? THR B 67  SER B 80  1 ? 14 
HELX_P HELX_P7 7 ASP B 90  ? GLY B 108 ? ASP B 90  GLY B 108 1 ? 19 
HELX_P HELX_P8 8 ARG B 112 ? ARG B 125 ? ARG B 112 ARG B 125 1 ? 14 
HELX_P HELX_P9 9 ASP B 135 ? ASP B 140 ? ASP B 135 ASP B 140 5 ? 6  
# 
_struct_conf_type.id          HELX_P 
_struct_conf_type.criteria    ? 
_struct_conf_type.reference   ? 
# 
loop_
_struct_conn.id 
_struct_conn.conn_type_id 
_struct_conn.pdbx_leaving_atom_flag 
_struct_conn.pdbx_PDB_id 
_struct_conn.ptnr1_label_asym_id 
_struct_conn.ptnr1_label_comp_id 
_struct_conn.ptnr1_label_seq_id 
_struct_conn.ptnr1_label_atom_id 
_struct_conn.pdbx_ptnr1_label_alt_id 
_struct_conn.pdbx_ptnr1_PDB_ins_code 
_struct_conn.pdbx_ptnr1_standard_comp_id 
_struct_conn.ptnr1_symmetry 
_struct_conn.ptnr2_label_asym_id 
_struct_conn.ptnr2_label_comp_id 
_struct_conn.ptnr2_label_seq_id 
_struct_conn.ptnr2_label_atom_id 
_struct_conn.pdbx_ptnr2_label_alt_id 
_struct_conn.pdbx_ptnr2_PDB_ins_code 
_struct_conn.ptnr1_auth_asym_id 
_struct_conn.ptnr1_auth_comp_id 
_struct_conn.ptnr1_auth_seq_id 
_struct_conn.ptnr2_auth_asym_id 
_struct_conn.ptnr2_auth_comp_id 
_struct_conn.ptnr2_auth_seq_id 
_struct_conn.ptnr2_symmetry 
_struct_conn.pdbx_ptnr3_label_atom_id 
_struct_conn.pdbx_ptnr3_label_seq_id 
_struct_conn.pdbx_ptnr3_label_comp_id 
_struct_conn.pdbx_ptnr3_label_asym_id 
_struct_conn.pdbx_ptnr3_label_alt_id 
_struct_conn.pdbx_ptnr3_PDB_ins_code 
_struct_conn.details 
_struct_conn.pdbx_dist_value 
_struct_conn.pdbx_value_order 
_struct_conn.pdbx_role 
metalc1  metalc ? ? B LEU 25  O   ? ? ? 1_555 C NA  . NA ? ? B LEU 25  B NA  301 1_555 ? ? ? ? ? ? ? 2.863 ? ? 
metalc2  metalc ? ? B THR 51  OG1 ? ? ? 1_555 C NA  . NA ? ? B THR 51  B NA  301 1_555 ? ? ? ? ? ? ? 2.687 ? ? 
metalc3  metalc ? ? B THR 54  OG1 ? ? ? 1_555 C NA  . NA ? ? B THR 54  B NA  301 1_555 ? ? ? ? ? ? ? 2.597 ? ? 
metalc4  metalc ? ? B VAL 62  O   ? ? ? 1_555 F NA  . NA ? ? B VAL 62  B NA  304 1_555 ? ? ? ? ? ? ? 2.789 ? ? 
metalc5  metalc ? ? B ALA 65  O   ? ? ? 1_555 F NA  . NA ? ? B ALA 65  B NA  304 1_555 ? ? ? ? ? ? ? 2.733 ? ? 
metalc6  metalc ? ? B ARG 71  NE  ? ? ? 1_555 F NA  . NA ? ? B ARG 71  B NA  304 1_555 ? ? ? ? ? ? ? 2.808 ? ? 
metalc7  metalc ? ? B LEU 127 O   ? ? ? 1_555 D NA  . NA ? ? B LEU 127 B NA  302 1_555 ? ? ? ? ? ? ? 2.672 ? ? 
metalc8  metalc ? ? B SER 144 O   ? ? ? 1_555 D NA  . NA ? ? B SER 144 B NA  302 1_555 ? ? ? ? ? ? ? 2.850 ? ? 
metalc9  metalc ? ? B GLU 146 N   ? ? ? 1_555 D NA  . NA ? ? B GLU 146 B NA  302 1_555 ? ? ? ? ? ? ? 2.930 ? ? 
metalc10 metalc ? ? D NA  .   NA  ? ? ? 1_555 J HOH . O  ? ? B NA  302 B HOH 328 1_555 ? ? ? ? ? ? ? 2.736 ? ? 
metalc11 metalc ? ? E NA  .   NA  ? ? ? 1_555 G ACT . O  ? ? B NA  303 B ACT 305 1_555 ? ? ? ? ? ? ? 2.843 ? ? 
# 
_struct_conn_type.id          metalc 
_struct_conn_type.criteria    ? 
_struct_conn_type.reference   ? 
# 
loop_
_pdbx_struct_conn_angle.id 
_pdbx_struct_conn_angle.ptnr1_label_atom_id 
_pdbx_struct_conn_angle.ptnr1_label_alt_id 
_pdbx_struct_conn_angle.ptnr1_label_asym_id 
_pdbx_struct_conn_angle.ptnr1_label_comp_id 
_pdbx_struct_conn_angle.ptnr1_label_seq_id 
_pdbx_struct_conn_angle.ptnr1_auth_atom_id 
_pdbx_struct_conn_angle.ptnr1_auth_asym_id 
_pdbx_struct_conn_angle.ptnr1_auth_comp_id 
_pdbx_struct_conn_angle.ptnr1_auth_seq_id 
_pdbx_struct_conn_angle.ptnr1_PDB_ins_code 
_pdbx_struct_conn_angle.ptnr1_symmetry 
_pdbx_struct_conn_angle.ptnr2_label_atom_id 
_pdbx_struct_conn_angle.ptnr2_label_alt_id 
_pdbx_struct_conn_angle.ptnr2_label_asym_id 
_pdbx_struct_conn_angle.ptnr2_label_comp_id 
_pdbx_struct_conn_angle.ptnr2_label_seq_id 
_pdbx_struct_conn_angle.ptnr2_auth_atom_id 
_pdbx_struct_conn_angle.ptnr2_auth_asym_id 
_pdbx_struct_conn_angle.ptnr2_auth_comp_id 
_pdbx_struct_conn_angle.ptnr2_auth_seq_id 
_pdbx_struct_conn_angle.ptnr2_PDB_ins_code 
_pdbx_struct_conn_angle.ptnr2_symmetry 
_pdbx_struct_conn_angle.ptnr3_label_atom_id 
_pdbx_struct_conn_angle.ptnr3_label_alt_id 
_pdbx_struct_conn_angle.ptnr3_label_asym_id 
_pdbx_struct_conn_angle.ptnr3_label_comp_id 
_pdbx_struct_conn_angle.ptnr3_label_seq_id 
_pdbx_struct_conn_angle.ptnr3_auth_atom_id 
_pdbx_struct_conn_angle.ptnr3_auth_asym_id 
_pdbx_struct_conn_angle.ptnr3_auth_comp_id 
_pdbx_struct_conn_angle.ptnr3_auth_seq_id 
_pdbx_struct_conn_angle.ptnr3_PDB_ins_code 
_pdbx_struct_conn_angle.ptnr3_symmetry 
_pdbx_struct_conn_angle.value 
_pdbx_struct_conn_angle.value_esd 
1  O   ? B LEU 25  ? B LEU 25  ? 1_555 NA ? C NA . ? B NA 301 ? 1_555 OG1 ? B THR 51  ? B THR 51  ? 1_555 144.2 ? 
2  O   ? B LEU 25  ? B LEU 25  ? 1_555 NA ? C NA . ? B NA 301 ? 1_555 OG1 ? B THR 54  ? B THR 54  ? 1_555 94.1  ? 
3  OG1 ? B THR 51  ? B THR 51  ? 1_555 NA ? C NA . ? B NA 301 ? 1_555 OG1 ? B THR 54  ? B THR 54  ? 1_555 110.9 ? 
4  O   ? B VAL 62  ? B VAL 62  ? 1_555 NA ? F NA . ? B NA 304 ? 1_555 O   ? B ALA 65  ? B ALA 65  ? 1_555 118.3 ? 
5  O   ? B VAL 62  ? B VAL 62  ? 1_555 NA ? F NA . ? B NA 304 ? 1_555 NE  ? B ARG 71  ? B ARG 71  ? 1_555 105.6 ? 
6  O   ? B ALA 65  ? B ALA 65  ? 1_555 NA ? F NA . ? B NA 304 ? 1_555 NE  ? B ARG 71  ? B ARG 71  ? 1_555 93.0  ? 
7  O   ? B LEU 127 ? B LEU 127 ? 1_555 NA ? D NA . ? B NA 302 ? 1_555 O   ? B SER 144 ? B SER 144 ? 1_555 111.1 ? 
8  O   ? B LEU 127 ? B LEU 127 ? 1_555 NA ? D NA . ? B NA 302 ? 1_555 N   ? B GLU 146 ? B GLU 146 ? 1_555 129.3 ? 
9  O   ? B SER 144 ? B SER 144 ? 1_555 NA ? D NA . ? B NA 302 ? 1_555 N   ? B GLU 146 ? B GLU 146 ? 1_555 80.0  ? 
10 O   ? B LEU 127 ? B LEU 127 ? 1_555 NA ? D NA . ? B NA 302 ? 1_555 O   ? J HOH .   ? B HOH 328 ? 1_555 119.1 ? 
11 O   ? B SER 144 ? B SER 144 ? 1_555 NA ? D NA . ? B NA 302 ? 1_555 O   ? J HOH .   ? B HOH 328 ? 1_555 106.8 ? 
12 N   ? B GLU 146 ? B GLU 146 ? 1_555 NA ? D NA . ? B NA 302 ? 1_555 O   ? J HOH .   ? B HOH 328 ? 1_555 102.5 ? 
# 
loop_
_struct_sheet.id 
_struct_sheet.type 
_struct_sheet.number_strands 
_struct_sheet.details 
A ? 3 ? 
B ? 5 ? 
# 
loop_
_struct_sheet_order.sheet_id 
_struct_sheet_order.range_id_1 
_struct_sheet_order.range_id_2 
_struct_sheet_order.offset 
_struct_sheet_order.sense 
A 1 2 ? anti-parallel 
A 2 3 ? parallel      
B 1 2 ? anti-parallel 
B 2 3 ? parallel      
B 3 4 ? parallel      
B 4 5 ? parallel      
# 
loop_
_struct_sheet_range.sheet_id 
_struct_sheet_range.id 
_struct_sheet_range.beg_label_comp_id 
_struct_sheet_range.beg_label_asym_id 
_struct_sheet_range.beg_label_seq_id 
_struct_sheet_range.pdbx_beg_PDB_ins_code 
_struct_sheet_range.end_label_comp_id 
_struct_sheet_range.end_label_asym_id 
_struct_sheet_range.end_label_seq_id 
_struct_sheet_range.pdbx_end_PDB_ins_code 
_struct_sheet_range.beg_auth_comp_id 
_struct_sheet_range.beg_auth_asym_id 
_struct_sheet_range.beg_auth_seq_id 
_struct_sheet_range.end_auth_comp_id 
_struct_sheet_range.end_auth_asym_id 
_struct_sheet_range.end_auth_seq_id 
A 1 LEU A 56  ? SER A 57  ? LEU A 56  SER A 57  
A 2 ARG B 47  ? THR B 51  ? ARG B 47  THR B 51  
A 3 THR B 86  ? LEU B 87  ? THR B 86  LEU B 87  
B 1 LEU A 56  ? SER A 57  ? LEU A 56  SER A 57  
B 2 ARG B 47  ? THR B 51  ? ARG B 47  THR B 51  
B 3 ALA B 22  ? LEU B 25  ? ALA B 22  LEU B 25  
B 4 VAL B 129 ? THR B 131 ? VAL B 129 THR B 131 
B 5 ILE B 147 ? ARG B 149 ? ILE B 147 ARG B 149 
# 
loop_
_pdbx_struct_sheet_hbond.sheet_id 
_pdbx_struct_sheet_hbond.range_id_1 
_pdbx_struct_sheet_hbond.range_id_2 
_pdbx_struct_sheet_hbond.range_1_label_atom_id 
_pdbx_struct_sheet_hbond.range_1_label_comp_id 
_pdbx_struct_sheet_hbond.range_1_label_asym_id 
_pdbx_struct_sheet_hbond.range_1_label_seq_id 
_pdbx_struct_sheet_hbond.range_1_PDB_ins_code 
_pdbx_struct_sheet_hbond.range_1_auth_atom_id 
_pdbx_struct_sheet_hbond.range_1_auth_comp_id 
_pdbx_struct_sheet_hbond.range_1_auth_asym_id 
_pdbx_struct_sheet_hbond.range_1_auth_seq_id 
_pdbx_struct_sheet_hbond.range_2_label_atom_id 
_pdbx_struct_sheet_hbond.range_2_label_comp_id 
_pdbx_struct_sheet_hbond.range_2_label_asym_id 
_pdbx_struct_sheet_hbond.range_2_label_seq_id 
_pdbx_struct_sheet_hbond.range_2_PDB_ins_code 
_pdbx_struct_sheet_hbond.range_2_auth_atom_id 
_pdbx_struct_sheet_hbond.range_2_auth_comp_id 
_pdbx_struct_sheet_hbond.range_2_auth_asym_id 
_pdbx_struct_sheet_hbond.range_2_auth_seq_id 
A 1 2 N LEU A 56  ? N LEU A 56  O VAL B 48  ? O VAL B 48  
A 2 3 N THR B 50  ? N THR B 50  O LEU B 87  ? O LEU B 87  
B 1 2 N LEU A 56  ? N LEU A 56  O VAL B 48  ? O VAL B 48  
B 2 3 O ALA B 49  ? O ALA B 49  N LEU B 25  ? N LEU B 25  
B 3 4 N VAL B 24  ? N VAL B 24  O ILE B 130 ? O ILE B 130 
B 4 5 N VAL B 129 ? N VAL B 129 O ILE B 148 ? O ILE B 148 
# 
loop_
_struct_site.id 
_struct_site.pdbx_evidence_code 
_struct_site.pdbx_auth_asym_id 
_struct_site.pdbx_auth_comp_id 
_struct_site.pdbx_auth_seq_id 
_struct_site.pdbx_auth_ins_code 
_struct_site.pdbx_num_residues 
_struct_site.details 
AC1 Software B NA  301 ? 5 'BINDING SITE FOR RESIDUE NA B 301'  
AC2 Software B NA  302 ? 3 'BINDING SITE FOR RESIDUE NA B 302'  
AC3 Software B NA  303 ? 1 'BINDING SITE FOR RESIDUE NA B 303'  
AC4 Software B NA  304 ? 3 'BINDING SITE FOR RESIDUE NA B 304'  
AC5 Software B ACT 305 ? 2 'BINDING SITE FOR RESIDUE ACT B 305' 
AC6 Software B BME 306 ? 4 'BINDING SITE FOR RESIDUE BME B 306' 
# 
loop_
_struct_site_gen.id 
_struct_site_gen.site_id 
_struct_site_gen.pdbx_num_res 
_struct_site_gen.label_comp_id 
_struct_site_gen.label_asym_id 
_struct_site_gen.label_seq_id 
_struct_site_gen.pdbx_auth_ins_code 
_struct_site_gen.auth_comp_id 
_struct_site_gen.auth_asym_id 
_struct_site_gen.auth_seq_id 
_struct_site_gen.label_atom_id 
_struct_site_gen.label_alt_id 
_struct_site_gen.symmetry 
_struct_site_gen.details 
1  AC1 5 LEU B 25  ? LEU B 25  . ? 1_555  ? 
2  AC1 5 THR B 50  ? THR B 50  . ? 1_555  ? 
3  AC1 5 THR B 51  ? THR B 51  . ? 1_555  ? 
4  AC1 5 THR B 54  ? THR B 54  . ? 1_555  ? 
5  AC1 5 ILE B 118 ? ILE B 118 . ? 1_555  ? 
6  AC2 3 LEU B 127 ? LEU B 127 . ? 1_555  ? 
7  AC2 3 SER B 144 ? SER B 144 . ? 1_555  ? 
8  AC2 3 GLU B 146 ? GLU B 146 . ? 1_555  ? 
9  AC3 1 LEU B 78  ? LEU B 78  . ? 1_555  ? 
10 AC4 3 LEU B 63  ? LEU B 63  . ? 1_555  ? 
11 AC4 3 ALA B 65  ? ALA B 65  . ? 1_555  ? 
12 AC4 3 ARG B 71  ? ARG B 71  . ? 12_556 ? 
13 AC5 2 GLU B 79  ? GLU B 79  . ? 12_556 ? 
14 AC5 2 ALA B 82  ? ALA B 82  . ? 12_556 ? 
15 AC6 4 ASP B 69  ? ASP B 69  . ? 6_554  ? 
16 AC6 4 HIS B 103 ? HIS B 103 . ? 1_555  ? 
17 AC6 4 ALA B 142 ? ALA B 142 . ? 1_555  ? 
18 AC6 4 ALA B 143 ? ALA B 143 . ? 1_555  ? 
# 
loop_
_pdbx_validate_torsion.id 
_pdbx_validate_torsion.PDB_model_num 
_pdbx_validate_torsion.auth_comp_id 
_pdbx_validate_torsion.auth_asym_id 
_pdbx_validate_torsion.auth_seq_id 
_pdbx_validate_torsion.PDB_ins_code 
_pdbx_validate_torsion.label_alt_id 
_pdbx_validate_torsion.phi 
_pdbx_validate_torsion.psi 
1 1 ALA A 82  ? ? -148.04 28.87   
2 1 THR B 50  ? ? -128.62 -166.04 
3 1 SER B 144 ? ? 66.98   -2.94   
# 
loop_
_pdbx_SG_project.id 
_pdbx_SG_project.project_name 
_pdbx_SG_project.full_name_of_center 
_pdbx_SG_project.initial_of_center 
1 'PSI, Protein Structure Initiative' 'Integrated Center for Structure and Function Innovation' ISFI  
2 'PSI, Protein Structure Initiative' 'TB Structural Genomics Consortium'                       TBSGC 
# 
loop_
_pdbx_unobs_or_zero_occ_residues.id 
_pdbx_unobs_or_zero_occ_residues.PDB_model_num 
_pdbx_unobs_or_zero_occ_residues.polymer_flag 
_pdbx_unobs_or_zero_occ_residues.occupancy_flag 
_pdbx_unobs_or_zero_occ_residues.auth_asym_id 
_pdbx_unobs_or_zero_occ_residues.auth_comp_id 
_pdbx_unobs_or_zero_occ_residues.auth_seq_id 
_pdbx_unobs_or_zero_occ_residues.PDB_ins_code 
_pdbx_unobs_or_zero_occ_residues.label_asym_id 
_pdbx_unobs_or_zero_occ_residues.label_comp_id 
_pdbx_unobs_or_zero_occ_residues.label_seq_id 
1  1 Y 1 A MET 1  ? A MET 1  
2  1 Y 1 A GLN 2  ? A GLN 2  
3  1 Y 1 A ALA 3  ? A ALA 3  
4  1 Y 1 A GLY 4  ? A GLY 4  
5  1 Y 1 A PRO 5  ? A PRO 5  
6  1 Y 1 A ALA 6  ? A ALA 6  
7  1 Y 1 A LEU 7  ? A LEU 7  
8  1 Y 1 A MET 8  ? A MET 8  
9  1 Y 1 A SER 9  ? A SER 9  
10 1 Y 1 A GLU 10 ? A GLU 10 
11 1 Y 1 A VAL 11 ? A VAL 11 
12 1 Y 1 A ALA 12 ? A ALA 12 
13 1 Y 1 A SER 13 ? A SER 13 
14 1 Y 1 A ARG 14 ? A ARG 14 
15 1 Y 1 A GLU 15 ? A GLU 15 
16 1 Y 1 A LEU 16 ? A LEU 16 
17 1 Y 1 A ARG 17 ? A ARG 17 
18 1 Y 1 A ASN 18 ? A ASN 18 
19 1 Y 1 A ASP 19 ? A ASP 19 
20 1 Y 1 A THR 20 ? A THR 20 
21 1 Y 1 A ALA 21 ? A ALA 21 
22 1 Y 1 A GLY 22 ? A GLY 22 
23 1 Y 1 A VAL 23 ? A VAL 23 
24 1 Y 1 A LEU 24 ? A LEU 24 
25 1 Y 1 A ARG 25 ? A ARG 25 
26 1 Y 1 A ARG 26 ? A ARG 26 
27 1 Y 1 A VAL 27 ? A VAL 27 
28 1 Y 1 A ARG 28 ? A ARG 28 
29 1 Y 1 A ALA 29 ? A ALA 29 
30 1 Y 1 A GLY 30 ? A GLY 30 
31 1 Y 1 A GLU 31 ? A GLU 31 
32 1 Y 1 A ASP 32 ? A ASP 32 
33 1 Y 1 A VAL 33 ? A VAL 33 
34 1 Y 1 A THR 34 ? A THR 34 
35 1 Y 1 A ILE 35 ? A ILE 35 
36 1 Y 1 A THR 36 ? A THR 36 
37 1 Y 1 A VAL 37 ? A VAL 37 
38 1 Y 1 A SER 38 ? A SER 38 
39 1 Y 1 A GLY 39 ? A GLY 39 
40 1 Y 1 A ARG 40 ? A ARG 40 
41 1 Y 1 A PRO 41 ? A PRO 41 
42 1 Y 1 A VAL 42 ? A VAL 42 
43 1 Y 1 A ALA 43 ? A ALA 43 
44 1 Y 1 A VAL 44 ? A VAL 44 
45 1 Y 1 A LEU 45 ? A LEU 45 
46 1 Y 1 A THR 46 ? A THR 46 
47 1 Y 1 A PRO 47 ? A PRO 47 
48 1 Y 1 A VAL 48 ? A VAL 48 
49 1 Y 1 A ARG 49 ? A ARG 49 
50 1 Y 1 A PRO 50 ? A PRO 50 
51 1 Y 1 A ARG 51 ? A ARG 51 
52 1 Y 1 A ARG 52 ? A ARG 52 
53 1 Y 1 A GLU 87 ? A GLU 87 
54 1 Y 1 A ASP 88 ? A ASP 88 
55 1 Y 1 A LEU 89 ? A LEU 89 
56 1 Y 1 A GLY 90 ? A GLY 90 
57 1 Y 1 A PRO 91 ? A PRO 91 
58 1 Y 1 A ILE 92 ? A ILE 92 
59 1 Y 1 A ARG 93 ? A ARG 93 
60 1 Y 1 B MET 1  ? B MET 1  
61 1 Y 1 B ALA 2  ? B ALA 2  
62 1 Y 1 B HIS 3  ? B HIS 3  
63 1 Y 1 B HIS 4  ? B HIS 4  
64 1 Y 1 B HIS 5  ? B HIS 5  
65 1 Y 1 B HIS 6  ? B HIS 6  
66 1 Y 1 B HIS 7  ? B HIS 7  
67 1 Y 1 B HIS 8  ? B HIS 8  
68 1 Y 1 B VAL 9  ? B VAL 9  
69 1 Y 1 B ASP 10 ? B ASP 10 
70 1 Y 1 B ASP 11 ? B ASP 11 
71 1 Y 1 B ASP 12 ? B ASP 12 
72 1 Y 1 B ASP 13 ? B ASP 13 
73 1 Y 1 B LYS 14 ? B LYS 14 
74 1 Y 1 B MET 15 ? B MET 15 
75 1 Y 1 B VAL 16 ? B VAL 16 
76 1 Y 1 B SER 17 ? B SER 17 
77 1 Y 1 B THR 18 ? B THR 18 
78 1 Y 1 B THR 19 ? B THR 19 
79 1 Y 1 B THR 33 ? B THR 33 
80 1 Y 1 B GLU 34 ? B GLU 34 
81 1 Y 1 B SER 35 ? B SER 35 
82 1 Y 1 B GLY 36 ? B GLY 36 
83 1 Y 1 B ARG 37 ? B ARG 37 
# 
loop_
_chem_comp_atom.comp_id 
_chem_comp_atom.atom_id 
_chem_comp_atom.type_symbol 
_chem_comp_atom.pdbx_aromatic_flag 
_chem_comp_atom.pdbx_stereo_config 
_chem_comp_atom.pdbx_ordinal 
ACT C    C  N N 1   
ACT O    O  N N 2   
ACT OXT  O  N N 3   
ACT CH3  C  N N 4   
ACT H1   H  N N 5   
ACT H2   H  N N 6   
ACT H3   H  N N 7   
ALA N    N  N N 8   
ALA CA   C  N S 9   
ALA C    C  N N 10  
ALA O    O  N N 11  
ALA CB   C  N N 12  
ALA OXT  O  N N 13  
ALA H    H  N N 14  
ALA H2   H  N N 15  
ALA HA   H  N N 16  
ALA HB1  H  N N 17  
ALA HB2  H  N N 18  
ALA HB3  H  N N 19  
ALA HXT  H  N N 20  
ARG N    N  N N 21  
ARG CA   C  N S 22  
ARG C    C  N N 23  
ARG O    O  N N 24  
ARG CB   C  N N 25  
ARG CG   C  N N 26  
ARG CD   C  N N 27  
ARG NE   N  N N 28  
ARG CZ   C  N N 29  
ARG NH1  N  N N 30  
ARG NH2  N  N N 31  
ARG OXT  O  N N 32  
ARG H    H  N N 33  
ARG H2   H  N N 34  
ARG HA   H  N N 35  
ARG HB2  H  N N 36  
ARG HB3  H  N N 37  
ARG HG2  H  N N 38  
ARG HG3  H  N N 39  
ARG HD2  H  N N 40  
ARG HD3  H  N N 41  
ARG HE   H  N N 42  
ARG HH11 H  N N 43  
ARG HH12 H  N N 44  
ARG HH21 H  N N 45  
ARG HH22 H  N N 46  
ARG HXT  H  N N 47  
ASN N    N  N N 48  
ASN CA   C  N S 49  
ASN C    C  N N 50  
ASN O    O  N N 51  
ASN CB   C  N N 52  
ASN CG   C  N N 53  
ASN OD1  O  N N 54  
ASN ND2  N  N N 55  
ASN OXT  O  N N 56  
ASN H    H  N N 57  
ASN H2   H  N N 58  
ASN HA   H  N N 59  
ASN HB2  H  N N 60  
ASN HB3  H  N N 61  
ASN HD21 H  N N 62  
ASN HD22 H  N N 63  
ASN HXT  H  N N 64  
ASP N    N  N N 65  
ASP CA   C  N S 66  
ASP C    C  N N 67  
ASP O    O  N N 68  
ASP CB   C  N N 69  
ASP CG   C  N N 70  
ASP OD1  O  N N 71  
ASP OD2  O  N N 72  
ASP OXT  O  N N 73  
ASP H    H  N N 74  
ASP H2   H  N N 75  
ASP HA   H  N N 76  
ASP HB2  H  N N 77  
ASP HB3  H  N N 78  
ASP HD2  H  N N 79  
ASP HXT  H  N N 80  
BME C1   C  N N 81  
BME C2   C  N N 82  
BME O1   O  N N 83  
BME S2   S  N N 84  
BME H11  H  N N 85  
BME H12  H  N N 86  
BME H21  H  N N 87  
BME H22  H  N N 88  
BME HO1  H  N N 89  
BME HS2  H  N N 90  
GLN N    N  N N 91  
GLN CA   C  N S 92  
GLN C    C  N N 93  
GLN O    O  N N 94  
GLN CB   C  N N 95  
GLN CG   C  N N 96  
GLN CD   C  N N 97  
GLN OE1  O  N N 98  
GLN NE2  N  N N 99  
GLN OXT  O  N N 100 
GLN H    H  N N 101 
GLN H2   H  N N 102 
GLN HA   H  N N 103 
GLN HB2  H  N N 104 
GLN HB3  H  N N 105 
GLN HG2  H  N N 106 
GLN HG3  H  N N 107 
GLN HE21 H  N N 108 
GLN HE22 H  N N 109 
GLN HXT  H  N N 110 
GLU N    N  N N 111 
GLU CA   C  N S 112 
GLU C    C  N N 113 
GLU O    O  N N 114 
GLU CB   C  N N 115 
GLU CG   C  N N 116 
GLU CD   C  N N 117 
GLU OE1  O  N N 118 
GLU OE2  O  N N 119 
GLU OXT  O  N N 120 
GLU H    H  N N 121 
GLU H2   H  N N 122 
GLU HA   H  N N 123 
GLU HB2  H  N N 124 
GLU HB3  H  N N 125 
GLU HG2  H  N N 126 
GLU HG3  H  N N 127 
GLU HE2  H  N N 128 
GLU HXT  H  N N 129 
GLY N    N  N N 130 
GLY CA   C  N N 131 
GLY C    C  N N 132 
GLY O    O  N N 133 
GLY OXT  O  N N 134 
GLY H    H  N N 135 
GLY H2   H  N N 136 
GLY HA2  H  N N 137 
GLY HA3  H  N N 138 
GLY HXT  H  N N 139 
HIS N    N  N N 140 
HIS CA   C  N S 141 
HIS C    C  N N 142 
HIS O    O  N N 143 
HIS CB   C  N N 144 
HIS CG   C  Y N 145 
HIS ND1  N  Y N 146 
HIS CD2  C  Y N 147 
HIS CE1  C  Y N 148 
HIS NE2  N  Y N 149 
HIS OXT  O  N N 150 
HIS H    H  N N 151 
HIS H2   H  N N 152 
HIS HA   H  N N 153 
HIS HB2  H  N N 154 
HIS HB3  H  N N 155 
HIS HD1  H  N N 156 
HIS HD2  H  N N 157 
HIS HE1  H  N N 158 
HIS HE2  H  N N 159 
HIS HXT  H  N N 160 
HOH O    O  N N 161 
HOH H1   H  N N 162 
HOH H2   H  N N 163 
ILE N    N  N N 164 
ILE CA   C  N S 165 
ILE C    C  N N 166 
ILE O    O  N N 167 
ILE CB   C  N S 168 
ILE CG1  C  N N 169 
ILE CG2  C  N N 170 
ILE CD1  C  N N 171 
ILE OXT  O  N N 172 
ILE H    H  N N 173 
ILE H2   H  N N 174 
ILE HA   H  N N 175 
ILE HB   H  N N 176 
ILE HG12 H  N N 177 
ILE HG13 H  N N 178 
ILE HG21 H  N N 179 
ILE HG22 H  N N 180 
ILE HG23 H  N N 181 
ILE HD11 H  N N 182 
ILE HD12 H  N N 183 
ILE HD13 H  N N 184 
ILE HXT  H  N N 185 
LEU N    N  N N 186 
LEU CA   C  N S 187 
LEU C    C  N N 188 
LEU O    O  N N 189 
LEU CB   C  N N 190 
LEU CG   C  N N 191 
LEU CD1  C  N N 192 
LEU CD2  C  N N 193 
LEU OXT  O  N N 194 
LEU H    H  N N 195 
LEU H2   H  N N 196 
LEU HA   H  N N 197 
LEU HB2  H  N N 198 
LEU HB3  H  N N 199 
LEU HG   H  N N 200 
LEU HD11 H  N N 201 
LEU HD12 H  N N 202 
LEU HD13 H  N N 203 
LEU HD21 H  N N 204 
LEU HD22 H  N N 205 
LEU HD23 H  N N 206 
LEU HXT  H  N N 207 
LYS N    N  N N 208 
LYS CA   C  N S 209 
LYS C    C  N N 210 
LYS O    O  N N 211 
LYS CB   C  N N 212 
LYS CG   C  N N 213 
LYS CD   C  N N 214 
LYS CE   C  N N 215 
LYS NZ   N  N N 216 
LYS OXT  O  N N 217 
LYS H    H  N N 218 
LYS H2   H  N N 219 
LYS HA   H  N N 220 
LYS HB2  H  N N 221 
LYS HB3  H  N N 222 
LYS HG2  H  N N 223 
LYS HG3  H  N N 224 
LYS HD2  H  N N 225 
LYS HD3  H  N N 226 
LYS HE2  H  N N 227 
LYS HE3  H  N N 228 
LYS HZ1  H  N N 229 
LYS HZ2  H  N N 230 
LYS HZ3  H  N N 231 
LYS HXT  H  N N 232 
MET N    N  N N 233 
MET CA   C  N S 234 
MET C    C  N N 235 
MET O    O  N N 236 
MET CB   C  N N 237 
MET CG   C  N N 238 
MET SD   S  N N 239 
MET CE   C  N N 240 
MET OXT  O  N N 241 
MET H    H  N N 242 
MET H2   H  N N 243 
MET HA   H  N N 244 
MET HB2  H  N N 245 
MET HB3  H  N N 246 
MET HG2  H  N N 247 
MET HG3  H  N N 248 
MET HE1  H  N N 249 
MET HE2  H  N N 250 
MET HE3  H  N N 251 
MET HXT  H  N N 252 
NA  NA   NA N N 253 
PHE N    N  N N 254 
PHE CA   C  N S 255 
PHE C    C  N N 256 
PHE O    O  N N 257 
PHE CB   C  N N 258 
PHE CG   C  Y N 259 
PHE CD1  C  Y N 260 
PHE CD2  C  Y N 261 
PHE CE1  C  Y N 262 
PHE CE2  C  Y N 263 
PHE CZ   C  Y N 264 
PHE OXT  O  N N 265 
PHE H    H  N N 266 
PHE H2   H  N N 267 
PHE HA   H  N N 268 
PHE HB2  H  N N 269 
PHE HB3  H  N N 270 
PHE HD1  H  N N 271 
PHE HD2  H  N N 272 
PHE HE1  H  N N 273 
PHE HE2  H  N N 274 
PHE HZ   H  N N 275 
PHE HXT  H  N N 276 
PRO N    N  N N 277 
PRO CA   C  N S 278 
PRO C    C  N N 279 
PRO O    O  N N 280 
PRO CB   C  N N 281 
PRO CG   C  N N 282 
PRO CD   C  N N 283 
PRO OXT  O  N N 284 
PRO H    H  N N 285 
PRO HA   H  N N 286 
PRO HB2  H  N N 287 
PRO HB3  H  N N 288 
PRO HG2  H  N N 289 
PRO HG3  H  N N 290 
PRO HD2  H  N N 291 
PRO HD3  H  N N 292 
PRO HXT  H  N N 293 
SER N    N  N N 294 
SER CA   C  N S 295 
SER C    C  N N 296 
SER O    O  N N 297 
SER CB   C  N N 298 
SER OG   O  N N 299 
SER OXT  O  N N 300 
SER H    H  N N 301 
SER H2   H  N N 302 
SER HA   H  N N 303 
SER HB2  H  N N 304 
SER HB3  H  N N 305 
SER HG   H  N N 306 
SER HXT  H  N N 307 
THR N    N  N N 308 
THR CA   C  N S 309 
THR C    C  N N 310 
THR O    O  N N 311 
THR CB   C  N R 312 
THR OG1  O  N N 313 
THR CG2  C  N N 314 
THR OXT  O  N N 315 
THR H    H  N N 316 
THR H2   H  N N 317 
THR HA   H  N N 318 
THR HB   H  N N 319 
THR HG1  H  N N 320 
THR HG21 H  N N 321 
THR HG22 H  N N 322 
THR HG23 H  N N 323 
THR HXT  H  N N 324 
TRP N    N  N N 325 
TRP CA   C  N S 326 
TRP C    C  N N 327 
TRP O    O  N N 328 
TRP CB   C  N N 329 
TRP CG   C  Y N 330 
TRP CD1  C  Y N 331 
TRP CD2  C  Y N 332 
TRP NE1  N  Y N 333 
TRP CE2  C  Y N 334 
TRP CE3  C  Y N 335 
TRP CZ2  C  Y N 336 
TRP CZ3  C  Y N 337 
TRP CH2  C  Y N 338 
TRP OXT  O  N N 339 
TRP H    H  N N 340 
TRP H2   H  N N 341 
TRP HA   H  N N 342 
TRP HB2  H  N N 343 
TRP HB3  H  N N 344 
TRP HD1  H  N N 345 
TRP HE1  H  N N 346 
TRP HE3  H  N N 347 
TRP HZ2  H  N N 348 
TRP HZ3  H  N N 349 
TRP HH2  H  N N 350 
TRP HXT  H  N N 351 
VAL N    N  N N 352 
VAL CA   C  N S 353 
VAL C    C  N N 354 
VAL O    O  N N 355 
VAL CB   C  N N 356 
VAL CG1  C  N N 357 
VAL CG2  C  N N 358 
VAL OXT  O  N N 359 
VAL H    H  N N 360 
VAL H2   H  N N 361 
VAL HA   H  N N 362 
VAL HB   H  N N 363 
VAL HG11 H  N N 364 
VAL HG12 H  N N 365 
VAL HG13 H  N N 366 
VAL HG21 H  N N 367 
VAL HG22 H  N N 368 
VAL HG23 H  N N 369 
VAL HXT  H  N N 370 
# 
loop_
_chem_comp_bond.comp_id 
_chem_comp_bond.atom_id_1 
_chem_comp_bond.atom_id_2 
_chem_comp_bond.value_order 
_chem_comp_bond.pdbx_aromatic_flag 
_chem_comp_bond.pdbx_stereo_config 
_chem_comp_bond.pdbx_ordinal 
ACT C   O    doub N N 1   
ACT C   OXT  sing N N 2   
ACT C   CH3  sing N N 3   
ACT CH3 H1   sing N N 4   
ACT CH3 H2   sing N N 5   
ACT CH3 H3   sing N N 6   
ALA N   CA   sing N N 7   
ALA N   H    sing N N 8   
ALA N   H2   sing N N 9   
ALA CA  C    sing N N 10  
ALA CA  CB   sing N N 11  
ALA CA  HA   sing N N 12  
ALA C   O    doub N N 13  
ALA C   OXT  sing N N 14  
ALA CB  HB1  sing N N 15  
ALA CB  HB2  sing N N 16  
ALA CB  HB3  sing N N 17  
ALA OXT HXT  sing N N 18  
ARG N   CA   sing N N 19  
ARG N   H    sing N N 20  
ARG N   H2   sing N N 21  
ARG CA  C    sing N N 22  
ARG CA  CB   sing N N 23  
ARG CA  HA   sing N N 24  
ARG C   O    doub N N 25  
ARG C   OXT  sing N N 26  
ARG CB  CG   sing N N 27  
ARG CB  HB2  sing N N 28  
ARG CB  HB3  sing N N 29  
ARG CG  CD   sing N N 30  
ARG CG  HG2  sing N N 31  
ARG CG  HG3  sing N N 32  
ARG CD  NE   sing N N 33  
ARG CD  HD2  sing N N 34  
ARG CD  HD3  sing N N 35  
ARG NE  CZ   sing N N 36  
ARG NE  HE   sing N N 37  
ARG CZ  NH1  sing N N 38  
ARG CZ  NH2  doub N N 39  
ARG NH1 HH11 sing N N 40  
ARG NH1 HH12 sing N N 41  
ARG NH2 HH21 sing N N 42  
ARG NH2 HH22 sing N N 43  
ARG OXT HXT  sing N N 44  
ASN N   CA   sing N N 45  
ASN N   H    sing N N 46  
ASN N   H2   sing N N 47  
ASN CA  C    sing N N 48  
ASN CA  CB   sing N N 49  
ASN CA  HA   sing N N 50  
ASN C   O    doub N N 51  
ASN C   OXT  sing N N 52  
ASN CB  CG   sing N N 53  
ASN CB  HB2  sing N N 54  
ASN CB  HB3  sing N N 55  
ASN CG  OD1  doub N N 56  
ASN CG  ND2  sing N N 57  
ASN ND2 HD21 sing N N 58  
ASN ND2 HD22 sing N N 59  
ASN OXT HXT  sing N N 60  
ASP N   CA   sing N N 61  
ASP N   H    sing N N 62  
ASP N   H2   sing N N 63  
ASP CA  C    sing N N 64  
ASP CA  CB   sing N N 65  
ASP CA  HA   sing N N 66  
ASP C   O    doub N N 67  
ASP C   OXT  sing N N 68  
ASP CB  CG   sing N N 69  
ASP CB  HB2  sing N N 70  
ASP CB  HB3  sing N N 71  
ASP CG  OD1  doub N N 72  
ASP CG  OD2  sing N N 73  
ASP OD2 HD2  sing N N 74  
ASP OXT HXT  sing N N 75  
BME C1  C2   sing N N 76  
BME C1  O1   sing N N 77  
BME C1  H11  sing N N 78  
BME C1  H12  sing N N 79  
BME C2  S2   sing N N 80  
BME C2  H21  sing N N 81  
BME C2  H22  sing N N 82  
BME O1  HO1  sing N N 83  
BME S2  HS2  sing N N 84  
GLN N   CA   sing N N 85  
GLN N   H    sing N N 86  
GLN N   H2   sing N N 87  
GLN CA  C    sing N N 88  
GLN CA  CB   sing N N 89  
GLN CA  HA   sing N N 90  
GLN C   O    doub N N 91  
GLN C   OXT  sing N N 92  
GLN CB  CG   sing N N 93  
GLN CB  HB2  sing N N 94  
GLN CB  HB3  sing N N 95  
GLN CG  CD   sing N N 96  
GLN CG  HG2  sing N N 97  
GLN CG  HG3  sing N N 98  
GLN CD  OE1  doub N N 99  
GLN CD  NE2  sing N N 100 
GLN NE2 HE21 sing N N 101 
GLN NE2 HE22 sing N N 102 
GLN OXT HXT  sing N N 103 
GLU N   CA   sing N N 104 
GLU N   H    sing N N 105 
GLU N   H2   sing N N 106 
GLU CA  C    sing N N 107 
GLU CA  CB   sing N N 108 
GLU CA  HA   sing N N 109 
GLU C   O    doub N N 110 
GLU C   OXT  sing N N 111 
GLU CB  CG   sing N N 112 
GLU CB  HB2  sing N N 113 
GLU CB  HB3  sing N N 114 
GLU CG  CD   sing N N 115 
GLU CG  HG2  sing N N 116 
GLU CG  HG3  sing N N 117 
GLU CD  OE1  doub N N 118 
GLU CD  OE2  sing N N 119 
GLU OE2 HE2  sing N N 120 
GLU OXT HXT  sing N N 121 
GLY N   CA   sing N N 122 
GLY N   H    sing N N 123 
GLY N   H2   sing N N 124 
GLY CA  C    sing N N 125 
GLY CA  HA2  sing N N 126 
GLY CA  HA3  sing N N 127 
GLY C   O    doub N N 128 
GLY C   OXT  sing N N 129 
GLY OXT HXT  sing N N 130 
HIS N   CA   sing N N 131 
HIS N   H    sing N N 132 
HIS N   H2   sing N N 133 
HIS CA  C    sing N N 134 
HIS CA  CB   sing N N 135 
HIS CA  HA   sing N N 136 
HIS C   O    doub N N 137 
HIS C   OXT  sing N N 138 
HIS CB  CG   sing N N 139 
HIS CB  HB2  sing N N 140 
HIS CB  HB3  sing N N 141 
HIS CG  ND1  sing Y N 142 
HIS CG  CD2  doub Y N 143 
HIS ND1 CE1  doub Y N 144 
HIS ND1 HD1  sing N N 145 
HIS CD2 NE2  sing Y N 146 
HIS CD2 HD2  sing N N 147 
HIS CE1 NE2  sing Y N 148 
HIS CE1 HE1  sing N N 149 
HIS NE2 HE2  sing N N 150 
HIS OXT HXT  sing N N 151 
HOH O   H1   sing N N 152 
HOH O   H2   sing N N 153 
ILE N   CA   sing N N 154 
ILE N   H    sing N N 155 
ILE N   H2   sing N N 156 
ILE CA  C    sing N N 157 
ILE CA  CB   sing N N 158 
ILE CA  HA   sing N N 159 
ILE C   O    doub N N 160 
ILE C   OXT  sing N N 161 
ILE CB  CG1  sing N N 162 
ILE CB  CG2  sing N N 163 
ILE CB  HB   sing N N 164 
ILE CG1 CD1  sing N N 165 
ILE CG1 HG12 sing N N 166 
ILE CG1 HG13 sing N N 167 
ILE CG2 HG21 sing N N 168 
ILE CG2 HG22 sing N N 169 
ILE CG2 HG23 sing N N 170 
ILE CD1 HD11 sing N N 171 
ILE CD1 HD12 sing N N 172 
ILE CD1 HD13 sing N N 173 
ILE OXT HXT  sing N N 174 
LEU N   CA   sing N N 175 
LEU N   H    sing N N 176 
LEU N   H2   sing N N 177 
LEU CA  C    sing N N 178 
LEU CA  CB   sing N N 179 
LEU CA  HA   sing N N 180 
LEU C   O    doub N N 181 
LEU C   OXT  sing N N 182 
LEU CB  CG   sing N N 183 
LEU CB  HB2  sing N N 184 
LEU CB  HB3  sing N N 185 
LEU CG  CD1  sing N N 186 
LEU CG  CD2  sing N N 187 
LEU CG  HG   sing N N 188 
LEU CD1 HD11 sing N N 189 
LEU CD1 HD12 sing N N 190 
LEU CD1 HD13 sing N N 191 
LEU CD2 HD21 sing N N 192 
LEU CD2 HD22 sing N N 193 
LEU CD2 HD23 sing N N 194 
LEU OXT HXT  sing N N 195 
LYS N   CA   sing N N 196 
LYS N   H    sing N N 197 
LYS N   H2   sing N N 198 
LYS CA  C    sing N N 199 
LYS CA  CB   sing N N 200 
LYS CA  HA   sing N N 201 
LYS C   O    doub N N 202 
LYS C   OXT  sing N N 203 
LYS CB  CG   sing N N 204 
LYS CB  HB2  sing N N 205 
LYS CB  HB3  sing N N 206 
LYS CG  CD   sing N N 207 
LYS CG  HG2  sing N N 208 
LYS CG  HG3  sing N N 209 
LYS CD  CE   sing N N 210 
LYS CD  HD2  sing N N 211 
LYS CD  HD3  sing N N 212 
LYS CE  NZ   sing N N 213 
LYS CE  HE2  sing N N 214 
LYS CE  HE3  sing N N 215 
LYS NZ  HZ1  sing N N 216 
LYS NZ  HZ2  sing N N 217 
LYS NZ  HZ3  sing N N 218 
LYS OXT HXT  sing N N 219 
MET N   CA   sing N N 220 
MET N   H    sing N N 221 
MET N   H2   sing N N 222 
MET CA  C    sing N N 223 
MET CA  CB   sing N N 224 
MET CA  HA   sing N N 225 
MET C   O    doub N N 226 
MET C   OXT  sing N N 227 
MET CB  CG   sing N N 228 
MET CB  HB2  sing N N 229 
MET CB  HB3  sing N N 230 
MET CG  SD   sing N N 231 
MET CG  HG2  sing N N 232 
MET CG  HG3  sing N N 233 
MET SD  CE   sing N N 234 
MET CE  HE1  sing N N 235 
MET CE  HE2  sing N N 236 
MET CE  HE3  sing N N 237 
MET OXT HXT  sing N N 238 
PHE N   CA   sing N N 239 
PHE N   H    sing N N 240 
PHE N   H2   sing N N 241 
PHE CA  C    sing N N 242 
PHE CA  CB   sing N N 243 
PHE CA  HA   sing N N 244 
PHE C   O    doub N N 245 
PHE C   OXT  sing N N 246 
PHE CB  CG   sing N N 247 
PHE CB  HB2  sing N N 248 
PHE CB  HB3  sing N N 249 
PHE CG  CD1  doub Y N 250 
PHE CG  CD2  sing Y N 251 
PHE CD1 CE1  sing Y N 252 
PHE CD1 HD1  sing N N 253 
PHE CD2 CE2  doub Y N 254 
PHE CD2 HD2  sing N N 255 
PHE CE1 CZ   doub Y N 256 
PHE CE1 HE1  sing N N 257 
PHE CE2 CZ   sing Y N 258 
PHE CE2 HE2  sing N N 259 
PHE CZ  HZ   sing N N 260 
PHE OXT HXT  sing N N 261 
PRO N   CA   sing N N 262 
PRO N   CD   sing N N 263 
PRO N   H    sing N N 264 
PRO CA  C    sing N N 265 
PRO CA  CB   sing N N 266 
PRO CA  HA   sing N N 267 
PRO C   O    doub N N 268 
PRO C   OXT  sing N N 269 
PRO CB  CG   sing N N 270 
PRO CB  HB2  sing N N 271 
PRO CB  HB3  sing N N 272 
PRO CG  CD   sing N N 273 
PRO CG  HG2  sing N N 274 
PRO CG  HG3  sing N N 275 
PRO CD  HD2  sing N N 276 
PRO CD  HD3  sing N N 277 
PRO OXT HXT  sing N N 278 
SER N   CA   sing N N 279 
SER N   H    sing N N 280 
SER N   H2   sing N N 281 
SER CA  C    sing N N 282 
SER CA  CB   sing N N 283 
SER CA  HA   sing N N 284 
SER C   O    doub N N 285 
SER C   OXT  sing N N 286 
SER CB  OG   sing N N 287 
SER CB  HB2  sing N N 288 
SER CB  HB3  sing N N 289 
SER OG  HG   sing N N 290 
SER OXT HXT  sing N N 291 
THR N   CA   sing N N 292 
THR N   H    sing N N 293 
THR N   H2   sing N N 294 
THR CA  C    sing N N 295 
THR CA  CB   sing N N 296 
THR CA  HA   sing N N 297 
THR C   O    doub N N 298 
THR C   OXT  sing N N 299 
THR CB  OG1  sing N N 300 
THR CB  CG2  sing N N 301 
THR CB  HB   sing N N 302 
THR OG1 HG1  sing N N 303 
THR CG2 HG21 sing N N 304 
THR CG2 HG22 sing N N 305 
THR CG2 HG23 sing N N 306 
THR OXT HXT  sing N N 307 
TRP N   CA   sing N N 308 
TRP N   H    sing N N 309 
TRP N   H2   sing N N 310 
TRP CA  C    sing N N 311 
TRP CA  CB   sing N N 312 
TRP CA  HA   sing N N 313 
TRP C   O    doub N N 314 
TRP C   OXT  sing N N 315 
TRP CB  CG   sing N N 316 
TRP CB  HB2  sing N N 317 
TRP CB  HB3  sing N N 318 
TRP CG  CD1  doub Y N 319 
TRP CG  CD2  sing Y N 320 
TRP CD1 NE1  sing Y N 321 
TRP CD1 HD1  sing N N 322 
TRP CD2 CE2  doub Y N 323 
TRP CD2 CE3  sing Y N 324 
TRP NE1 CE2  sing Y N 325 
TRP NE1 HE1  sing N N 326 
TRP CE2 CZ2  sing Y N 327 
TRP CE3 CZ3  doub Y N 328 
TRP CE3 HE3  sing N N 329 
TRP CZ2 CH2  doub Y N 330 
TRP CZ2 HZ2  sing N N 331 
TRP CZ3 CH2  sing Y N 332 
TRP CZ3 HZ3  sing N N 333 
TRP CH2 HH2  sing N N 334 
TRP OXT HXT  sing N N 335 
VAL N   CA   sing N N 336 
VAL N   H    sing N N 337 
VAL N   H2   sing N N 338 
VAL CA  C    sing N N 339 
VAL CA  CB   sing N N 340 
VAL CA  HA   sing N N 341 
VAL C   O    doub N N 342 
VAL C   OXT  sing N N 343 
VAL CB  CG1  sing N N 344 
VAL CB  CG2  sing N N 345 
VAL CB  HB   sing N N 346 
VAL CG1 HG11 sing N N 347 
VAL CG1 HG12 sing N N 348 
VAL CG1 HG13 sing N N 349 
VAL CG2 HG21 sing N N 350 
VAL CG2 HG22 sing N N 351 
VAL CG2 HG23 sing N N 352 
VAL OXT HXT  sing N N 353 
# 
_atom_sites.entry_id                    3DBO 
_atom_sites.fract_transf_matrix[1][1]   -0.00440875 
_atom_sites.fract_transf_matrix[1][2]   0.01083379 
_atom_sites.fract_transf_matrix[1][3]   0.01343277 
_atom_sites.fract_transf_matrix[2][1]   -0.01518209 
_atom_sites.fract_transf_matrix[2][2]   0.00928936 
_atom_sites.fract_transf_matrix[2][3]   -0.00066615 
_atom_sites.fract_transf_matrix[3][1]   -0.00291783 
_atom_sites.fract_transf_matrix[3][2]   -0.00457295 
_atom_sites.fract_transf_matrix[3][3]   0.00273052 
_atom_sites.fract_transf_vector[1]      0.457111 
_atom_sites.fract_transf_vector[2]      0.496423 
_atom_sites.fract_transf_vector[3]      0.906922 
# 
loop_
_atom_type.symbol 
C  
N  
NA 
O  
S  
# 
loop_
_atom_site.group_PDB 
_atom_site.id 
_atom_site.type_symbol 
_atom_site.label_atom_id 
_atom_site.label_alt_id 
_atom_site.label_comp_id 
_atom_site.label_asym_id 
_atom_site.label_entity_id 
_atom_site.label_seq_id 
_atom_site.pdbx_PDB_ins_code 
_atom_site.Cartn_x 
_atom_site.Cartn_y 
_atom_site.Cartn_z 
_atom_site.occupancy 
_atom_site.B_iso_or_equiv 
_atom_site.pdbx_formal_charge 
_atom_site.auth_seq_id 
_atom_site.auth_comp_id 
_atom_site.auth_asym_id 
_atom_site.auth_atom_id 
_atom_site.pdbx_PDB_model_num 
ATOM   1    N  N   . ARG A 1 53  ? 14.464  -10.728 -1.242  1.00 41.01 ? 53  ARG A N   1 
ATOM   2    C  CA  . ARG A 1 53  ? 13.234  -10.048 -1.758  1.00 40.82 ? 53  ARG A CA  1 
ATOM   3    C  C   . ARG A 1 53  ? 12.696  -10.725 -3.019  1.00 40.91 ? 53  ARG A C   1 
ATOM   4    O  O   . ARG A 1 53  ? 13.375  -10.761 -4.053  1.00 41.12 ? 53  ARG A O   1 
ATOM   5    C  CB  . ARG A 1 53  ? 13.487  -8.559  -2.021  0.20 40.71 ? 53  ARG A CB  1 
ATOM   6    C  CG  . ARG A 1 53  ? 13.614  -7.709  -0.768  0.20 40.14 ? 53  ARG A CG  1 
ATOM   7    C  CD  . ARG A 1 53  ? 13.155  -6.288  -1.041  0.20 39.23 ? 53  ARG A CD  1 
ATOM   8    N  NE  . ARG A 1 53  ? 13.499  -5.369  0.038   0.20 38.83 ? 53  ARG A NE  1 
ATOM   9    C  CZ  . ARG A 1 53  ? 12.821  -5.259  1.176   0.20 38.42 ? 53  ARG A CZ  1 
ATOM   10   N  NH1 . ARG A 1 53  ? 11.760  -6.024  1.398   0.20 38.10 ? 53  ARG A NH1 1 
ATOM   11   N  NH2 . ARG A 1 53  ? 13.210  -4.391  2.100   0.20 38.04 ? 53  ARG A NH2 1 
ATOM   12   N  N   . ARG A 1 54  ? 11.476  -11.256 -2.916  1.00 40.52 ? 54  ARG A N   1 
ATOM   13   C  CA  . ARG A 1 54  ? 10.809  -11.975 -4.007  1.00 40.19 ? 54  ARG A CA  1 
ATOM   14   C  C   . ARG A 1 54  ? 9.280   -11.815 -3.942  1.00 39.94 ? 54  ARG A C   1 
ATOM   15   O  O   . ARG A 1 54  ? 8.735   -11.336 -2.947  1.00 39.59 ? 54  ARG A O   1 
ATOM   16   C  CB  . ARG A 1 54  ? 11.192  -13.463 -3.975  1.00 40.60 ? 54  ARG A CB  1 
ATOM   17   N  N   . TRP A 1 55  ? 8.595   -12.209 -5.013  1.00 39.63 ? 55  TRP A N   1 
ATOM   18   C  CA  . TRP A 1 55  ? 7.137   -12.160 -5.044  1.00 39.34 ? 55  TRP A CA  1 
ATOM   19   C  C   . TRP A 1 55  ? 6.567   -13.292 -4.200  1.00 39.49 ? 55  TRP A C   1 
ATOM   20   O  O   . TRP A 1 55  ? 6.783   -14.474 -4.494  1.00 39.91 ? 55  TRP A O   1 
ATOM   21   C  CB  . TRP A 1 55  ? 6.615   -12.229 -6.481  1.00 38.91 ? 55  TRP A CB  1 
ATOM   22   C  CG  . TRP A 1 55  ? 6.788   -10.952 -7.247  1.00 38.14 ? 55  TRP A CG  1 
ATOM   23   C  CD1 . TRP A 1 55  ? 7.942   -10.472 -7.789  1.00 38.23 ? 55  TRP A CD1 1 
ATOM   24   C  CD2 . TRP A 1 55  ? 5.768   -9.995  -7.564  1.00 36.56 ? 55  TRP A CD2 1 
ATOM   25   N  NE1 . TRP A 1 55  ? 7.710   -9.273  -8.423  1.00 37.88 ? 55  TRP A NE1 1 
ATOM   26   C  CE2 . TRP A 1 55  ? 6.383   -8.958  -8.301  1.00 37.49 ? 55  TRP A CE2 1 
ATOM   27   C  CE3 . TRP A 1 55  ? 4.396   -9.915  -7.299  1.00 36.10 ? 55  TRP A CE3 1 
ATOM   28   C  CZ2 . TRP A 1 55  ? 5.673   -7.849  -8.771  1.00 35.81 ? 55  TRP A CZ2 1 
ATOM   29   C  CZ3 . TRP A 1 55  ? 3.692   -8.824  -7.767  1.00 34.97 ? 55  TRP A CZ3 1 
ATOM   30   C  CH2 . TRP A 1 55  ? 4.332   -7.803  -8.497  1.00 36.17 ? 55  TRP A CH2 1 
ATOM   31   N  N   . LEU A 1 56  ? 5.857   -12.922 -3.138  1.00 39.28 ? 56  LEU A N   1 
ATOM   32   C  CA  . LEU A 1 56  ? 5.284   -13.893 -2.212  1.00 39.24 ? 56  LEU A CA  1 
ATOM   33   C  C   . LEU A 1 56  ? 4.005   -14.496 -2.777  1.00 39.32 ? 56  LEU A C   1 
ATOM   34   O  O   . LEU A 1 56  ? 3.206   -13.800 -3.409  1.00 38.95 ? 56  LEU A O   1 
ATOM   35   C  CB  . LEU A 1 56  ? 4.984   -13.239 -0.857  1.00 39.13 ? 56  LEU A CB  1 
ATOM   36   C  CG  . LEU A 1 56  ? 5.966   -13.330 0.319   1.00 39.24 ? 56  LEU A CG  1 
ATOM   37   C  CD1 . LEU A 1 56  ? 7.369   -12.902 -0.048  1.00 39.56 ? 56  LEU A CD1 1 
ATOM   38   C  CD2 . LEU A 1 56  ? 5.461   -12.501 1.485   1.00 38.44 ? 56  LEU A CD2 1 
ATOM   39   N  N   . SER A 1 57  ? 3.810   -15.795 -2.548  1.00 39.07 ? 57  SER A N   1 
ATOM   40   C  CA  . SER A 1 57  ? 2.526   -16.409 -2.845  1.00 38.99 ? 57  SER A CA  1 
ATOM   41   C  C   . SER A 1 57  ? 1.480   -15.860 -1.871  1.00 39.02 ? 57  SER A C   1 
ATOM   42   O  O   . SER A 1 57  ? 1.819   -15.362 -0.794  1.00 38.70 ? 57  SER A O   1 
ATOM   43   C  CB  . SER A 1 57  ? 2.608   -17.933 -2.742  1.00 38.85 ? 57  SER A CB  1 
ATOM   44   O  OG  . SER A 1 57  ? 2.569   -18.347 -1.388  1.00 39.44 ? 57  SER A OG  1 
ATOM   45   N  N   . LYS A 1 58  ? 0.213   -15.949 -2.262  1.00 39.42 ? 58  LYS A N   1 
ATOM   46   C  CA  . LYS A 1 58  ? -0.912  -15.582 -1.402  1.00 39.94 ? 58  LYS A CA  1 
ATOM   47   C  C   . LYS A 1 58  ? -0.788  -16.214 -0.008  1.00 40.24 ? 58  LYS A C   1 
ATOM   48   O  O   . LYS A 1 58  ? -0.964  -15.535 1.004   1.00 40.04 ? 58  LYS A O   1 
ATOM   49   C  CB  . LYS A 1 58  ? -2.226  -16.016 -2.063  1.00 40.18 ? 58  LYS A CB  1 
ATOM   50   C  CG  . LYS A 1 58  ? -3.494  -15.446 -1.443  1.00 40.64 ? 58  LYS A CG  1 
ATOM   51   C  CD  . LYS A 1 58  ? -4.725  -16.129 -2.021  1.00 42.55 ? 58  LYS A CD  1 
ATOM   52   C  CE  . LYS A 1 58  ? -5.852  -16.154 -0.999  1.00 44.49 ? 58  LYS A CE  1 
ATOM   53   N  NZ  . LYS A 1 58  ? -6.954  -17.107 -1.341  1.00 45.42 ? 58  LYS A NZ  1 
ATOM   54   N  N   . THR A 1 59  ? -0.479  -17.512 0.038   1.00 40.46 ? 59  THR A N   1 
ATOM   55   C  CA  . THR A 1 59  ? -0.399  -18.232 1.312   1.00 40.87 ? 59  THR A CA  1 
ATOM   56   C  C   . THR A 1 59  ? 0.807   -17.780 2.127   1.00 40.53 ? 59  THR A C   1 
ATOM   57   O  O   . THR A 1 59  ? 0.690   -17.556 3.332   1.00 40.50 ? 59  THR A O   1 
ATOM   58   C  CB  . THR A 1 59  ? -0.352  -19.764 1.119   1.00 41.09 ? 59  THR A CB  1 
ATOM   59   O  OG1 . THR A 1 59  ? -0.986  -20.111 -0.118  1.00 41.95 ? 59  THR A OG1 1 
ATOM   60   C  CG2 . THR A 1 59  ? -1.064  -20.462 2.282   1.00 41.36 ? 59  THR A CG2 1 
ATOM   61   N  N   . GLU A 1 60  ? 1.954   -17.656 1.457   1.00 40.56 ? 60  GLU A N   1 
ATOM   62   C  CA  . GLU A 1 60  ? 3.173   -17.110 2.060   1.00 40.35 ? 60  GLU A CA  1 
ATOM   63   C  C   . GLU A 1 60  ? 2.903   -15.749 2.715   1.00 40.33 ? 60  GLU A C   1 
ATOM   64   O  O   . GLU A 1 60  ? 3.107   -15.589 3.922   1.00 40.57 ? 60  GLU A O   1 
ATOM   65   C  CB  . GLU A 1 60  ? 4.286   -16.984 1.013   1.00 40.39 ? 60  GLU A CB  1 
ATOM   66   C  CG  . GLU A 1 60  ? 5.037   -18.276 0.715   0.20 40.11 ? 60  GLU A CG  1 
ATOM   67   C  CD  . GLU A 1 60  ? 6.134   -18.089 -0.321  0.20 39.73 ? 60  GLU A CD  1 
ATOM   68   O  OE1 . GLU A 1 60  ? 5.883   -17.432 -1.355  0.20 39.32 ? 60  GLU A OE1 1 
ATOM   69   O  OE2 . GLU A 1 60  ? 7.249   -18.605 -0.104  0.20 39.77 ? 60  GLU A OE2 1 
ATOM   70   N  N   . PHE A 1 61  ? 2.425   -14.782 1.926   1.00 39.89 ? 61  PHE A N   1 
ATOM   71   C  CA  . PHE A 1 61  ? 2.097   -13.454 2.453   1.00 39.41 ? 61  PHE A CA  1 
ATOM   72   C  C   . PHE A 1 61  ? 1.192   -13.546 3.674   1.00 39.53 ? 61  PHE A C   1 
ATOM   73   O  O   . PHE A 1 61  ? 1.526   -13.020 4.737   1.00 39.46 ? 61  PHE A O   1 
ATOM   74   C  CB  . PHE A 1 61  ? 1.451   -12.556 1.385   1.00 39.07 ? 61  PHE A CB  1 
ATOM   75   C  CG  . PHE A 1 61  ? 0.642   -11.411 1.961   1.00 38.12 ? 61  PHE A CG  1 
ATOM   76   C  CD1 . PHE A 1 61  ? 1.258   -10.411 2.726   1.00 37.06 ? 61  PHE A CD1 1 
ATOM   77   C  CD2 . PHE A 1 61  ? -0.733  -11.335 1.744   1.00 37.24 ? 61  PHE A CD2 1 
ATOM   78   C  CE1 . PHE A 1 61  ? 0.516   -9.361  3.271   1.00 36.40 ? 61  PHE A CE1 1 
ATOM   79   C  CE2 . PHE A 1 61  ? -1.489  -10.280 2.281   1.00 37.04 ? 61  PHE A CE2 1 
ATOM   80   C  CZ  . PHE A 1 61  ? -0.857  -9.292  3.044   1.00 36.57 ? 61  PHE A CZ  1 
ATOM   81   N  N   . LEU A 1 62  ? 0.051   -14.215 3.510   1.00 39.94 ? 62  LEU A N   1 
ATOM   82   C  CA  . LEU A 1 62  ? -0.939  -14.339 4.579   1.00 40.15 ? 62  LEU A CA  1 
ATOM   83   C  C   . LEU A 1 62  ? -0.380  -15.047 5.813   1.00 40.44 ? 62  LEU A C   1 
ATOM   84   O  O   . LEU A 1 62  ? -0.843  -14.804 6.926   1.00 39.94 ? 62  LEU A O   1 
ATOM   85   C  CB  . LEU A 1 62  ? -2.214  -15.031 4.083   1.00 40.26 ? 62  LEU A CB  1 
ATOM   86   C  CG  . LEU A 1 62  ? -3.151  -14.223 3.174   1.00 40.43 ? 62  LEU A CG  1 
ATOM   87   C  CD1 . LEU A 1 62  ? -4.251  -15.112 2.631   1.00 40.47 ? 62  LEU A CD1 1 
ATOM   88   C  CD2 . LEU A 1 62  ? -3.741  -13.009 3.883   1.00 39.63 ? 62  LEU A CD2 1 
ATOM   89   N  N   . SER A 1 63  ? 0.624   -15.904 5.612   1.00 41.08 ? 63  SER A N   1 
ATOM   90   C  CA  . SER A 1 63  ? 1.343   -16.511 6.735   1.00 41.69 ? 63  SER A CA  1 
ATOM   91   C  C   . SER A 1 63  ? 2.245   -15.500 7.449   1.00 41.89 ? 63  SER A C   1 
ATOM   92   O  O   . SER A 1 63  ? 2.312   -15.498 8.683   1.00 42.10 ? 63  SER A O   1 
ATOM   93   C  CB  . SER A 1 63  ? 2.155   -17.731 6.289   1.00 41.52 ? 63  SER A CB  1 
ATOM   94   O  OG  . SER A 1 63  ? 1.301   -18.827 6.028   1.00 42.55 ? 63  SER A OG  1 
ATOM   95   N  N   . ARG A 1 64  ? 2.937   -14.657 6.677   1.00 41.97 ? 64  ARG A N   1 
ATOM   96   C  CA  . ARG A 1 64  ? 3.826   -13.633 7.249   1.00 42.00 ? 64  ARG A CA  1 
ATOM   97   C  C   . ARG A 1 64  ? 3.031   -12.526 7.945   1.00 41.95 ? 64  ARG A C   1 
ATOM   98   O  O   . ARG A 1 64  ? 3.500   -11.935 8.921   1.00 42.06 ? 64  ARG A O   1 
ATOM   99   C  CB  A ARG A 1 64  ? 4.736   -13.006 6.177   0.50 42.06 ? 64  ARG A CB  1 
ATOM   100  C  CB  B ARG A 1 64  ? 4.743   -13.037 6.177   0.50 41.98 ? 64  ARG A CB  1 
ATOM   101  C  CG  A ARG A 1 64  ? 5.298   -13.964 5.123   0.50 42.44 ? 64  ARG A CG  1 
ATOM   102  C  CG  B ARG A 1 64  ? 5.692   -14.046 5.546   0.50 42.07 ? 64  ARG A CG  1 
ATOM   103  C  CD  A ARG A 1 64  ? 6.147   -15.083 5.716   0.50 43.00 ? 64  ARG A CD  1 
ATOM   104  C  CD  B ARG A 1 64  ? 6.769   -13.360 4.737   0.50 41.88 ? 64  ARG A CD  1 
ATOM   105  N  NE  A ARG A 1 64  ? 6.074   -16.297 4.903   0.50 43.34 ? 64  ARG A NE  1 
ATOM   106  N  NE  B ARG A 1 64  ? 7.886   -12.929 5.567   0.50 41.92 ? 64  ARG A NE  1 
ATOM   107  C  CZ  A ARG A 1 64  ? 6.899   -16.577 3.900   0.50 43.26 ? 64  ARG A CZ  1 
ATOM   108  C  CZ  B ARG A 1 64  ? 8.812   -12.060 5.173   0.50 42.04 ? 64  ARG A CZ  1 
ATOM   109  N  NH1 A ARG A 1 64  ? 7.874   -15.732 3.585   0.50 43.20 ? 64  ARG A NH1 1 
ATOM   110  N  NH1 B ARG A 1 64  ? 8.739   -11.519 3.964   0.50 41.75 ? 64  ARG A NH1 1 
ATOM   111  N  NH2 A ARG A 1 64  ? 6.753   -17.704 3.216   0.50 43.58 ? 64  ARG A NH2 1 
ATOM   112  N  NH2 B ARG A 1 64  ? 9.803   -11.729 5.992   0.50 41.85 ? 64  ARG A NH2 1 
ATOM   113  N  N   . LEU A 1 65  ? 1.828   -12.260 7.438   1.00 41.80 ? 65  LEU A N   1 
ATOM   114  C  CA  . LEU A 1 65  ? 1.002   -11.159 7.935   1.00 41.63 ? 65  LEU A CA  1 
ATOM   115  C  C   . LEU A 1 65  ? 0.149   -11.527 9.143   1.00 41.18 ? 65  LEU A C   1 
ATOM   116  O  O   . LEU A 1 65  ? -0.091  -10.685 10.011  1.00 41.12 ? 65  LEU A O   1 
ATOM   117  C  CB  . LEU A 1 65  ? 0.101   -10.602 6.817   1.00 41.82 ? 65  LEU A CB  1 
ATOM   118  C  CG  . LEU A 1 65  ? -0.847  -9.465  7.229   1.00 42.15 ? 65  LEU A CG  1 
ATOM   119  C  CD1 . LEU A 1 65  ? -0.103  -8.140  7.344   1.00 42.09 ? 65  LEU A CD1 1 
ATOM   120  C  CD2 . LEU A 1 65  ? -2.034  -9.346  6.289   1.00 42.92 ? 65  LEU A CD2 1 
ATOM   121  N  N   . ARG A 1 66  ? -0.343  -12.764 9.191   1.00 40.98 ? 66  ARG A N   1 
ATOM   122  C  CA  . ARG A 1 66  ? -1.268  -13.134 10.272  1.00 40.28 ? 66  ARG A CA  1 
ATOM   123  C  C   . ARG A 1 66  ? -0.561  -13.182 11.614  1.00 39.47 ? 66  ARG A C   1 
ATOM   124  O  O   . ARG A 1 66  ? 0.438   -13.885 11.783  1.00 39.95 ? 66  ARG A O   1 
ATOM   125  C  CB  . ARG A 1 66  ? -2.062  -14.409 9.960   1.00 40.62 ? 66  ARG A CB  1 
ATOM   126  C  CG  . ARG A 1 66  ? -3.064  -14.190 8.828   0.20 40.47 ? 66  ARG A CG  1 
ATOM   127  C  CD  . ARG A 1 66  ? -4.435  -14.764 9.116   0.20 40.68 ? 66  ARG A CD  1 
ATOM   128  N  NE  . ARG A 1 66  ? -5.463  -14.019 8.392   0.20 40.60 ? 66  ARG A NE  1 
ATOM   129  C  CZ  . ARG A 1 66  ? -5.245  -12.868 7.762   0.20 40.39 ? 66  ARG A CZ  1 
ATOM   130  N  NH1 . ARG A 1 66  ? -4.034  -12.324 7.771   0.20 40.24 ? 66  ARG A NH1 1 
ATOM   131  N  NH2 . ARG A 1 66  ? -6.234  -12.255 7.127   0.20 39.97 ? 66  ARG A NH2 1 
ATOM   132  N  N   . GLY A 1 67  ? -1.074  -12.392 12.551  1.00 38.55 ? 67  GLY A N   1 
ATOM   133  C  CA  . GLY A 1 67  ? -0.406  -12.153 13.827  1.00 37.18 ? 67  GLY A CA  1 
ATOM   134  C  C   . GLY A 1 67  ? 0.585   -10.997 13.798  1.00 36.24 ? 67  GLY A C   1 
ATOM   135  O  O   . GLY A 1 67  ? 1.181   -10.665 14.831  1.00 36.35 ? 67  GLY A O   1 
ATOM   136  N  N   . ALA A 1 68  ? 0.767   -10.385 12.624  1.00 34.53 ? 68  ALA A N   1 
ATOM   137  C  CA  . ALA A 1 68  ? 1.728   -9.286  12.459  1.00 33.18 ? 68  ALA A CA  1 
ATOM   138  C  C   . ALA A 1 68  ? 1.102   -7.986  11.927  1.00 32.30 ? 68  ALA A C   1 
ATOM   139  O  O   . ALA A 1 68  ? 1.821   -7.070  11.548  1.00 32.08 ? 68  ALA A O   1 
ATOM   140  C  CB  . ALA A 1 68  ? 2.901   -9.722  11.571  1.00 33.12 ? 68  ALA A CB  1 
ATOM   141  N  N   . GLN A 1 69  ? -0.227  -7.900  11.912  1.00 31.24 ? 69  GLN A N   1 
ATOM   142  C  CA  . GLN A 1 69  ? -0.907  -6.666  11.493  1.00 30.46 ? 69  GLN A CA  1 
ATOM   143  C  C   . GLN A 1 69  ? -0.626  -5.520  12.458  1.00 29.54 ? 69  GLN A C   1 
ATOM   144  O  O   . GLN A 1 69  ? -0.547  -5.713  13.668  1.00 28.98 ? 69  GLN A O   1 
ATOM   145  C  CB  . GLN A 1 69  ? -2.418  -6.873  11.336  1.00 30.18 ? 69  GLN A CB  1 
ATOM   146  C  CG  . GLN A 1 69  ? -2.825  -7.482  9.994   1.00 32.47 ? 69  GLN A CG  1 
ATOM   147  C  CD  . GLN A 1 69  ? -4.227  -7.064  9.551   1.00 33.95 ? 69  GLN A CD  1 
ATOM   148  O  OE1 . GLN A 1 69  ? -5.178  -7.072  10.343  1.00 34.71 ? 69  GLN A OE1 1 
ATOM   149  N  NE2 . GLN A 1 69  ? -4.359  -6.700  8.280   1.00 34.04 ? 69  GLN A NE2 1 
ATOM   150  N  N   . ALA A 1 70  ? -0.449  -4.328  11.914  1.00 28.12 ? 70  ALA A N   1 
ATOM   151  C  CA  . ALA A 1 70  ? -0.235  -3.148  12.740  1.00 28.12 ? 70  ALA A CA  1 
ATOM   152  C  C   . ALA A 1 70  ? -1.526  -2.848  13.499  1.00 28.02 ? 70  ALA A C   1 
ATOM   153  O  O   . ALA A 1 70  ? -2.612  -3.259  13.074  1.00 27.64 ? 70  ALA A O   1 
ATOM   154  C  CB  . ALA A 1 70  ? 0.169   -1.971  11.871  1.00 27.94 ? 70  ALA A CB  1 
ATOM   155  N  N   . ASP A 1 71  ? -1.403  -2.162  14.628  1.00 28.06 ? 71  ASP A N   1 
ATOM   156  C  CA  . ASP A 1 71  ? -2.565  -1.670  15.367  1.00 27.94 ? 71  ASP A CA  1 
ATOM   157  C  C   . ASP A 1 71  ? -3.375  -0.703  14.493  1.00 28.72 ? 71  ASP A C   1 
ATOM   158  O  O   . ASP A 1 71  ? -2.801  0.025   13.673  1.00 28.48 ? 71  ASP A O   1 
ATOM   159  C  CB  . ASP A 1 71  ? -2.102  -0.940  16.629  1.00 28.04 ? 71  ASP A CB  1 
ATOM   160  C  CG  . ASP A 1 71  ? -1.164  0.224   16.317  1.00 26.09 ? 71  ASP A CG  1 
ATOM   161  O  OD1 . ASP A 1 71  ? -0.071  -0.031  15.758  1.00 24.25 ? 71  ASP A OD1 1 
ATOM   162  O  OD2 . ASP A 1 71  ? -1.513  1.381   16.632  1.00 24.69 ? 71  ASP A OD2 1 
ATOM   163  N  N   . PRO A 1 72  ? -4.709  -0.673  14.679  1.00 29.00 ? 72  PRO A N   1 
ATOM   164  C  CA  . PRO A 1 72  ? -5.577  0.252   13.950  1.00 28.97 ? 72  PRO A CA  1 
ATOM   165  C  C   . PRO A 1 72  ? -5.130  1.715   14.072  1.00 28.95 ? 72  PRO A C   1 
ATOM   166  O  O   . PRO A 1 72  ? -5.349  2.508   13.149  1.00 28.46 ? 72  PRO A O   1 
ATOM   167  C  CB  . PRO A 1 72  ? -6.937  0.060   14.638  1.00 29.45 ? 72  PRO A CB  1 
ATOM   168  C  CG  . PRO A 1 72  ? -6.879  -1.304  15.205  1.00 29.48 ? 72  PRO A CG  1 
ATOM   169  C  CD  . PRO A 1 72  ? -5.472  -1.472  15.662  1.00 29.22 ? 72  PRO A CD  1 
ATOM   170  N  N   . GLY A 1 73  ? -4.484  2.051   15.191  1.00 28.85 ? 73  GLY A N   1 
ATOM   171  C  CA  . GLY A 1 73  ? -3.982  3.396   15.440  1.00 28.33 ? 73  GLY A CA  1 
ATOM   172  C  C   . GLY A 1 73  ? -2.923  3.875   14.456  1.00 28.39 ? 73  GLY A C   1 
ATOM   173  O  O   . GLY A 1 73  ? -2.655  5.081   14.376  1.00 28.57 ? 73  GLY A O   1 
ATOM   174  N  N   . LEU A 1 74  ? -2.324  2.953   13.699  1.00 27.94 ? 74  LEU A N   1 
ATOM   175  C  CA  . LEU A 1 74  ? -1.365  3.357   12.655  1.00 28.19 ? 74  LEU A CA  1 
ATOM   176  C  C   . LEU A 1 74  ? -2.039  4.209   11.576  1.00 28.63 ? 74  LEU A C   1 
ATOM   177  O  O   . LEU A 1 74  ? -1.398  5.076   10.976  1.00 28.52 ? 74  LEU A O   1 
ATOM   178  C  CB  . LEU A 1 74  ? -0.639  2.159   12.035  1.00 28.04 ? 74  LEU A CB  1 
ATOM   179  C  CG  . LEU A 1 74  ? 0.506   2.453   11.046  1.00 27.33 ? 74  LEU A CG  1 
ATOM   180  C  CD1 . LEU A 1 74  ? 1.570   3.343   11.662  1.00 26.63 ? 74  LEU A CD1 1 
ATOM   181  C  CD2 . LEU A 1 74  ? 1.131   1.172   10.502  1.00 27.07 ? 74  LEU A CD2 1 
ATOM   182  N  N   . ARG A 1 75  ? -3.333  3.970   11.339  1.00 29.35 ? 75  ARG A N   1 
ATOM   183  C  CA  . ARG A 1 75  ? -4.102  4.809   10.408  1.00 29.67 ? 75  ARG A CA  1 
ATOM   184  C  C   . ARG A 1 75  ? -4.105  6.252   10.857  1.00 30.18 ? 75  ARG A C   1 
ATOM   185  O  O   . ARG A 1 75  ? -3.980  7.154   10.034  1.00 30.54 ? 75  ARG A O   1 
ATOM   186  C  CB  . ARG A 1 75  ? -5.542  4.327   10.267  1.00 30.09 ? 75  ARG A CB  1 
ATOM   187  C  CG  . ARG A 1 75  ? -5.651  3.064   9.479   1.00 30.31 ? 75  ARG A CG  1 
ATOM   188  C  CD  . ARG A 1 75  ? -7.068  2.819   8.966   1.00 32.01 ? 75  ARG A CD  1 
ATOM   189  N  NE  . ARG A 1 75  ? -7.048  1.639   8.103   1.00 34.35 ? 75  ARG A NE  1 
ATOM   190  C  CZ  . ARG A 1 75  ? -7.083  0.386   8.550   1.00 35.29 ? 75  ARG A CZ  1 
ATOM   191  N  NH1 . ARG A 1 75  ? -7.162  0.148   9.856   1.00 35.80 ? 75  ARG A NH1 1 
ATOM   192  N  NH2 . ARG A 1 75  ? -7.042  -0.629  7.694   1.00 33.99 ? 75  ARG A NH2 1 
ATOM   193  N  N   . ASN A 1 76  ? -4.265  6.456   12.166  1.00 30.48 ? 76  ASN A N   1 
ATOM   194  C  CA  . ASN A 1 76  ? -4.255  7.785   12.767  1.00 30.99 ? 76  ASN A CA  1 
ATOM   195  C  C   . ASN A 1 76  ? -2.896  8.449   12.617  1.00 30.33 ? 76  ASN A C   1 
ATOM   196  O  O   . ASN A 1 76  ? -2.812  9.601   12.186  1.00 29.91 ? 76  ASN A O   1 
ATOM   197  C  CB  . ASN A 1 76  ? -4.651  7.738   14.253  1.00 31.66 ? 76  ASN A CB  1 
ATOM   198  C  CG  . ASN A 1 76  ? -6.153  7.520   14.472  1.00 34.89 ? 76  ASN A CG  1 
ATOM   199  O  OD1 . ASN A 1 76  ? -6.721  8.031   15.444  1.00 38.19 ? 76  ASN A OD1 1 
ATOM   200  N  ND2 . ASN A 1 76  ? -6.796  6.752   13.584  1.00 37.72 ? 76  ASN A ND2 1 
ATOM   201  N  N   . ASP A 1 77  ? -1.837  7.716   12.967  1.00 29.85 ? 77  ASP A N   1 
ATOM   202  C  CA  . ASP A 1 77  ? -0.480  8.241   12.861  1.00 29.62 ? 77  ASP A CA  1 
ATOM   203  C  C   . ASP A 1 77  ? -0.148  8.588   11.407  1.00 29.02 ? 77  ASP A C   1 
ATOM   204  O  O   . ASP A 1 77  ? 0.456   9.635   11.135  1.00 29.34 ? 77  ASP A O   1 
ATOM   205  C  CB  . ASP A 1 77  ? 0.553   7.271   13.463  1.00 29.63 ? 77  ASP A CB  1 
ATOM   206  C  CG  . ASP A 1 77  ? 0.475   7.194   14.987  1.00 30.38 ? 77  ASP A CG  1 
ATOM   207  O  OD1 . ASP A 1 77  ? -0.427  7.838   15.564  1.00 31.64 ? 77  ASP A OD1 1 
ATOM   208  O  OD2 . ASP A 1 77  ? 1.297   6.470   15.614  1.00 31.01 ? 77  ASP A OD2 1 
ATOM   209  N  N   . LEU A 1 78  ? -0.548  7.728   10.473  1.00 28.64 ? 78  LEU A N   1 
ATOM   210  C  CA  . LEU A 1 78  ? -0.294  7.999   9.057   1.00 28.51 ? 78  LEU A CA  1 
ATOM   211  C  C   . LEU A 1 78  ? -1.129  9.172   8.489   1.00 28.96 ? 78  LEU A C   1 
ATOM   212  O  O   . LEU A 1 78  ? -0.670  9.872   7.585   1.00 28.56 ? 78  LEU A O   1 
ATOM   213  C  CB  . LEU A 1 78  ? -0.379  6.726   8.187   1.00 28.32 ? 78  LEU A CB  1 
ATOM   214  C  CG  . LEU A 1 78  ? 0.643   5.594   8.445   1.00 27.20 ? 78  LEU A CG  1 
ATOM   215  C  CD1 . LEU A 1 78  ? 0.401   4.405   7.530   1.00 24.89 ? 78  LEU A CD1 1 
ATOM   216  C  CD2 . LEU A 1 78  ? 2.137   6.027   8.355   1.00 25.16 ? 78  LEU A CD2 1 
ATOM   217  N  N   . ALA A 1 79  ? -2.330  9.408   9.024   1.00 29.28 ? 79  ALA A N   1 
ATOM   218  C  CA  . ALA A 1 79  ? -3.101  10.600  8.618   1.00 29.52 ? 79  ALA A CA  1 
ATOM   219  C  C   . ALA A 1 79  ? -2.331  11.893  8.954   1.00 29.90 ? 79  ALA A C   1 
ATOM   220  O  O   . ALA A 1 79  ? -2.284  12.839  8.160   1.00 30.23 ? 79  ALA A O   1 
ATOM   221  C  CB  . ALA A 1 79  ? -4.480  10.596  9.263   1.00 29.55 ? 79  ALA A CB  1 
ATOM   222  N  N   . VAL A 1 80  ? -1.703  11.903  10.129  1.00 30.14 ? 80  VAL A N   1 
ATOM   223  C  CA  . VAL A 1 80  ? -0.895  13.026  10.598  1.00 30.48 ? 80  VAL A CA  1 
ATOM   224  C  C   . VAL A 1 80  ? 0.406   13.178  9.798   1.00 29.94 ? 80  VAL A C   1 
ATOM   225  O  O   . VAL A 1 80  ? 0.769   14.294  9.406   1.00 30.74 ? 80  VAL A O   1 
ATOM   226  C  CB  . VAL A 1 80  ? -0.586  12.899  12.120  1.00 30.35 ? 80  VAL A CB  1 
ATOM   227  C  CG1 . VAL A 1 80  ? 0.451   13.922  12.571  1.00 30.58 ? 80  VAL A CG1 1 
ATOM   228  C  CG2 . VAL A 1 80  ? -1.859  13.044  12.942  1.00 31.67 ? 80  VAL A CG2 1 
ATOM   229  N  N   . LEU A 1 81  ? 1.079   12.053  9.530   1.00 29.49 ? 81  LEU A N   1 
ATOM   230  C  CA  . LEU A 1 81  ? 2.426   12.049  8.918   1.00 28.87 ? 81  LEU A CA  1 
ATOM   231  C  C   . LEU A 1 81  ? 2.487   11.978  7.376   1.00 28.99 ? 81  LEU A C   1 
ATOM   232  O  O   . LEU A 1 81  ? 3.465   12.440  6.764   1.00 28.90 ? 81  LEU A O   1 
ATOM   233  C  CB  . LEU A 1 81  ? 3.271   10.932  9.532   1.00 28.90 ? 81  LEU A CB  1 
ATOM   234  C  CG  . LEU A 1 81  ? 3.435   11.054  11.057  1.00 29.24 ? 81  LEU A CG  1 
ATOM   235  C  CD1 . LEU A 1 81  ? 3.789   9.732   11.723  1.00 29.60 ? 81  LEU A CD1 1 
ATOM   236  C  CD2 . LEU A 1 81  ? 4.462   12.101  11.398  1.00 28.36 ? 81  LEU A CD2 1 
ATOM   237  N  N   . ALA A 1 82  ? 1.457   11.398  6.761   1.00 28.86 ? 82  ALA A N   1 
ATOM   238  C  CA  . ALA A 1 82  ? 1.442   11.145  5.317   1.00 28.97 ? 82  ALA A CA  1 
ATOM   239  C  C   . ALA A 1 82  ? 0.025   11.233  4.736   1.00 29.18 ? 82  ALA A C   1 
ATOM   240  O  O   . ALA A 1 82  ? -0.298  10.561  3.735   1.00 28.69 ? 82  ALA A O   1 
ATOM   241  C  CB  . ALA A 1 82  ? 2.062   9.770   5.021   1.00 28.99 ? 82  ALA A CB  1 
ATOM   242  N  N   . GLY A 1 83  ? -0.817  12.054  5.373   1.00 29.49 ? 83  GLY A N   1 
ATOM   243  C  CA  . GLY A 1 83  ? -2.227  12.192  4.984   1.00 30.75 ? 83  GLY A CA  1 
ATOM   244  C  C   . GLY A 1 83  ? -2.459  13.306  3.977   1.00 31.13 ? 83  GLY A C   1 
ATOM   245  O  O   . GLY A 1 83  ? -3.595  13.574  3.576   1.00 31.95 ? 83  GLY A O   1 
ATOM   246  N  N   . ASP A 1 84  ? -1.374  13.946  3.562   1.00 31.63 ? 84  ASP A N   1 
ATOM   247  C  CA  . ASP A 1 84  ? -1.413  15.002  2.549   1.00 31.59 ? 84  ASP A CA  1 
ATOM   248  C  C   . ASP A 1 84  ? -1.955  14.493  1.215   1.00 31.34 ? 84  ASP A C   1 
ATOM   249  O  O   . ASP A 1 84  ? -1.470  13.498  0.693   1.00 31.30 ? 84  ASP A O   1 
ATOM   250  C  CB  . ASP A 1 84  ? -0.018  15.600  2.366   1.00 31.53 ? 84  ASP A CB  1 
ATOM   251  C  CG  . ASP A 1 84  ? 1.048   14.549  2.050   0.20 31.48 ? 84  ASP A CG  1 
ATOM   252  O  OD1 . ASP A 1 84  ? 1.038   13.462  2.672   0.20 31.53 ? 84  ASP A OD1 1 
ATOM   253  O  OD2 . ASP A 1 84  ? 1.904   14.816  1.181   0.20 30.99 ? 84  ASP A OD2 1 
ATOM   254  N  N   . THR A 1 85  ? -2.958  15.193  0.682   1.00 31.19 ? 85  THR A N   1 
ATOM   255  C  CA  . THR A 1 85  ? -3.638  14.791  -0.559  1.00 30.79 ? 85  THR A CA  1 
ATOM   256  C  C   . THR A 1 85  ? -3.121  15.575  -1.773  1.00 30.06 ? 85  THR A C   1 
ATOM   257  O  O   . THR A 1 85  ? -2.263  16.459  -1.649  1.00 30.15 ? 85  THR A O   1 
ATOM   258  C  CB  . THR A 1 85  ? -5.193  14.929  -0.462  1.00 31.16 ? 85  THR A CB  1 
ATOM   259  O  OG1 . THR A 1 85  ? -5.569  16.309  -0.587  1.00 32.39 ? 85  THR A OG1 1 
ATOM   260  C  CG2 . THR A 1 85  ? -5.728  14.371  0.864   1.00 31.21 ? 85  THR A CG2 1 
ATOM   261  N  N   . THR A 1 86  ? -3.645  15.239  -2.948  1.00 28.42 ? 86  THR A N   1 
ATOM   262  C  CA  . THR A 1 86  ? -3.237  15.904  -4.177  1.00 27.24 ? 86  THR A CA  1 
ATOM   263  C  C   . THR A 1 86  ? -3.733  17.349  -4.175  0.50 27.15 ? 86  THR A C   1 
ATOM   264  O  O   . THR A 1 86  ? -3.092  18.231  -4.752  0.50 26.63 ? 86  THR A O   1 
ATOM   265  C  CB  . THR A 1 86  ? -3.717  15.136  -5.437  0.50 26.90 ? 86  THR A CB  1 
ATOM   266  O  OG1 . THR A 1 86  ? -5.098  14.777  -5.308  0.50 23.94 ? 86  THR A OG1 1 
ATOM   267  C  CG2 . THR A 1 86  ? -2.878  13.885  -5.646  0.50 24.55 ? 86  THR A CG2 1 
ATOM   268  N  N   . PRO B 2 20  ? -6.468  -11.671 -10.441 1.00 33.10 ? 20  PRO B N   1 
ATOM   269  C  CA  . PRO B 2 20  ? -5.332  -11.605 -11.357 1.00 32.24 ? 20  PRO B CA  1 
ATOM   270  C  C   . PRO B 2 20  ? -4.196  -12.466 -10.828 1.00 31.13 ? 20  PRO B C   1 
ATOM   271  O  O   . PRO B 2 20  ? -4.272  -12.936 -9.694  1.00 31.66 ? 20  PRO B O   1 
ATOM   272  C  CB  . PRO B 2 20  ? -4.946  -10.117 -11.330 1.00 32.80 ? 20  PRO B CB  1 
ATOM   273  C  CG  . PRO B 2 20  ? -5.503  -9.602  -10.047 1.00 33.45 ? 20  PRO B CG  1 
ATOM   274  C  CD  . PRO B 2 20  ? -6.773  -10.358 -9.847  1.00 33.14 ? 20  PRO B CD  1 
ATOM   275  N  N   . ALA B 2 21  ? -3.161  -12.673 -11.640 1.00 29.65 ? 21  ALA B N   1 
ATOM   276  C  CA  . ALA B 2 21  ? -2.004  -13.470 -11.231 1.00 28.08 ? 21  ALA B CA  1 
ATOM   277  C  C   . ALA B 2 21  ? -1.204  -12.803 -10.104 1.00 26.85 ? 21  ALA B C   1 
ATOM   278  O  O   . ALA B 2 21  ? -0.753  -13.467 -9.168  1.00 26.50 ? 21  ALA B O   1 
ATOM   279  C  CB  . ALA B 2 21  ? -1.106  -13.747 -12.436 1.00 28.22 ? 21  ALA B CB  1 
ATOM   280  N  N   . ALA B 2 22  ? -1.033  -11.486 -10.198 1.00 24.77 ? 22  ALA B N   1 
ATOM   281  C  CA  . ALA B 2 22  ? -0.210  -10.745 -9.237  1.00 22.45 ? 22  ALA B CA  1 
ATOM   282  C  C   . ALA B 2 22  ? -0.860  -9.412  -8.849  1.00 20.76 ? 22  ALA B C   1 
ATOM   283  O  O   . ALA B 2 22  ? -1.738  -8.900  -9.552  1.00 20.39 ? 22  ALA B O   1 
ATOM   284  C  CB  . ALA B 2 22  ? 1.176   -10.520 -9.799  1.00 23.63 ? 22  ALA B CB  1 
ATOM   285  N  N   . GLY B 2 23  ? -0.452  -8.872  -7.715  1.00 18.74 ? 23  GLY B N   1 
ATOM   286  C  CA  . GLY B 2 23  ? -0.934  -7.560  -7.313  1.00 17.17 ? 23  GLY B CA  1 
ATOM   287  C  C   . GLY B 2 23  ? 0.013   -6.854  -6.360  1.00 15.13 ? 23  GLY B C   1 
ATOM   288  O  O   . GLY B 2 23  ? 0.948   -7.453  -5.824  1.00 15.37 ? 23  GLY B O   1 
ATOM   289  N  N   . VAL B 2 24  ? -0.257  -5.574  -6.153  1.00 13.69 ? 24  VAL B N   1 
ATOM   290  C  CA  . VAL B 2 24  ? 0.572   -4.715  -5.316  1.00 12.23 ? 24  VAL B CA  1 
ATOM   291  C  C   . VAL B 2 24  ? -0.187  -4.265  -4.077  1.00 11.76 ? 24  VAL B C   1 
ATOM   292  O  O   . VAL B 2 24  ? -1.179  -3.562  -4.194  1.00 12.35 ? 24  VAL B O   1 
ATOM   293  C  CB  . VAL B 2 24  ? 1.026   -3.460  -6.123  1.00 12.02 ? 24  VAL B CB  1 
ATOM   294  C  CG1 . VAL B 2 24  ? 1.835   -2.531  -5.221  1.00 10.23 ? 24  VAL B CG1 1 
ATOM   295  C  CG2 . VAL B 2 24  ? 1.801   -3.878  -7.355  1.00 10.31 ? 24  VAL B CG2 1 
ATOM   296  N  N   . LEU B 2 25  ? 0.271   -4.688  -2.892  1.00 11.41 ? 25  LEU B N   1 
ATOM   297  C  CA  . LEU B 2 25  ? -0.355  -4.324  -1.623  1.00 11.93 ? 25  LEU B CA  1 
ATOM   298  C  C   . LEU B 2 25  ? -0.031  -2.885  -1.266  1.00 12.82 ? 25  LEU B C   1 
ATOM   299  O  O   . LEU B 2 25  ? 1.115   -2.461  -1.425  1.00 11.39 ? 25  LEU B O   1 
ATOM   300  C  CB  . LEU B 2 25  ? 0.161   -5.246  -0.506  1.00 12.41 ? 25  LEU B CB  1 
ATOM   301  C  CG  . LEU B 2 25  ? 0.104   -6.738  -0.839  1.00 13.12 ? 25  LEU B CG  1 
ATOM   302  C  CD1 . LEU B 2 25  ? 0.949   -7.534  0.160   1.00 16.01 ? 25  LEU B CD1 1 
ATOM   303  C  CD2 . LEU B 2 25  ? -1.373  -7.203  -0.865  1.00 15.16 ? 25  LEU B CD2 1 
ATOM   304  N  N   . ASP B 2 26  ? -1.040  -2.144  -0.811  1.00 12.84 ? 26  ASP B N   1 
ATOM   305  C  CA  . ASP B 2 26  ? -0.830  -0.805  -0.275  1.00 14.25 ? 26  ASP B CA  1 
ATOM   306  C  C   . ASP B 2 26  ? -0.565  -0.929  1.223   1.00 14.50 ? 26  ASP B C   1 
ATOM   307  O  O   . ASP B 2 26  ? -0.479  -2.052  1.737   1.00 15.74 ? 26  ASP B O   1 
ATOM   308  C  CB  . ASP B 2 26  ? -2.027  0.093   -0.585  1.00 14.55 ? 26  ASP B CB  1 
ATOM   309  C  CG  . ASP B 2 26  ? -3.195  -0.117  0.380   1.00 16.15 ? 26  ASP B CG  1 
ATOM   310  O  OD1 . ASP B 2 26  ? -3.303  -1.214  0.966   1.00 18.12 ? 26  ASP B OD1 1 
ATOM   311  O  OD2 . ASP B 2 26  ? -3.977  0.837   0.575   1.00 17.64 ? 26  ASP B OD2 1 
ATOM   312  N  N   . THR B 2 27  ? -0.482  0.187   1.941   1.00 13.88 ? 27  THR B N   1 
ATOM   313  C  CA  . THR B 2 27  ? -0.186  0.119   3.376   1.00 14.03 ? 27  THR B CA  1 
ATOM   314  C  C   . THR B 2 27  ? -1.352  -0.413  4.218   1.00 14.30 ? 27  THR B C   1 
ATOM   315  O  O   . THR B 2 27  ? -1.133  -1.130  5.194   1.00 13.52 ? 27  THR B O   1 
ATOM   316  C  CB  . THR B 2 27  ? 0.299   1.487   3.898   1.00 14.34 ? 27  THR B CB  1 
ATOM   317  O  OG1 . THR B 2 27  ? 1.368   1.938   3.045   1.00 12.97 ? 27  THR B OG1 1 
ATOM   318  C  CG2 . THR B 2 27  ? 0.811   1.367   5.306   1.00 14.62 ? 27  THR B CG2 1 
ATOM   319  N  N   . SER B 2 28  ? -2.585  -0.071  3.825   1.00 14.01 ? 28  SER B N   1 
ATOM   320  C  CA  . SER B 2 28  ? -3.780  -0.426  4.589   1.00 15.48 ? 28  SER B CA  1 
ATOM   321  C  C   . SER B 2 28  ? -3.990  -1.936  4.799   1.00 15.74 ? 28  SER B C   1 
ATOM   322  O  O   . SER B 2 28  ? -4.520  -2.352  5.837   1.00 17.19 ? 28  SER B O   1 
ATOM   323  C  CB  . SER B 2 28  ? -5.033  0.223   3.955   1.00 14.87 ? 28  SER B CB  1 
ATOM   324  O  OG  . SER B 2 28  ? -5.379  -0.434  2.755   1.00 14.69 ? 28  SER B OG  1 
ATOM   325  N  N   . VAL B 2 29  ? -3.548  -2.760  3.855   1.00 15.99 ? 29  VAL B N   1 
ATOM   326  C  CA  . VAL B 2 29  ? -3.658  -4.225  4.005   1.00 16.98 ? 29  VAL B CA  1 
ATOM   327  C  C   . VAL B 2 29  ? -2.837  -4.730  5.215   1.00 17.48 ? 29  VAL B C   1 
ATOM   328  O  O   . VAL B 2 29  ? -3.191  -5.743  5.838   1.00 17.53 ? 29  VAL B O   1 
ATOM   329  C  CB  A VAL B 2 29  ? -3.287  -5.030  2.719   0.50 16.68 ? 29  VAL B CB  1 
ATOM   330  C  CB  B VAL B 2 29  ? -3.174  -4.931  2.690   0.50 16.93 ? 29  VAL B CB  1 
ATOM   331  C  CG1 A VAL B 2 29  ? -4.203  -4.659  1.558   0.50 17.24 ? 29  VAL B CG1 1 
ATOM   332  C  CG1 B VAL B 2 29  ? -3.116  -6.450  2.822   0.50 17.16 ? 29  VAL B CG1 1 
ATOM   333  C  CG2 A VAL B 2 29  ? -1.823  -4.845  2.338   0.50 15.53 ? 29  VAL B CG2 1 
ATOM   334  C  CG2 B VAL B 2 29  ? -4.061  -4.544  1.513   0.50 17.53 ? 29  VAL B CG2 1 
ATOM   335  N  N   . PHE B 2 30  ? -1.742  -4.027  5.541   1.00 17.37 ? 30  PHE B N   1 
ATOM   336  C  CA  . PHE B 2 30  ? -0.868  -4.419  6.656   1.00 17.73 ? 30  PHE B CA  1 
ATOM   337  C  C   . PHE B 2 30  ? -1.435  -4.015  8.022   1.00 18.83 ? 30  PHE B C   1 
ATOM   338  O  O   . PHE B 2 30  ? -0.974  -4.497  9.061   1.00 19.63 ? 30  PHE B O   1 
ATOM   339  C  CB  . PHE B 2 30  ? 0.564   -3.836  6.478   1.00 16.63 ? 30  PHE B CB  1 
ATOM   340  C  CG  . PHE B 2 30  ? 1.313   -4.434  5.352   1.00 13.52 ? 30  PHE B CG  1 
ATOM   341  C  CD1 . PHE B 2 30  ? 2.117   -5.553  5.554   1.00 13.51 ? 30  PHE B CD1 1 
ATOM   342  C  CD2 . PHE B 2 30  ? 1.216   -3.897  4.058   1.00 12.23 ? 30  PHE B CD2 1 
ATOM   343  C  CE1 . PHE B 2 30  ? 2.805   -6.124  4.504   1.00 13.22 ? 30  PHE B CE1 1 
ATOM   344  C  CE2 . PHE B 2 30  ? 1.890   -4.466  3.008   1.00 13.36 ? 30  PHE B CE2 1 
ATOM   345  C  CZ  . PHE B 2 30  ? 2.702   -5.581  3.209   1.00 15.35 ? 30  PHE B CZ  1 
ATOM   346  N  N   . ILE B 2 31  ? -2.437  -3.145  8.023   1.00 20.41 ? 31  ILE B N   1 
ATOM   347  C  CA  . ILE B 2 31  ? -3.022  -2.618  9.251   1.00 21.81 ? 31  ILE B CA  1 
ATOM   348  C  C   . ILE B 2 31  ? -4.326  -3.346  9.632   1.00 23.33 ? 31  ILE B C   1 
ATOM   349  O  O   . ILE B 2 31  ? -5.125  -3.688  8.761   1.00 24.50 ? 31  ILE B O   1 
ATOM   350  C  CB  . ILE B 2 31  ? -3.252  -1.095  9.139   1.00 21.36 ? 31  ILE B CB  1 
ATOM   351  C  CG1 . ILE B 2 31  ? -1.974  -0.398  8.648   1.00 22.07 ? 31  ILE B CG1 1 
ATOM   352  C  CG2 . ILE B 2 31  ? -3.701  -0.507  10.484  1.00 22.19 ? 31  ILE B CG2 1 
ATOM   353  C  CD1 . ILE B 2 31  ? -2.134  1.101   8.367   1.00 23.95 ? 31  ILE B CD1 1 
ATOM   354  N  N   . ALA B 2 32  ? -4.522  -3.614  10.925  1.00 23.75 ? 32  ALA B N   1 
ATOM   355  C  CA  . ALA B 2 32  ? -5.800  -4.199  11.412  1.00 24.62 ? 32  ALA B CA  1 
ATOM   356  C  C   . ALA B 2 32  ? -6.951  -3.187  11.299  1.00 25.00 ? 32  ALA B C   1 
ATOM   357  O  O   . ALA B 2 32  ? -6.781  -1.996  11.618  1.00 25.57 ? 32  ALA B O   1 
ATOM   358  C  CB  . ALA B 2 32  ? -5.669  -4.702  12.874  1.00 24.23 ? 32  ALA B CB  1 
ATOM   359  N  N   . GLN B 2 38  ? -10.798 -8.880  9.490   1.00 37.11 ? 38  GLN B N   1 
ATOM   360  C  CA  . GLN B 2 38  ? -10.067 -9.758  8.570   1.00 37.33 ? 38  GLN B CA  1 
ATOM   361  C  C   . GLN B 2 38  ? -10.193 -9.328  7.104   1.00 36.40 ? 38  GLN B C   1 
ATOM   362  O  O   . GLN B 2 38  ? -11.192 -8.728  6.714   1.00 36.80 ? 38  GLN B O   1 
ATOM   363  C  CB  . GLN B 2 38  ? -10.528 -11.206 8.705   1.00 37.71 ? 38  GLN B CB  1 
ATOM   364  C  CG  . GLN B 2 38  ? -9.566  -12.185 8.036   1.00 40.77 ? 38  GLN B CG  1 
ATOM   365  C  CD  . GLN B 2 38  ? -10.235 -13.468 7.592   1.00 44.63 ? 38  GLN B CD  1 
ATOM   366  O  OE1 . GLN B 2 38  ? -10.036 -14.525 8.197   1.00 46.65 ? 38  GLN B OE1 1 
ATOM   367  N  NE2 . GLN B 2 38  ? -11.038 -13.384 6.530   1.00 45.93 ? 38  GLN B NE2 1 
ATOM   368  N  N   . LEU B 2 39  ? -9.180  -9.656  6.299   1.00 35.32 ? 39  LEU B N   1 
ATOM   369  C  CA  . LEU B 2 39  ? -9.166  -9.292  4.883   1.00 34.08 ? 39  LEU B CA  1 
ATOM   370  C  C   . LEU B 2 39  ? -9.983  -10.270 4.058   1.00 33.23 ? 39  LEU B C   1 
ATOM   371  O  O   . LEU B 2 39  ? -10.198 -11.419 4.467   1.00 33.14 ? 39  LEU B O   1 
ATOM   372  C  CB  . LEU B 2 39  ? -7.732  -9.236  4.332   1.00 33.68 ? 39  LEU B CB  1 
ATOM   373  C  CG  . LEU B 2 39  ? -6.736  -8.360  5.091   1.00 33.68 ? 39  LEU B CG  1 
ATOM   374  C  CD1 . LEU B 2 39  ? -5.343  -8.558  4.534   1.00 33.76 ? 39  LEU B CD1 1 
ATOM   375  C  CD2 . LEU B 2 39  ? -7.144  -6.890  5.040   1.00 30.77 ? 39  LEU B CD2 1 
ATOM   376  N  N   . ASP B 2 40  ? -10.439 -9.806  2.898   1.00 31.91 ? 40  ASP B N   1 
ATOM   377  C  CA  . ASP B 2 40  ? -11.130 -10.665 1.947   1.00 31.16 ? 40  ASP B CA  1 
ATOM   378  C  C   . ASP B 2 40  ? -10.104 -11.453 1.144   1.00 30.47 ? 40  ASP B C   1 
ATOM   379  O  O   . ASP B 2 40  ? -9.722  -11.053 0.039   1.00 30.00 ? 40  ASP B O   1 
ATOM   380  C  CB  . ASP B 2 40  ? -12.016 -9.818  1.037   1.00 31.45 ? 40  ASP B CB  1 
ATOM   381  C  CG  . ASP B 2 40  ? -12.909 -10.647 0.131   1.00 32.35 ? 40  ASP B CG  1 
ATOM   382  O  OD1 . ASP B 2 40  ? -12.662 -11.864 -0.059  1.00 33.12 ? 40  ASP B OD1 1 
ATOM   383  O  OD2 . ASP B 2 40  ? -13.868 -10.054 -0.408  1.00 33.81 ? 40  ASP B OD2 1 
ATOM   384  N  N   . GLU B 2 41  ? -9.679  -12.591 1.700   1.00 30.05 ? 41  GLU B N   1 
ATOM   385  C  CA  . GLU B 2 41  ? -8.558  -13.371 1.159   1.00 29.55 ? 41  GLU B CA  1 
ATOM   386  C  C   . GLU B 2 41  ? -8.790  -13.873 -0.254  1.00 29.00 ? 41  GLU B C   1 
ATOM   387  O  O   . GLU B 2 41  ? -7.846  -13.938 -1.047  1.00 28.98 ? 41  GLU B O   1 
ATOM   388  C  CB  . GLU B 2 41  ? -8.212  -14.567 2.068   1.00 30.10 ? 41  GLU B CB  1 
ATOM   389  C  CG  . GLU B 2 41  ? -8.454  -14.355 3.569   1.00 31.15 ? 41  GLU B CG  1 
ATOM   390  C  CD  . GLU B 2 41  ? -7.296  -13.700 4.292   0.20 30.90 ? 41  GLU B CD  1 
ATOM   391  O  OE1 . GLU B 2 41  ? -7.048  -12.500 4.062   0.20 31.03 ? 41  GLU B OE1 1 
ATOM   392  O  OE2 . GLU B 2 41  ? -6.651  -14.387 5.112   0.20 31.01 ? 41  GLU B OE2 1 
ATOM   393  N  N   . ALA B 2 42  ? -10.037 -14.232 -0.567  1.00 28.07 ? 42  ALA B N   1 
ATOM   394  C  CA  . ALA B 2 42  ? -10.417 -14.717 -1.898  1.00 27.18 ? 42  ALA B CA  1 
ATOM   395  C  C   . ALA B 2 42  ? -9.990  -13.794 -3.041  1.00 26.68 ? 42  ALA B C   1 
ATOM   396  O  O   . ALA B 2 42  ? -9.712  -14.264 -4.149  1.00 26.51 ? 42  ALA B O   1 
ATOM   397  C  CB  . ALA B 2 42  ? -11.930 -14.967 -1.961  1.00 27.58 ? 42  ALA B CB  1 
ATOM   398  N  N   . LEU B 2 43  ? -9.942  -12.490 -2.766  1.00 25.85 ? 43  LEU B N   1 
ATOM   399  C  CA  . LEU B 2 43  ? -9.630  -11.473 -3.789  1.00 25.59 ? 43  LEU B CA  1 
ATOM   400  C  C   . LEU B 2 43  ? -8.147  -11.120 -3.912  1.00 25.74 ? 43  LEU B C   1 
ATOM   401  O  O   . LEU B 2 43  ? -7.756  -10.424 -4.854  1.00 25.44 ? 43  LEU B O   1 
ATOM   402  C  CB  . LEU B 2 43  ? -10.434 -10.206 -3.527  1.00 25.30 ? 43  LEU B CB  1 
ATOM   403  C  CG  . LEU B 2 43  ? -11.761 -10.002 -4.258  1.00 25.57 ? 43  LEU B CG  1 
ATOM   404  C  CD1 . LEU B 2 43  ? -12.632 -11.241 -4.312  1.00 26.51 ? 43  LEU B CD1 1 
ATOM   405  C  CD2 . LEU B 2 43  ? -12.482 -8.875  -3.575  1.00 22.75 ? 43  LEU B CD2 1 
ATOM   406  N  N   . ILE B 2 44  ? -7.330  -11.601 -2.977  1.00 26.12 ? 44  ILE B N   1 
ATOM   407  C  CA  . ILE B 2 44  ? -5.879  -11.372 -3.043  1.00 26.40 ? 44  ILE B CA  1 
ATOM   408  C  C   . ILE B 2 44  ? -5.318  -12.216 -4.181  1.00 26.62 ? 44  ILE B C   1 
ATOM   409  O  O   . ILE B 2 44  ? -5.614  -13.415 -4.269  1.00 27.68 ? 44  ILE B O   1 
ATOM   410  C  CB  . ILE B 2 44  ? -5.181  -11.683 -1.700  1.00 26.52 ? 44  ILE B CB  1 
ATOM   411  C  CG1 . ILE B 2 44  ? -5.760  -10.807 -0.589  1.00 27.79 ? 44  ILE B CG1 1 
ATOM   412  C  CG2 . ILE B 2 44  ? -3.646  -11.501 -1.808  1.00 26.09 ? 44  ILE B CG2 1 
ATOM   413  C  CD1 . ILE B 2 44  ? -5.201  -11.090 0.806   1.00 30.26 ? 44  ILE B CD1 1 
ATOM   414  N  N   . PRO B 2 45  ? -4.546  -11.598 -5.092  1.00 26.36 ? 45  PRO B N   1 
ATOM   415  C  CA  . PRO B 2 45  ? -3.928  -12.364 -6.169  1.00 26.47 ? 45  PRO B CA  1 
ATOM   416  C  C   . PRO B 2 45  ? -2.988  -13.424 -5.627  1.00 26.79 ? 45  PRO B C   1 
ATOM   417  O  O   . PRO B 2 45  ? -2.604  -13.392 -4.445  1.00 27.15 ? 45  PRO B O   1 
ATOM   418  C  CB  . PRO B 2 45  ? -3.153  -11.302 -6.961  1.00 26.24 ? 45  PRO B CB  1 
ATOM   419  C  CG  . PRO B 2 45  ? -3.868  -10.041 -6.683  1.00 25.59 ? 45  PRO B CG  1 
ATOM   420  C  CD  . PRO B 2 45  ? -4.348  -10.150 -5.269  1.00 25.70 ? 45  PRO B CD  1 
ATOM   421  N  N   . ASP B 2 46  ? -2.637  -14.360 -6.497  1.00 27.41 ? 46  ASP B N   1 
ATOM   422  C  CA  . ASP B 2 46  ? -1.792  -15.498 -6.154  1.00 28.08 ? 46  ASP B CA  1 
ATOM   423  C  C   . ASP B 2 46  ? -0.394  -15.101 -5.701  1.00 27.10 ? 46  ASP B C   1 
ATOM   424  O  O   . ASP B 2 46  ? 0.157   -15.723 -4.796  1.00 28.33 ? 46  ASP B O   1 
ATOM   425  C  CB  . ASP B 2 46  ? -1.689  -16.448 -7.353  1.00 28.85 ? 46  ASP B CB  1 
ATOM   426  C  CG  . ASP B 2 46  ? -3.011  -17.125 -7.679  1.00 32.11 ? 46  ASP B CG  1 
ATOM   427  O  OD1 . ASP B 2 46  ? -3.784  -17.440 -6.731  1.00 33.68 ? 46  ASP B OD1 1 
ATOM   428  O  OD2 . ASP B 2 46  ? -3.261  -17.341 -8.891  1.00 35.47 ? 46  ASP B OD2 1 
ATOM   429  N  N   . ARG B 2 47  ? 0.163   -14.071 -6.336  1.00 24.76 ? 47  ARG B N   1 
ATOM   430  C  CA  . ARG B 2 47  ? 1.492   -13.572 -6.013  1.00 23.10 ? 47  ARG B CA  1 
ATOM   431  C  C   . ARG B 2 47  ? 1.352   -12.100 -5.654  1.00 20.86 ? 47  ARG B C   1 
ATOM   432  O  O   . ARG B 2 47  ? 0.653   -11.382 -6.360  1.00 19.89 ? 47  ARG B O   1 
ATOM   433  C  CB  . ARG B 2 47  ? 2.410   -13.711 -7.229  1.00 23.47 ? 47  ARG B CB  1 
ATOM   434  C  CG  . ARG B 2 47  ? 2.795   -15.155 -7.599  1.00 25.51 ? 47  ARG B CG  1 
ATOM   435  C  CD  . ARG B 2 47  ? 3.640   -15.801 -6.492  1.00 27.22 ? 47  ARG B CD  1 
ATOM   436  N  NE  . ARG B 2 47  ? 4.461   -16.897 -6.999  0.20 27.54 ? 47  ARG B NE  1 
ATOM   437  C  CZ  . ARG B 2 47  ? 5.707   -16.758 -7.447  0.20 27.45 ? 47  ARG B CZ  1 
ATOM   438  N  NH1 . ARG B 2 47  ? 6.288   -15.564 -7.456  0.20 27.25 ? 47  ARG B NH1 1 
ATOM   439  N  NH2 . ARG B 2 47  ? 6.373   -17.815 -7.888  0.20 27.80 ? 47  ARG B NH2 1 
ATOM   440  N  N   . VAL B 2 48  ? 1.987   -11.668 -4.564  1.00 19.40 ? 48  VAL B N   1 
ATOM   441  C  CA  . VAL B 2 48  ? 1.907   -10.255 -4.129  1.00 17.88 ? 48  VAL B CA  1 
ATOM   442  C  C   . VAL B 2 48  ? 3.279   -9.594  -3.930  1.00 17.32 ? 48  VAL B C   1 
ATOM   443  O  O   . VAL B 2 48  ? 4.256   -10.259 -3.570  1.00 17.28 ? 48  VAL B O   1 
ATOM   444  C  CB  . VAL B 2 48  ? 1.046   -10.062 -2.847  1.00 18.13 ? 48  VAL B CB  1 
ATOM   445  C  CG1 . VAL B 2 48  ? -0.420  -10.406 -3.112  1.00 19.19 ? 48  VAL B CG1 1 
ATOM   446  C  CG2 . VAL B 2 48  ? 1.597   -10.878 -1.657  1.00 18.41 ? 48  VAL B CG2 1 
ATOM   447  N  N   . ALA B 2 49  ? 3.336   -8.291  -4.202  1.00 14.73 ? 49  ALA B N   1 
ATOM   448  C  CA  . ALA B 2 49  ? 4.492   -7.445  -3.864  1.00 14.02 ? 49  ALA B CA  1 
ATOM   449  C  C   . ALA B 2 49  ? 3.959   -6.208  -3.132  1.00 12.91 ? 49  ALA B C   1 
ATOM   450  O  O   . ALA B 2 49  ? 2.744   -6.007  -3.035  1.00 11.89 ? 49  ALA B O   1 
ATOM   451  C  CB  . ALA B 2 49  ? 5.254   -7.029  -5.131  1.00 14.53 ? 49  ALA B CB  1 
ATOM   452  N  N   . THR B 2 50  ? 4.848   -5.372  -2.595  1.00 11.26 ? 50  THR B N   1 
ATOM   453  C  CA  . THR B 2 50  ? 4.394   -4.069  -2.146  1.00 10.76 ? 50  THR B CA  1 
ATOM   454  C  C   . THR B 2 50  ? 5.322   -3.016  -2.777  1.00 10.04 ? 50  THR B C   1 
ATOM   455  O  O   . THR B 2 50  ? 6.064   -3.330  -3.734  1.00 10.01 ? 50  THR B O   1 
ATOM   456  C  CB  . THR B 2 50  ? 4.293   -3.995  -0.602  1.00 10.45 ? 50  THR B CB  1 
ATOM   457  O  OG1 . THR B 2 50  ? 3.637   -2.785  -0.213  1.00 10.93 ? 50  THR B OG1 1 
ATOM   458  C  CG2 . THR B 2 50  ? 5.690   -4.120  0.086   1.00 10.42 ? 50  THR B CG2 1 
ATOM   459  N  N   . THR B 2 51  ? 5.266   -1.782  -2.276  1.00 10.02 ? 51  THR B N   1 
ATOM   460  C  CA  . THR B 2 51  ? 6.134   -0.760  -2.839  1.00 10.01 ? 51  THR B CA  1 
ATOM   461  C  C   . THR B 2 51  ? 6.974   -0.125  -1.742  1.00 9.64  ? 51  THR B C   1 
ATOM   462  O  O   . THR B 2 51  ? 6.748   -0.337  -0.543  1.00 10.88 ? 51  THR B O   1 
ATOM   463  C  CB  . THR B 2 51  ? 5.336   0.380   -3.561  1.00 9.43  ? 51  THR B CB  1 
ATOM   464  O  OG1 . THR B 2 51  ? 4.728   1.217   -2.568  1.00 8.72  ? 51  THR B OG1 1 
ATOM   465  C  CG2 . THR B 2 51  ? 4.233   -0.176  -4.528  1.00 9.00  ? 51  THR B CG2 1 
ATOM   466  N  N   . VAL B 2 52  ? 7.923   0.700   -2.170  1.00 9.58  ? 52  VAL B N   1 
ATOM   467  C  CA  . VAL B 2 52  ? 8.779   1.438   -1.245  1.00 8.99  ? 52  VAL B CA  1 
ATOM   468  C  C   . VAL B 2 52  ? 7.994   2.425   -0.400  1.00 8.65  ? 52  VAL B C   1 
ATOM   469  O  O   . VAL B 2 52  ? 8.440   2.783   0.698   1.00 8.45  ? 52  VAL B O   1 
ATOM   470  C  CB  . VAL B 2 52  ? 9.911   2.189   -2.025  1.00 8.78  ? 52  VAL B CB  1 
ATOM   471  C  CG1 . VAL B 2 52  ? 10.943  1.168   -2.528  1.00 9.75  ? 52  VAL B CG1 1 
ATOM   472  C  CG2 . VAL B 2 52  ? 9.342   3.028   -3.186  1.00 9.46  ? 52  VAL B CG2 1 
ATOM   473  N  N   . VAL B 2 53  ? 6.841   2.872   -0.904  1.00 6.87  ? 53  VAL B N   1 
ATOM   474  C  CA  . VAL B 2 53  ? 6.011   3.821   -0.145  1.00 7.60  ? 53  VAL B CA  1 
ATOM   475  C  C   . VAL B 2 53  ? 5.521   3.130   1.134   1.00 7.51  ? 53  VAL B C   1 
ATOM   476  O  O   . VAL B 2 53  ? 5.512   3.736   2.209   1.00 7.52  ? 53  VAL B O   1 
ATOM   477  C  CB  . VAL B 2 53  ? 4.820   4.341   -0.988  1.00 7.75  ? 53  VAL B CB  1 
ATOM   478  C  CG1 . VAL B 2 53  ? 3.912   5.214   -0.170  1.00 9.62  ? 53  VAL B CG1 1 
ATOM   479  C  CG2 . VAL B 2 53  ? 5.378   5.101   -2.255  1.00 8.47  ? 53  VAL B CG2 1 
ATOM   480  N  N   . THR B 2 54  ? 5.068   1.883   0.997   1.00 7.04  ? 54  THR B N   1 
ATOM   481  C  CA  . THR B 2 54  ? 4.601   1.118   2.162   1.00 8.55  ? 54  THR B CA  1 
ATOM   482  C  C   . THR B 2 54  ? 5.763   0.791   3.087   1.00 7.70  ? 54  THR B C   1 
ATOM   483  O  O   . THR B 2 54  ? 5.606   0.878   4.307   1.00 9.08  ? 54  THR B O   1 
ATOM   484  C  CB  . THR B 2 54  ? 3.843   -0.153  1.747   1.00 7.11  ? 54  THR B CB  1 
ATOM   485  O  OG1 . THR B 2 54  ? 2.621   0.239   1.111   1.00 9.04  ? 54  THR B OG1 1 
ATOM   486  C  CG2 . THR B 2 54  ? 3.520   -1.048  2.974   1.00 10.86 ? 54  THR B CG2 1 
ATOM   487  N  N   . LEU B 2 55  ? 6.924   0.442   2.533   1.00 8.66  ? 55  LEU B N   1 
ATOM   488  C  CA  . LEU B 2 55  ? 8.136   0.246   3.372   1.00 8.25  ? 55  LEU B CA  1 
ATOM   489  C  C   . LEU B 2 55  ? 8.358   1.501   4.249   1.00 8.62  ? 55  LEU B C   1 
ATOM   490  O  O   . LEU B 2 55  ? 8.549   1.409   5.461   1.00 9.00  ? 55  LEU B O   1 
ATOM   491  C  CB  . LEU B 2 55  ? 9.376   -0.057  2.498   1.00 8.83  ? 55  LEU B CB  1 
ATOM   492  C  CG  . LEU B 2 55  ? 10.694  -0.285  3.248   1.00 10.39 ? 55  LEU B CG  1 
ATOM   493  C  CD1 . LEU B 2 55  ? 10.580  -1.368  4.295   1.00 13.88 ? 55  LEU B CD1 1 
ATOM   494  C  CD2 . LEU B 2 55  ? 11.894  -0.559  2.286   1.00 10.89 ? 55  LEU B CD2 1 
ATOM   495  N  N   . ALA B 2 56  ? 8.298   2.674   3.623   1.00 7.92  ? 56  ALA B N   1 
ATOM   496  C  CA  . ALA B 2 56  ? 8.463   3.944   4.330   1.00 8.20  ? 56  ALA B CA  1 
ATOM   497  C  C   . ALA B 2 56  ? 7.398   4.166   5.407   1.00 8.82  ? 56  ALA B C   1 
ATOM   498  O  O   . ALA B 2 56  ? 7.690   4.581   6.527   1.00 8.14  ? 56  ALA B O   1 
ATOM   499  C  CB  . ALA B 2 56  ? 8.421   5.101   3.321   1.00 8.70  ? 56  ALA B CB  1 
ATOM   500  N  N   . GLU B 2 57  ? 6.148   3.900   5.046   1.00 8.81  ? 57  GLU B N   1 
ATOM   501  C  CA  . GLU B 2 57  ? 5.041   4.162   5.945   1.00 9.25  ? 57  GLU B CA  1 
ATOM   502  C  C   . GLU B 2 57  ? 5.030   3.237   7.167   1.00 9.52  ? 57  GLU B C   1 
ATOM   503  O  O   . GLU B 2 57  ? 4.794   3.693   8.283   1.00 9.26  ? 57  GLU B O   1 
ATOM   504  C  CB  . GLU B 2 57  ? 3.727   4.128   5.170   1.00 9.94  ? 57  GLU B CB  1 
ATOM   505  C  CG  . GLU B 2 57  ? 3.603   5.398   4.313   1.00 10.19 ? 57  GLU B CG  1 
ATOM   506  C  CD  . GLU B 2 57  ? 2.288   5.512   3.558   1.00 14.22 ? 57  GLU B CD  1 
ATOM   507  O  OE1 . GLU B 2 57  ? 1.618   4.478   3.337   1.00 13.58 ? 57  GLU B OE1 1 
ATOM   508  O  OE2 . GLU B 2 57  ? 1.928   6.656   3.170   1.00 14.52 ? 57  GLU B OE2 1 
ATOM   509  N  N   . LEU B 2 58  ? 5.329   1.963   6.941   1.00 9.94  ? 58  LEU B N   1 
ATOM   510  C  CA  . LEU B 2 58  ? 5.461   0.990   8.052   1.00 9.47  ? 58  LEU B CA  1 
ATOM   511  C  C   . LEU B 2 58  ? 6.644   1.355   8.959   1.00 10.25 ? 58  LEU B C   1 
ATOM   512  O  O   . LEU B 2 58  ? 6.560   1.234   10.179  1.00 9.81  ? 58  LEU B O   1 
ATOM   513  C  CB  . LEU B 2 58  ? 5.581   -0.440  7.513   1.00 9.95  ? 58  LEU B CB  1 
ATOM   514  C  CG  . LEU B 2 58  ? 4.350   -0.962  6.744   1.00 8.67  ? 58  LEU B CG  1 
ATOM   515  C  CD1 . LEU B 2 58  ? 4.649   -2.363  6.265   1.00 11.36 ? 58  LEU B CD1 1 
ATOM   516  C  CD2 . LEU B 2 58  ? 3.104   -0.906  7.643   1.00 12.90 ? 58  LEU B CD2 1 
ATOM   517  N  N   . ARG B 2 59  ? 7.718   1.862   8.357   1.00 9.54  ? 59  ARG B N   1 
ATOM   518  C  CA  . ARG B 2 59  ? 8.888   2.270   9.139   1.00 9.65  ? 59  ARG B CA  1 
ATOM   519  C  C   . ARG B 2 59  ? 8.587   3.497   9.985   1.00 8.83  ? 59  ARG B C   1 
ATOM   520  O  O   . ARG B 2 59  ? 8.939   3.549   11.152  1.00 8.75  ? 59  ARG B O   1 
ATOM   521  C  CB  . ARG B 2 59  ? 10.104  2.465   8.238   1.00 9.13  ? 59  ARG B CB  1 
ATOM   522  C  CG  . ARG B 2 59  ? 11.435  2.498   8.975   1.00 11.54 ? 59  ARG B CG  1 
ATOM   523  C  CD  . ARG B 2 59  ? 12.587  2.663   7.984   1.00 13.31 ? 59  ARG B CD  1 
ATOM   524  N  NE  . ARG B 2 59  ? 13.856  2.333   8.634   1.00 12.49 ? 59  ARG B NE  1 
ATOM   525  C  CZ  . ARG B 2 59  ? 14.634  3.218   9.251   1.00 13.51 ? 59  ARG B CZ  1 
ATOM   526  N  NH1 . ARG B 2 59  ? 14.307  4.514   9.279   1.00 11.91 ? 59  ARG B NH1 1 
ATOM   527  N  NH2 . ARG B 2 59  ? 15.756  2.812   9.844   1.00 14.69 ? 59  ARG B NH2 1 
ATOM   528  N  N   . VAL B 2 60  ? 7.919   4.497   9.415   1.00 9.52  ? 60  VAL B N   1 
ATOM   529  C  CA  . VAL B 2 60  ? 7.524   5.648   10.213  1.00 9.57  ? 60  VAL B CA  1 
ATOM   530  C  C   . VAL B 2 60  ? 6.587   5.214   11.351  1.00 10.40 ? 60  VAL B C   1 
ATOM   531  O  O   . VAL B 2 60  ? 6.682   5.731   12.480  1.00 11.53 ? 60  VAL B O   1 
ATOM   532  C  CB  A VAL B 2 60  ? 6.677   6.648   9.375   0.50 10.36 ? 60  VAL B CB  1 
ATOM   533  C  CB  B VAL B 2 60  ? 7.053   6.826   9.324   0.50 10.05 ? 60  VAL B CB  1 
ATOM   534  C  CG1 A VAL B 2 60  ? 5.969   7.660   10.296  0.50 9.79  ? 60  VAL B CG1 1 
ATOM   535  C  CG1 B VAL B 2 60  ? 5.567   6.754   9.076   0.50 7.98  ? 60  VAL B CG1 1 
ATOM   536  C  CG2 A VAL B 2 60  ? 7.526   7.355   8.370   0.50 9.16  ? 60  VAL B CG2 1 
ATOM   537  C  CG2 B VAL B 2 60  ? 7.468   8.142   9.951   0.50 8.73  ? 60  VAL B CG2 1 
ATOM   538  N  N   . GLY B 2 61  ? 5.725   4.227   11.071  1.00 10.13 ? 61  GLY B N   1 
ATOM   539  C  CA  . GLY B 2 61  ? 4.880   3.622   12.125  1.00 9.82  ? 61  GLY B CA  1 
ATOM   540  C  C   . GLY B 2 61  ? 5.683   3.143   13.335  1.00 9.65  ? 61  GLY B C   1 
ATOM   541  O  O   . GLY B 2 61  ? 5.307   3.410   14.494  1.00 10.72 ? 61  GLY B O   1 
ATOM   542  N  N   . VAL B 2 62  ? 6.774   2.424   13.073  1.00 9.63  ? 62  VAL B N   1 
ATOM   543  C  CA  . VAL B 2 62  ? 7.654   1.916   14.151  1.00 10.01 ? 62  VAL B CA  1 
ATOM   544  C  C   . VAL B 2 62  ? 8.221   3.086   14.936  1.00 11.01 ? 62  VAL B C   1 
ATOM   545  O  O   . VAL B 2 62  ? 8.194   3.093   16.168  1.00 10.47 ? 62  VAL B O   1 
ATOM   546  C  CB  . VAL B 2 62  ? 8.797   1.008   13.599  1.00 9.69  ? 62  VAL B CB  1 
ATOM   547  C  CG1 . VAL B 2 62  ? 9.805   0.647   14.688  1.00 8.12  ? 62  VAL B CG1 1 
ATOM   548  C  CG2 . VAL B 2 62  ? 8.236   -0.270  12.944  1.00 9.50  ? 62  VAL B CG2 1 
ATOM   549  N  N   . LEU B 2 63  ? 8.706   4.101   14.215  1.00 10.36 ? 63  LEU B N   1 
ATOM   550  C  CA  . LEU B 2 63  ? 9.360   5.236   14.867  1.00 11.51 ? 63  LEU B CA  1 
ATOM   551  C  C   . LEU B 2 63  ? 8.401   6.156   15.630  1.00 12.79 ? 63  LEU B C   1 
ATOM   552  O  O   . LEU B 2 63  ? 8.803   6.834   16.578  1.00 14.11 ? 63  LEU B O   1 
ATOM   553  C  CB  . LEU B 2 63  ? 10.166  6.012   13.824  1.00 10.50 ? 63  LEU B CB  1 
ATOM   554  C  CG  . LEU B 2 63  ? 11.282  5.220   13.118  1.00 11.48 ? 63  LEU B CG  1 
ATOM   555  C  CD1 . LEU B 2 63  ? 11.957  6.145   12.129  1.00 10.08 ? 63  LEU B CD1 1 
ATOM   556  C  CD2 . LEU B 2 63  ? 12.292  4.648   14.142  1.00 12.04 ? 63  LEU B CD2 1 
ATOM   557  N  N   . ALA B 2 64  ? 7.138   6.172   15.218  1.00 13.19 ? 64  ALA B N   1 
ATOM   558  C  CA  . ALA B 2 64  ? 6.112   7.019   15.854  1.00 14.61 ? 64  ALA B CA  1 
ATOM   559  C  C   . ALA B 2 64  ? 5.417   6.364   17.046  1.00 15.36 ? 64  ALA B C   1 
ATOM   560  O  O   . ALA B 2 64  ? 4.740   7.056   17.824  1.00 16.10 ? 64  ALA B O   1 
ATOM   561  C  CB  . ALA B 2 64  ? 5.071   7.435   14.835  1.00 14.57 ? 64  ALA B CB  1 
ATOM   562  N  N   . ALA B 2 65  ? 5.554   5.049   17.172  1.00 15.36 ? 65  ALA B N   1 
ATOM   563  C  CA  . ALA B 2 65  ? 4.796   4.293   18.185  1.00 16.72 ? 65  ALA B CA  1 
ATOM   564  C  C   . ALA B 2 65  ? 5.039   4.873   19.570  1.00 17.56 ? 65  ALA B C   1 
ATOM   565  O  O   . ALA B 2 65  ? 6.187   5.145   19.942  1.00 17.56 ? 65  ALA B O   1 
ATOM   566  C  CB  . ALA B 2 65  ? 5.154   2.792   18.128  1.00 15.91 ? 65  ALA B CB  1 
ATOM   567  N  N   . ALA B 2 66  ? 3.948   5.059   20.315  1.00 19.00 ? 66  ALA B N   1 
ATOM   568  C  CA  . ALA B 2 66  ? 3.979   5.727   21.605  1.00 20.47 ? 66  ALA B CA  1 
ATOM   569  C  C   . ALA B 2 66  ? 4.367   4.818   22.786  1.00 21.07 ? 66  ALA B C   1 
ATOM   570  O  O   . ALA B 2 66  ? 4.935   5.293   23.761  1.00 22.99 ? 66  ALA B O   1 
ATOM   571  C  CB  . ALA B 2 66  ? 2.620   6.420   21.871  1.00 21.08 ? 66  ALA B CB  1 
ATOM   572  N  N   . THR B 2 67  ? 4.085   3.524   22.696  1.00 20.54 ? 67  THR B N   1 
ATOM   573  C  CA  . THR B 2 67  ? 4.350   2.593   23.801  1.00 20.38 ? 67  THR B CA  1 
ATOM   574  C  C   . THR B 2 67  ? 5.056   1.377   23.263  1.00 19.93 ? 67  THR B C   1 
ATOM   575  O  O   . THR B 2 67  ? 4.939   1.082   22.067  1.00 18.77 ? 67  THR B O   1 
ATOM   576  C  CB  . THR B 2 67  ? 3.040   2.080   24.420  1.00 20.49 ? 67  THR B CB  1 
ATOM   577  O  OG1 . THR B 2 67  ? 2.293   1.365   23.426  1.00 21.99 ? 67  THR B OG1 1 
ATOM   578  C  CG2 . THR B 2 67  ? 2.224   3.208   24.962  1.00 21.99 ? 67  THR B CG2 1 
ATOM   579  N  N   A THR B 2 68  ? 5.785   0.647   24.119  0.50 19.36 ? 68  THR B N   1 
ATOM   580  N  N   B THR B 2 68  ? 5.730   0.658   24.151  0.50 19.39 ? 68  THR B N   1 
ATOM   581  C  CA  A THR B 2 68  ? 6.498   -0.556  23.650  0.50 19.01 ? 68  THR B CA  1 
ATOM   582  C  CA  B THR B 2 68  ? 6.485   -0.521  23.779  0.50 19.08 ? 68  THR B CA  1 
ATOM   583  C  C   A THR B 2 68  ? 5.593   -1.563  22.970  0.50 18.81 ? 68  THR B C   1 
ATOM   584  C  C   B THR B 2 68  ? 5.655   -1.616  23.094  0.50 18.88 ? 68  THR B C   1 
ATOM   585  O  O   A THR B 2 68  ? 5.966   -2.116  21.942  0.50 18.10 ? 68  THR B O   1 
ATOM   586  O  O   B THR B 2 68  ? 6.133   -2.252  22.160  0.50 18.29 ? 68  THR B O   1 
ATOM   587  C  CB  A THR B 2 68  ? 7.262   -1.315  24.749  0.50 19.52 ? 68  THR B CB  1 
ATOM   588  C  CB  B THR B 2 68  ? 7.229   -1.055  24.992  0.50 19.63 ? 68  THR B CB  1 
ATOM   589  O  OG1 A THR B 2 68  ? 6.439   -1.424  25.916  0.50 18.44 ? 68  THR B OG1 1 
ATOM   590  O  OG1 B THR B 2 68  ? 7.929   0.037   25.603  0.50 18.99 ? 68  THR B OG1 1 
ATOM   591  C  CG2 A THR B 2 68  ? 8.583   -0.626  25.067  0.50 18.93 ? 68  THR B CG2 1 
ATOM   592  C  CG2 B THR B 2 68  ? 8.217   -2.123  24.578  0.50 18.56 ? 68  THR B CG2 1 
ATOM   593  N  N   . ASP B 2 69  ? 4.407   -1.806  23.530  1.00 18.76 ? 69  ASP B N   1 
ATOM   594  C  CA  . ASP B 2 69  ? 3.523   -2.820  22.928  1.00 18.78 ? 69  ASP B CA  1 
ATOM   595  C  C   . ASP B 2 69  ? 3.170   -2.486  21.480  1.00 17.23 ? 69  ASP B C   1 
ATOM   596  O  O   . ASP B 2 69  ? 3.194   -3.361  20.620  1.00 16.09 ? 69  ASP B O   1 
ATOM   597  C  CB  . ASP B 2 69  ? 2.236   -3.041  23.719  1.00 20.02 ? 69  ASP B CB  1 
ATOM   598  C  CG  . ASP B 2 69  ? 1.396   -4.174  23.140  1.00 25.28 ? 69  ASP B CG  1 
ATOM   599  O  OD1 . ASP B 2 69  ? 1.871   -5.348  23.142  1.00 31.13 ? 69  ASP B OD1 1 
ATOM   600  O  OD2 . ASP B 2 69  ? 0.276   -3.895  22.653  1.00 30.73 ? 69  ASP B OD2 1 
ATOM   601  N  N   . ILE B 2 70  ? 2.840   -1.224  21.236  1.00 15.37 ? 70  ILE B N   1 
ATOM   602  C  CA  . ILE B 2 70  ? 2.481   -0.769  19.892  1.00 15.33 ? 70  ILE B CA  1 
ATOM   603  C  C   . ILE B 2 70  ? 3.728   -0.855  19.008  1.00 14.53 ? 70  ILE B C   1 
ATOM   604  O  O   . ILE B 2 70  ? 3.654   -1.318  17.873  1.00 14.69 ? 70  ILE B O   1 
ATOM   605  C  CB  A ILE B 2 70  ? 1.904   0.671   19.911  0.50 15.46 ? 70  ILE B CB  1 
ATOM   606  C  CB  B ILE B 2 70  ? 1.904   0.668   19.914  0.50 15.36 ? 70  ILE B CB  1 
ATOM   607  C  CG1 A ILE B 2 70  ? 0.512   0.677   20.561  0.50 16.01 ? 70  ILE B CG1 1 
ATOM   608  C  CG1 B ILE B 2 70  ? 0.534   0.672   20.609  0.50 15.67 ? 70  ILE B CG1 1 
ATOM   609  C  CG2 A ILE B 2 70  ? 1.812   1.245   18.501  0.50 16.03 ? 70  ILE B CG2 1 
ATOM   610  C  CG2 B ILE B 2 70  ? 1.765   1.223   18.501  0.50 16.00 ? 70  ILE B CG2 1 
ATOM   611  C  CD1 A ILE B 2 70  ? -0.480  -0.260  19.897  0.50 16.59 ? 70  ILE B CD1 1 
ATOM   612  C  CD1 B ILE B 2 70  ? 0.027   2.051   20.951  0.50 15.03 ? 70  ILE B CD1 1 
ATOM   613  N  N   . ARG B 2 71  ? 4.858   -0.413  19.558  1.00 13.77 ? 71  ARG B N   1 
ATOM   614  C  CA  . ARG B 2 71  ? 6.141   -0.457  18.843  1.00 12.87 ? 71  ARG B CA  1 
ATOM   615  C  C   . ARG B 2 71  ? 6.491   -1.895  18.440  1.00 12.63 ? 71  ARG B C   1 
ATOM   616  O  O   . ARG B 2 71  ? 6.882   -2.142  17.309  1.00 11.84 ? 71  ARG B O   1 
ATOM   617  C  CB  . ARG B 2 71  ? 7.243   0.128   19.710  1.00 13.26 ? 71  ARG B CB  1 
ATOM   618  C  CG  . ARG B 2 71  ? 8.535   0.432   18.963  1.00 13.89 ? 71  ARG B CG  1 
ATOM   619  C  CD  . ARG B 2 71  ? 9.530   1.048   19.938  1.00 14.74 ? 71  ARG B CD  1 
ATOM   620  N  NE  . ARG B 2 71  ? 8.956   2.282   20.485  1.00 15.94 ? 71  ARG B NE  1 
ATOM   621  C  CZ  . ARG B 2 71  ? 8.717   2.521   21.772  1.00 18.19 ? 71  ARG B CZ  1 
ATOM   622  N  NH1 . ARG B 2 71  ? 9.063   1.639   22.704  1.00 18.30 ? 71  ARG B NH1 1 
ATOM   623  N  NH2 . ARG B 2 71  ? 8.152   3.669   22.123  1.00 16.62 ? 71  ARG B NH2 1 
ATOM   624  N  N   . ALA B 2 72  ? 6.341   -2.844  19.368  1.00 11.84 ? 72  ALA B N   1 
ATOM   625  C  CA  . ALA B 2 72  ? 6.609   -4.245  19.036  1.00 11.76 ? 72  ALA B CA  1 
ATOM   626  C  C   . ALA B 2 72  ? 5.689   -4.765  17.937  1.00 10.58 ? 72  ALA B C   1 
ATOM   627  O  O   . ALA B 2 72  ? 6.136   -5.504  17.055  1.00 10.62 ? 72  ALA B O   1 
ATOM   628  C  CB  . ALA B 2 72  ? 6.489   -5.111  20.270  1.00 11.90 ? 72  ALA B CB  1 
ATOM   629  N  N   . GLN B 2 73  ? 4.404   -4.422  18.012  1.00 11.28 ? 73  GLN B N   1 
ATOM   630  C  CA  . GLN B 2 73  ? 3.450   -4.853  16.977  1.00 11.27 ? 73  GLN B CA  1 
ATOM   631  C  C   . GLN B 2 73  ? 3.843   -4.287  15.601  1.00 11.05 ? 73  GLN B C   1 
ATOM   632  O  O   . GLN B 2 73  ? 3.836   -4.998  14.592  1.00 11.23 ? 73  GLN B O   1 
ATOM   633  C  CB  A GLN B 2 73  ? 2.016   -4.464  17.340  0.50 11.11 ? 73  GLN B CB  1 
ATOM   634  C  CB  B GLN B 2 73  ? 2.038   -4.366  17.314  0.50 11.48 ? 73  GLN B CB  1 
ATOM   635  C  CG  A GLN B 2 73  ? 0.963   -5.149  16.473  0.50 11.94 ? 73  GLN B CG  1 
ATOM   636  C  CG  B GLN B 2 73  ? 1.309   -5.087  18.440  0.50 15.14 ? 73  GLN B CG  1 
ATOM   637  C  CD  A GLN B 2 73  ? 1.228   -6.637  16.298  0.50 15.70 ? 73  GLN B CD  1 
ATOM   638  C  CD  B GLN B 2 73  ? -0.068  -4.473  18.682  0.50 17.94 ? 73  GLN B CD  1 
ATOM   639  O  OE1 A GLN B 2 73  ? 1.182   -7.402  17.269  0.50 17.66 ? 73  GLN B OE1 1 
ATOM   640  O  OE1 B GLN B 2 73  ? -0.835  -4.262  17.745  0.50 19.76 ? 73  GLN B OE1 1 
ATOM   641  N  NE2 A GLN B 2 73  ? 1.536   -7.050  15.068  0.50 15.60 ? 73  GLN B NE2 1 
ATOM   642  N  NE2 B GLN B 2 73  ? -0.368  -4.163  19.932  0.50 19.20 ? 73  GLN B NE2 1 
ATOM   643  N  N   . ARG B 2 74  ? 4.140   -2.999  15.578  1.00 10.88 ? 74  ARG B N   1 
ATOM   644  C  CA  . ARG B 2 74  ? 4.435   -2.304  14.319  1.00 10.75 ? 74  ARG B CA  1 
ATOM   645  C  C   . ARG B 2 74  ? 5.759   -2.791  13.762  1.00 9.43  ? 74  ARG B C   1 
ATOM   646  O  O   . ARG B 2 74  ? 5.940   -2.884  12.546  1.00 10.20 ? 74  ARG B O   1 
ATOM   647  C  CB  . ARG B 2 74  ? 4.437   -0.799  14.531  1.00 10.80 ? 74  ARG B CB  1 
ATOM   648  C  CG  . ARG B 2 74  ? 3.015   -0.219  14.713  1.00 12.19 ? 74  ARG B CG  1 
ATOM   649  C  CD  . ARG B 2 74  ? 3.040   1.267   14.826  1.00 14.97 ? 74  ARG B CD  1 
ATOM   650  N  NE  . ARG B 2 74  ? 1.732   1.813   15.185  1.00 12.58 ? 74  ARG B NE  1 
ATOM   651  C  CZ  . ARG B 2 74  ? 1.485   3.097   15.402  1.00 15.69 ? 74  ARG B CZ  1 
ATOM   652  N  NH1 . ARG B 2 74  ? 2.460   3.988   15.302  1.00 13.64 ? 74  ARG B NH1 1 
ATOM   653  N  NH2 . ARG B 2 74  ? 0.256   3.489   15.729  1.00 16.63 ? 74  ARG B NH2 1 
ATOM   654  N  N   . LEU B 2 75  ? 6.680   -3.124  14.654  1.00 9.56  ? 75  LEU B N   1 
ATOM   655  C  CA  . LEU B 2 75  ? 7.957   -3.674  14.229  1.00 9.57  ? 75  LEU B CA  1 
ATOM   656  C  C   . LEU B 2 75  ? 7.759   -5.044  13.539  1.00 10.15 ? 75  LEU B C   1 
ATOM   657  O  O   . LEU B 2 75  ? 8.344   -5.298  12.482  1.00 9.33  ? 75  LEU B O   1 
ATOM   658  C  CB  . LEU B 2 75  ? 8.960   -3.723  15.393  1.00 10.48 ? 75  LEU B CB  1 
ATOM   659  C  CG  . LEU B 2 75  ? 10.370  -4.173  14.980  1.00 11.12 ? 75  LEU B CG  1 
ATOM   660  C  CD1 . LEU B 2 75  ? 10.995  -3.271  13.883  1.00 11.08 ? 75  LEU B CD1 1 
ATOM   661  C  CD2 . LEU B 2 75  ? 11.259  -4.262  16.215  1.00 11.29 ? 75  LEU B CD2 1 
ATOM   662  N  N   . ALA B 2 76  ? 6.922   -5.909  14.113  1.00 10.52 ? 76  ALA B N   1 
ATOM   663  C  CA  . ALA B 2 76  ? 6.488   -7.137  13.410  1.00 11.20 ? 76  ALA B CA  1 
ATOM   664  C  C   . ALA B 2 76  ? 5.863   -6.861  12.017  1.00 10.78 ? 76  ALA B C   1 
ATOM   665  O  O   . ALA B 2 76  ? 6.114   -7.582  11.057  1.00 11.60 ? 76  ALA B O   1 
ATOM   666  C  CB  . ALA B 2 76  ? 5.494   -7.952  14.293  1.00 11.39 ? 76  ALA B CB  1 
ATOM   667  N  N   . THR B 2 77  ? 5.048   -5.819  11.919  1.00 11.20 ? 77  THR B N   1 
ATOM   668  C  CA  . THR B 2 77  ? 4.442   -5.466  10.615  1.00 11.78 ? 77  THR B CA  1 
ATOM   669  C  C   . THR B 2 77  ? 5.550   -5.104  9.605   1.00 11.71 ? 77  THR B C   1 
ATOM   670  O  O   . THR B 2 77  ? 5.554   -5.576  8.459   1.00 11.31 ? 77  THR B O   1 
ATOM   671  C  CB  . THR B 2 77  ? 3.444   -4.297  10.774  1.00 11.82 ? 77  THR B CB  1 
ATOM   672  O  OG1 . THR B 2 77  ? 2.589   -4.545  11.904  1.00 14.09 ? 77  THR B OG1 1 
ATOM   673  C  CG2 . THR B 2 77  ? 2.595   -4.140  9.510   1.00 12.13 ? 77  THR B CG2 1 
ATOM   674  N  N   . LEU B 2 78  ? 6.488   -4.262  10.032  1.00 12.13 ? 78  LEU B N   1 
ATOM   675  C  CA  . LEU B 2 78  ? 7.623   -3.876  9.180   1.00 12.96 ? 78  LEU B CA  1 
ATOM   676  C  C   . LEU B 2 78  ? 8.426   -5.097  8.733   1.00 12.99 ? 78  LEU B C   1 
ATOM   677  O  O   . LEU B 2 78  ? 8.806   -5.223  7.553   1.00 12.70 ? 78  LEU B O   1 
ATOM   678  C  CB  . LEU B 2 78  ? 8.539   -2.852  9.890   1.00 12.50 ? 78  LEU B CB  1 
ATOM   679  C  CG  . LEU B 2 78  ? 9.797   -2.417  9.118   1.00 11.99 ? 78  LEU B CG  1 
ATOM   680  C  CD1 . LEU B 2 78  ? 9.414   -1.723  7.802   1.00 13.76 ? 78  LEU B CD1 1 
ATOM   681  C  CD2 . LEU B 2 78  ? 10.698  -1.524  9.963   1.00 11.96 ? 78  LEU B CD2 1 
ATOM   682  N  N   . GLU B 2 79  ? 8.669   -6.015  9.671   1.00 13.34 ? 79  GLU B N   1 
ATOM   683  C  CA  . GLU B 2 79  ? 9.429   -7.211  9.383   1.00 14.47 ? 79  GLU B CA  1 
ATOM   684  C  C   . GLU B 2 79  ? 8.707   -8.125  8.395   1.00 14.92 ? 79  GLU B C   1 
ATOM   685  O  O   . GLU B 2 79  ? 9.364   -8.856  7.669   1.00 16.24 ? 79  GLU B O   1 
ATOM   686  C  CB  . GLU B 2 79  ? 9.777   -7.963  10.690  1.00 14.49 ? 79  GLU B CB  1 
ATOM   687  C  CG  . GLU B 2 79  ? 10.918  -7.278  11.479  1.00 16.87 ? 79  GLU B CG  1 
ATOM   688  C  CD  . GLU B 2 79  ? 10.933  -7.622  12.974  1.00 19.60 ? 79  GLU B CD  1 
ATOM   689  O  OE1 . GLU B 2 79  ? 9.888   -8.081  13.499  1.00 20.22 ? 79  GLU B OE1 1 
ATOM   690  O  OE2 . GLU B 2 79  ? 11.985  -7.412  13.626  1.00 17.68 ? 79  GLU B OE2 1 
ATOM   691  N  N   . SER B 2 80  ? 7.374   -8.080  8.363   1.00 15.36 ? 80  SER B N   1 
ATOM   692  C  CA  . SER B 2 80  ? 6.594   -8.960  7.464   1.00 16.37 ? 80  SER B CA  1 
ATOM   693  C  C   . SER B 2 80  ? 6.877   -8.707  5.977   1.00 18.07 ? 80  SER B C   1 
ATOM   694  O  O   . SER B 2 80  ? 6.598   -9.563  5.139   1.00 18.11 ? 80  SER B O   1 
ATOM   695  C  CB  . SER B 2 80  ? 5.083   -8.895  7.768   1.00 16.45 ? 80  SER B CB  1 
ATOM   696  O  OG  . SER B 2 80  ? 4.457   -7.755  7.200   1.00 16.67 ? 80  SER B OG  1 
ATOM   697  N  N   . VAL B 2 81  ? 7.442   -7.545  5.655   1.00 18.73 ? 81  VAL B N   1 
ATOM   698  C  CA  . VAL B 2 81  ? 7.814   -7.283  4.260   1.00 21.55 ? 81  VAL B CA  1 
ATOM   699  C  C   . VAL B 2 81  ? 9.264   -7.580  3.917   1.00 23.10 ? 81  VAL B C   1 
ATOM   700  O  O   . VAL B 2 81  ? 9.690   -7.313  2.796   1.00 24.47 ? 81  VAL B O   1 
ATOM   701  C  CB  . VAL B 2 81  ? 7.420   -5.874  3.805   1.00 21.42 ? 81  VAL B CB  1 
ATOM   702  C  CG1 . VAL B 2 81  ? 5.932   -5.719  3.944   1.00 23.24 ? 81  VAL B CG1 1 
ATOM   703  C  CG2 . VAL B 2 81  ? 8.124   -4.809  4.607   1.00 21.17 ? 81  VAL B CG2 1 
ATOM   704  N  N   . ALA B 2 82  ? 10.012  -8.154  4.859   1.00 24.53 ? 82  ALA B N   1 
ATOM   705  C  CA  . ALA B 2 82  ? 11.460  -8.298  4.672   1.00 26.22 ? 82  ALA B CA  1 
ATOM   706  C  C   . ALA B 2 82  ? 11.846  -9.163  3.470   1.00 26.84 ? 82  ALA B C   1 
ATOM   707  O  O   . ALA B 2 82  ? 12.844  -8.874  2.806   1.00 28.75 ? 82  ALA B O   1 
ATOM   708  C  CB  . ALA B 2 82  ? 12.142  -8.787  5.964   1.00 26.38 ? 82  ALA B CB  1 
ATOM   709  N  N   . ASP B 2 83  ? 11.051  -10.191 3.182   1.00 26.99 ? 83  ASP B N   1 
ATOM   710  C  CA  . ASP B 2 83  ? 11.326  -11.127 2.096   0.50 26.62 ? 83  ASP B CA  1 
ATOM   711  C  C   . ASP B 2 83  ? 10.578  -10.746 0.821   1.00 26.42 ? 83  ASP B C   1 
ATOM   712  O  O   . ASP B 2 83  ? 10.830  -11.330 -0.246  1.00 27.22 ? 83  ASP B O   1 
ATOM   713  C  CB  . ASP B 2 83  ? 10.901  -12.553 2.479   0.50 26.75 ? 83  ASP B CB  1 
ATOM   714  C  CG  . ASP B 2 83  ? 11.558  -13.055 3.752   0.50 27.54 ? 83  ASP B CG  1 
ATOM   715  O  OD1 . ASP B 2 83  ? 12.498  -12.400 4.259   0.50 27.89 ? 83  ASP B OD1 1 
ATOM   716  O  OD2 . ASP B 2 83  ? 11.116  -14.119 4.246   0.50 27.98 ? 83  ASP B OD2 1 
ATOM   717  N  N   . MET B 2 84  ? 9.640   -9.800  0.943   1.00 25.12 ? 84  MET B N   1 
ATOM   718  C  CA  . MET B 2 84  ? 8.695   -9.468  -0.124  1.00 23.67 ? 84  MET B CA  1 
ATOM   719  C  C   . MET B 2 84  ? 9.304   -8.444  -1.077  1.00 22.27 ? 84  MET B C   1 
ATOM   720  O  O   . MET B 2 84  ? 9.965   -7.504  -0.635  1.00 22.93 ? 84  MET B O   1 
ATOM   721  C  CB  . MET B 2 84  ? 7.395   -8.941  0.509   1.00 23.91 ? 84  MET B CB  1 
ATOM   722  C  CG  . MET B 2 84  ? 6.277   -8.545  -0.470  1.00 23.46 ? 84  MET B CG  1 
ATOM   723  S  SD  . MET B 2 84  ? 4.823   -7.759  0.270   1.00 21.48 ? 84  MET B SD  1 
ATOM   724  C  CE  . MET B 2 84  ? 4.298   -9.020  1.442   1.00 25.60 ? 84  MET B CE  1 
ATOM   725  N  N   . GLU B 2 85  ? 9.084   -8.625  -2.386  1.00 21.03 ? 85  GLU B N   1 
ATOM   726  C  CA  . GLU B 2 85  ? 9.453   -7.629  -3.387  1.00 19.71 ? 85  GLU B CA  1 
ATOM   727  C  C   . GLU B 2 85  ? 8.883   -6.266  -2.969  1.00 18.45 ? 85  GLU B C   1 
ATOM   728  O  O   . GLU B 2 85  ? 7.674   -6.137  -2.702  1.00 17.71 ? 85  GLU B O   1 
ATOM   729  C  CB  . GLU B 2 85  ? 8.898   -8.036  -4.768  1.00 20.13 ? 85  GLU B CB  1 
ATOM   730  C  CG  . GLU B 2 85  ? 9.201   -7.079  -5.910  1.00 22.73 ? 85  GLU B CG  1 
ATOM   731  C  CD  . GLU B 2 85  ? 10.681  -6.984  -6.235  0.50 25.90 ? 85  GLU B CD  1 
ATOM   732  O  OE1 . GLU B 2 85  ? 11.332  -8.050  -6.348  0.50 26.42 ? 85  GLU B OE1 1 
ATOM   733  O  OE2 . GLU B 2 85  ? 11.184  -5.847  -6.381  0.50 28.02 ? 85  GLU B OE2 1 
ATOM   734  N  N   . THR B 2 86  ? 9.765   -5.272  -2.874  1.00 16.54 ? 86  THR B N   1 
ATOM   735  C  CA  . THR B 2 86  ? 9.364   -3.885  -2.658  1.00 15.49 ? 86  THR B CA  1 
ATOM   736  C  C   . THR B 2 86  ? 9.683   -3.091  -3.937  1.00 14.87 ? 86  THR B C   1 
ATOM   737  O  O   . THR B 2 86  ? 10.853  -2.779  -4.232  1.00 14.92 ? 86  THR B O   1 
ATOM   738  C  CB  . THR B 2 86  ? 10.056  -3.256  -1.427  1.00 16.36 ? 86  THR B CB  1 
ATOM   739  O  OG1 . THR B 2 86  ? 11.475  -3.411  -1.566  1.00 17.94 ? 86  THR B OG1 1 
ATOM   740  C  CG2 . THR B 2 86  ? 9.595   -3.946  -0.117  1.00 16.42 ? 86  THR B CG2 1 
ATOM   741  N  N   . LEU B 2 87  ? 8.639   -2.738  -4.675  1.00 12.07 ? 87  LEU B N   1 
ATOM   742  C  CA  . LEU B 2 87  ? 8.792   -2.169  -6.008  1.00 10.88 ? 87  LEU B CA  1 
ATOM   743  C  C   . LEU B 2 87  ? 9.183   -0.703  -5.857  1.00 10.18 ? 87  LEU B C   1 
ATOM   744  O  O   . LEU B 2 87  ? 8.600   -0.002  -5.043  1.00 9.63  ? 87  LEU B O   1 
ATOM   745  C  CB  . LEU B 2 87  ? 7.469   -2.267  -6.784  1.00 10.83 ? 87  LEU B CB  1 
ATOM   746  C  CG  . LEU B 2 87  ? 6.954   -3.697  -7.050  1.00 11.71 ? 87  LEU B CG  1 
ATOM   747  C  CD1 . LEU B 2 87  ? 5.556   -3.613  -7.631  1.00 12.88 ? 87  LEU B CD1 1 
ATOM   748  C  CD2 . LEU B 2 87  ? 7.915   -4.428  -7.991  1.00 13.04 ? 87  LEU B CD2 1 
ATOM   749  N  N   . PRO B 2 88  ? 10.191  -0.253  -6.620  1.00 10.81 ? 88  PRO B N   1 
ATOM   750  C  CA  . PRO B 2 88  ? 10.631  1.147   -6.469  1.00 10.59 ? 88  PRO B CA  1 
ATOM   751  C  C   . PRO B 2 88  ? 9.763   2.146   -7.227  1.00 10.50 ? 88  PRO B C   1 
ATOM   752  O  O   . PRO B 2 88  ? 8.990   1.770   -8.093  1.00 10.86 ? 88  PRO B O   1 
ATOM   753  C  CB  . PRO B 2 88  ? 12.021  1.121   -7.090  1.00 11.04 ? 88  PRO B CB  1 
ATOM   754  C  CG  . PRO B 2 88  ? 11.893  0.104   -8.210  1.00 10.86 ? 88  PRO B CG  1 
ATOM   755  C  CD  . PRO B 2 88  ? 10.978  -0.970  -7.643  1.00 11.27 ? 88  PRO B CD  1 
ATOM   756  N  N   . VAL B 2 89  ? 9.913   3.433   -6.918  1.00 9.68  ? 89  VAL B N   1 
ATOM   757  C  CA  . VAL B 2 89  ? 9.408   4.452   -7.819  1.00 10.00 ? 89  VAL B CA  1 
ATOM   758  C  C   . VAL B 2 89  ? 10.532  4.666   -8.847  1.00 10.31 ? 89  VAL B C   1 
ATOM   759  O  O   . VAL B 2 89  ? 11.572  5.260   -8.523  1.00 10.56 ? 89  VAL B O   1 
ATOM   760  C  CB  . VAL B 2 89  ? 9.061   5.795   -7.101  1.00 9.21  ? 89  VAL B CB  1 
ATOM   761  C  CG1 . VAL B 2 89  ? 8.517   6.781   -8.112  1.00 9.45  ? 89  VAL B CG1 1 
ATOM   762  C  CG2 . VAL B 2 89  ? 8.019   5.604   -5.963  1.00 10.87 ? 89  VAL B CG2 1 
ATOM   763  N  N   . ASP B 2 90  ? 10.336  4.164   -10.053 1.00 9.88  ? 90  ASP B N   1 
ATOM   764  C  CA  . ASP B 2 90  ? 11.318  4.310   -11.139 1.00 11.34 ? 90  ASP B CA  1 
ATOM   765  C  C   . ASP B 2 90  ? 10.778  5.281   -12.192 1.00 10.87 ? 90  ASP B C   1 
ATOM   766  O  O   . ASP B 2 90  ? 9.776   5.934   -11.946 1.00 9.86  ? 90  ASP B O   1 
ATOM   767  C  CB  . ASP B 2 90  ? 11.670  2.962   -11.769 1.00 12.35 ? 90  ASP B CB  1 
ATOM   768  C  CG  . ASP B 2 90  ? 10.446  2.184   -12.271 1.00 13.83 ? 90  ASP B CG  1 
ATOM   769  O  OD1 . ASP B 2 90  ? 9.303   2.722   -12.344 1.00 10.78 ? 90  ASP B OD1 1 
ATOM   770  O  OD2 . ASP B 2 90  ? 10.644  0.985   -12.566 1.00 15.01 ? 90  ASP B OD2 1 
ATOM   771  N  N   . ASP B 2 91  ? 11.443  5.385   -13.355 1.00 10.81 ? 91  ASP B N   1 
ATOM   772  C  CA  . ASP B 2 91  ? 11.021  6.335   -14.382 1.00 11.77 ? 91  ASP B CA  1 
ATOM   773  C  C   . ASP B 2 91  ? 9.589   6.077   -14.863 1.00 10.85 ? 91  ASP B C   1 
ATOM   774  O  O   . ASP B 2 91  ? 8.808   7.015   -15.047 1.00 10.85 ? 91  ASP B O   1 
ATOM   775  C  CB  . ASP B 2 91  ? 11.987  6.325   -15.588 1.00 11.91 ? 91  ASP B CB  1 
ATOM   776  C  CG  . ASP B 2 91  ? 13.398  6.770   -15.215 1.00 17.75 ? 91  ASP B CG  1 
ATOM   777  O  OD1 . ASP B 2 91  ? 13.618  7.234   -14.073 1.00 20.08 ? 91  ASP B OD1 1 
ATOM   778  O  OD2 . ASP B 2 91  ? 14.302  6.653   -16.072 1.00 22.80 ? 91  ASP B OD2 1 
ATOM   779  N  N   . ASP B 2 92  ? 9.252   4.808   -15.075 1.00 11.32 ? 92  ASP B N   1 
ATOM   780  C  CA  . ASP B 2 92  ? 7.927   4.470   -15.585 1.00 11.41 ? 92  ASP B CA  1 
ATOM   781  C  C   . ASP B 2 92  ? 6.839   4.840   -14.587 1.00 9.57  ? 92  ASP B C   1 
ATOM   782  O  O   . ASP B 2 92  ? 5.752   5.262   -14.981 1.00 9.22  ? 92  ASP B O   1 
ATOM   783  C  CB  . ASP B 2 92  ? 7.837   2.981   -15.949 1.00 12.65 ? 92  ASP B CB  1 
ATOM   784  C  CG  . ASP B 2 92  ? 8.495   2.669   -17.289 1.00 18.26 ? 92  ASP B CG  1 
ATOM   785  O  OD1 . ASP B 2 92  ? 8.791   3.605   -18.065 1.00 22.51 ? 92  ASP B OD1 1 
ATOM   786  O  OD2 . ASP B 2 92  ? 8.709   1.476   -17.560 1.00 25.92 ? 92  ASP B OD2 1 
ATOM   787  N  N   . ALA B 2 93  ? 7.127   4.659   -13.299 1.00 9.06  ? 93  ALA B N   1 
ATOM   788  C  CA  . ALA B 2 93  ? 6.167   5.026   -12.251 1.00 8.43  ? 93  ALA B CA  1 
ATOM   789  C  C   . ALA B 2 93  ? 6.007   6.541   -12.227 1.00 8.16  ? 93  ALA B C   1 
ATOM   790  O  O   . ALA B 2 93  ? 4.910   7.052   -12.062 1.00 7.91  ? 93  ALA B O   1 
ATOM   791  C  CB  . ALA B 2 93  ? 6.615   4.514   -10.916 1.00 7.74  ? 93  ALA B CB  1 
ATOM   792  N  N   . ALA B 2 94  ? 7.117   7.255   -12.401 1.00 8.79  ? 94  ALA B N   1 
ATOM   793  C  CA  . ALA B 2 94  ? 7.094   8.707   -12.410 1.00 8.38  ? 94  ALA B CA  1 
ATOM   794  C  C   . ALA B 2 94  ? 6.222   9.232   -13.542 1.00 8.40  ? 94  ALA B C   1 
ATOM   795  O  O   . ALA B 2 94  ? 5.453   10.152  -13.341 1.00 7.59  ? 94  ALA B O   1 
ATOM   796  C  CB  . ALA B 2 94  ? 8.534   9.253   -12.553 1.00 8.09  ? 94  ALA B CB  1 
ATOM   797  N  N   . ARG B 2 95  ? 6.373   8.671   -14.740 1.00 8.39  ? 95  ARG B N   1 
ATOM   798  C  CA  . ARG B 2 95  ? 5.554   9.111   -15.874 1.00 9.72  ? 95  ARG B CA  1 
ATOM   799  C  C   . ARG B 2 95  ? 4.075   8.841   -15.638 1.00 9.70  ? 95  ARG B C   1 
ATOM   800  O  O   . ARG B 2 95  ? 3.220   9.677   -15.953 1.00 9.23  ? 95  ARG B O   1 
ATOM   801  C  CB  . ARG B 2 95  ? 6.053   8.449   -17.151 1.00 10.24 ? 95  ARG B CB  1 
ATOM   802  C  CG  . ARG B 2 95  ? 7.480   8.926   -17.509 1.00 11.65 ? 95  ARG B CG  1 
ATOM   803  C  CD  . ARG B 2 95  ? 7.956   8.281   -18.830 1.00 17.35 ? 95  ARG B CD  1 
ATOM   804  N  NE  . ARG B 2 95  ? 9.359   8.612   -19.073 1.00 21.82 ? 95  ARG B NE  1 
ATOM   805  C  CZ  . ARG B 2 95  ? 10.372  7.753   -18.956 1.00 25.28 ? 95  ARG B CZ  1 
ATOM   806  N  NH1 . ARG B 2 95  ? 10.159  6.476   -18.626 1.00 24.73 ? 95  ARG B NH1 1 
ATOM   807  N  NH2 . ARG B 2 95  ? 11.611  8.176   -19.196 1.00 27.94 ? 95  ARG B NH2 1 
ATOM   808  N  N   . MET B 2 96  ? 3.786   7.676   -15.065 1.00 9.34  ? 96  MET B N   1 
ATOM   809  C  CA  . MET B 2 96  ? 2.416   7.313   -14.715 1.00 9.91  ? 96  MET B CA  1 
ATOM   810  C  C   . MET B 2 96  ? 1.829   8.274   -13.680 1.00 9.02  ? 96  MET B C   1 
ATOM   811  O  O   . MET B 2 96  ? 0.666   8.678   -13.810 1.00 9.25  ? 96  MET B O   1 
ATOM   812  C  CB  . MET B 2 96  ? 2.358   5.856   -14.203 1.00 10.39 ? 96  MET B CB  1 
ATOM   813  C  CG  . MET B 2 96  ? 0.902   5.350   -13.930 1.00 12.18 ? 96  MET B CG  1 
ATOM   814  S  SD  . MET B 2 96  ? -0.182  5.403   -15.388 1.00 15.63 ? 96  MET B SD  1 
ATOM   815  C  CE  . MET B 2 96  ? 0.438   3.973   -16.272 1.00 14.69 ? 96  MET B CE  1 
ATOM   816  N  N   . TRP B 2 97  ? 2.617   8.622   -12.647 1.00 8.39  ? 97  TRP B N   1 
ATOM   817  C  CA  . TRP B 2 97  ? 2.151   9.527   -11.601 1.00 7.67  ? 97  TRP B CA  1 
ATOM   818  C  C   . TRP B 2 97  ? 1.662   10.835  -12.227 1.00 7.82  ? 97  TRP B C   1 
ATOM   819  O  O   . TRP B 2 97  ? 0.606   11.325  -11.853 1.00 7.71  ? 97  TRP B O   1 
ATOM   820  C  CB  . TRP B 2 97  ? 3.267   9.828   -10.601 1.00 8.83  ? 97  TRP B CB  1 
ATOM   821  C  CG  . TRP B 2 97  ? 2.873   10.602  -9.359  1.00 8.80  ? 97  TRP B CG  1 
ATOM   822  C  CD1 . TRP B 2 97  ? 2.523   10.082  -8.149  1.00 10.46 ? 97  TRP B CD1 1 
ATOM   823  C  CD2 . TRP B 2 97  ? 2.830   12.023  -9.219  1.00 8.96  ? 97  TRP B CD2 1 
ATOM   824  N  NE1 . TRP B 2 97  ? 2.271   11.099  -7.253  1.00 8.33  ? 97  TRP B NE1 1 
ATOM   825  C  CE2 . TRP B 2 97  ? 2.443   12.301  -7.894  1.00 11.42 ? 97  TRP B CE2 1 
ATOM   826  C  CE3 . TRP B 2 97  ? 3.084   13.094  -10.097 1.00 7.81  ? 97  TRP B CE3 1 
ATOM   827  C  CZ2 . TRP B 2 97  ? 2.313   13.613  -7.407  1.00 10.61 ? 97  TRP B CZ2 1 
ATOM   828  C  CZ3 . TRP B 2 97  ? 2.940   14.403  -9.606  1.00 10.33 ? 97  TRP B CZ3 1 
ATOM   829  C  CH2 . TRP B 2 97  ? 2.568   14.643  -8.283  1.00 11.32 ? 97  TRP B CH2 1 
ATOM   830  N  N   . ALA B 2 98  ? 2.416   11.369  -13.184 1.00 7.48  ? 98  ALA B N   1 
ATOM   831  C  CA  . ALA B 2 98  ? 2.027   12.620  -13.838 1.00 8.31  ? 98  ALA B CA  1 
ATOM   832  C  C   . ALA B 2 98  ? 0.671   12.493  -14.564 1.00 8.35  ? 98  ALA B C   1 
ATOM   833  O  O   . ALA B 2 98  ? -0.168  13.382  -14.450 1.00 9.77  ? 98  ALA B O   1 
ATOM   834  C  CB  . ALA B 2 98  ? 3.140   13.084  -14.827 1.00 7.26  ? 98  ALA B CB  1 
ATOM   835  N  N   . ARG B 2 99  ? 0.490   11.422  -15.333 1.00 9.69  ? 99  ARG B N   1 
ATOM   836  C  CA  . ARG B 2 99  ? -0.765  11.171  -16.055 1.00 10.89 ? 99  ARG B CA  1 
ATOM   837  C  C   . ARG B 2 99  ? -1.939  11.076  -15.075 1.00 11.37 ? 99  ARG B C   1 
ATOM   838  O  O   . ARG B 2 99  ? -2.969  11.734  -15.262 1.00 11.46 ? 99  ARG B O   1 
ATOM   839  C  CB  . ARG B 2 99  ? -0.675  9.870   -16.877 1.00 12.04 ? 99  ARG B CB  1 
ATOM   840  C  CG  . ARG B 2 99  ? -1.905  9.607   -17.748 1.00 16.74 ? 99  ARG B CG  1 
ATOM   841  C  CD  . ARG B 2 99  ? -1.684  8.519   -18.811 1.00 21.33 ? 99  ARG B CD  1 
ATOM   842  N  NE  . ARG B 2 99  ? -2.821  8.505   -19.737 1.00 27.02 ? 99  ARG B NE  1 
ATOM   843  C  CZ  . ARG B 2 99  ? -2.787  8.072   -20.998 1.00 30.82 ? 99  ARG B CZ  1 
ATOM   844  N  NH1 . ARG B 2 99  ? -1.659  7.612   -21.527 1.00 32.15 ? 99  ARG B NH1 1 
ATOM   845  N  NH2 . ARG B 2 99  ? -3.895  8.121   -21.743 1.00 32.77 ? 99  ARG B NH2 1 
ATOM   846  N  N   . LEU B 2 100 ? -1.767  10.261  -14.039 1.00 10.39 ? 100 LEU B N   1 
ATOM   847  C  CA  . LEU B 2 100 ? -2.829  10.075  -13.031 1.00 10.89 ? 100 LEU B CA  1 
ATOM   848  C  C   . LEU B 2 100 ? -3.119  11.366  -12.265 1.00 11.18 ? 100 LEU B C   1 
ATOM   849  O  O   . LEU B 2 100 ? -4.280  11.700  -12.001 1.00 10.92 ? 100 LEU B O   1 
ATOM   850  C  CB  . LEU B 2 100 ? -2.500  8.904   -12.087 1.00 9.74  ? 100 LEU B CB  1 
ATOM   851  C  CG  . LEU B 2 100 ? -2.323  7.524   -12.736 1.00 12.08 ? 100 LEU B CG  1 
ATOM   852  C  CD1 . LEU B 2 100 ? -1.930  6.489   -11.683 1.00 13.14 ? 100 LEU B CD1 1 
ATOM   853  C  CD2 . LEU B 2 100 ? -3.580  7.094   -13.510 1.00 12.99 ? 100 LEU B CD2 1 
ATOM   854  N  N   . ARG B 2 101 ? -2.068  12.109  -11.926 1.00 10.34 ? 101 ARG B N   1 
ATOM   855  C  CA  . ARG B 2 101 ? -2.216  13.396  -11.251 1.00 11.01 ? 101 ARG B CA  1 
ATOM   856  C  C   . ARG B 2 101 ? -3.018  14.416  -12.064 1.00 11.51 ? 101 ARG B C   1 
ATOM   857  O  O   . ARG B 2 101 ? -3.881  15.112  -11.512 1.00 11.20 ? 101 ARG B O   1 
ATOM   858  C  CB  . ARG B 2 101 ? -0.845  13.995  -10.857 1.00 10.83 ? 101 ARG B CB  1 
ATOM   859  C  CG  . ARG B 2 101 ? -0.933  15.272  -10.015 1.00 11.61 ? 101 ARG B CG  1 
ATOM   860  C  CD  . ARG B 2 101 ? -1.578  15.012  -8.674  1.00 17.32 ? 101 ARG B CD  1 
ATOM   861  N  NE  . ARG B 2 101 ? -2.068  16.227  -8.012  1.00 21.36 ? 101 ARG B NE  1 
ATOM   862  C  CZ  . ARG B 2 101 ? -3.297  16.729  -8.151  1.00 22.19 ? 101 ARG B CZ  1 
ATOM   863  N  NH1 . ARG B 2 101 ? -4.172  16.162  -8.950  1.00 19.80 ? 101 ARG B NH1 1 
ATOM   864  N  NH2 . ARG B 2 101 ? -3.651  17.816  -7.468  1.00 25.57 ? 101 ARG B NH2 1 
ATOM   865  N  N   . ILE B 2 102 ? -2.744  14.513  -13.358 1.00 12.92 ? 102 ILE B N   1 
ATOM   866  C  CA  . ILE B 2 102 ? -3.518  15.470  -14.173 1.00 14.52 ? 102 ILE B CA  1 
ATOM   867  C  C   . ILE B 2 102 ? -4.981  14.986  -14.343 1.00 15.54 ? 102 ILE B C   1 
ATOM   868  O  O   . ILE B 2 102 ? -5.910  15.793  -14.257 1.00 16.70 ? 102 ILE B O   1 
ATOM   869  C  CB  A ILE B 2 102 ? -2.839  15.721  -15.553 0.50 14.25 ? 102 ILE B CB  1 
ATOM   870  C  CB  B ILE B 2 102 ? -2.825  15.864  -15.498 0.50 14.72 ? 102 ILE B CB  1 
ATOM   871  C  CG1 A ILE B 2 102 ? -1.706  16.711  -15.379 0.50 14.81 ? 102 ILE B CG1 1 
ATOM   872  C  CG1 B ILE B 2 102 ? -2.904  14.746  -16.524 0.50 14.35 ? 102 ILE B CG1 1 
ATOM   873  C  CG2 A ILE B 2 102 ? -3.782  16.421  -16.543 0.50 14.42 ? 102 ILE B CG2 1 
ATOM   874  C  CG2 B ILE B 2 102 ? -1.390  16.299  -15.234 0.50 15.49 ? 102 ILE B CG2 1 
ATOM   875  C  CD1 A ILE B 2 102 ? -2.205  18.106  -15.189 0.50 11.79 ? 102 ILE B CD1 1 
ATOM   876  C  CD1 B ILE B 2 102 ? -3.333  15.236  -17.890 0.50 18.42 ? 102 ILE B CD1 1 
ATOM   877  N  N   . HIS B 2 103 ? -5.164  13.678  -14.504 1.00 15.61 ? 103 HIS B N   1 
ATOM   878  C  CA  . HIS B 2 103 ? -6.501  13.079  -14.543 1.00 16.96 ? 103 HIS B CA  1 
ATOM   879  C  C   . HIS B 2 103 ? -7.326  13.552  -13.332 1.00 17.43 ? 103 HIS B C   1 
ATOM   880  O  O   . HIS B 2 103 ? -8.442  14.078  -13.493 1.00 17.05 ? 103 HIS B O   1 
ATOM   881  C  CB  . HIS B 2 103 ? -6.389  11.551  -14.607 1.00 17.42 ? 103 HIS B CB  1 
ATOM   882  C  CG  . HIS B 2 103 ? -7.707  10.846  -14.712 1.00 19.60 ? 103 HIS B CG  1 
ATOM   883  N  ND1 . HIS B 2 103 ? -8.484  10.889  -15.850 1.00 22.34 ? 103 HIS B ND1 1 
ATOM   884  C  CD2 . HIS B 2 103 ? -8.377  10.071  -13.824 1.00 21.83 ? 103 HIS B CD2 1 
ATOM   885  C  CE1 . HIS B 2 103 ? -9.579  10.173  -15.656 1.00 24.63 ? 103 HIS B CE1 1 
ATOM   886  N  NE2 . HIS B 2 103 ? -9.544  9.675   -14.433 1.00 22.47 ? 103 HIS B NE2 1 
ATOM   887  N  N   . LEU B 2 104 ? -6.758  13.423  -12.132 1.00 17.12 ? 104 LEU B N   1 
ATOM   888  C  CA  . LEU B 2 104 ? -7.415  13.900  -10.905 1.00 17.99 ? 104 LEU B CA  1 
ATOM   889  C  C   . LEU B 2 104 ? -7.658  15.418  -10.872 1.00 19.24 ? 104 LEU B C   1 
ATOM   890  O  O   . LEU B 2 104 ? -8.735  15.861  -10.453 1.00 19.08 ? 104 LEU B O   1 
ATOM   891  C  CB  . LEU B 2 104 ? -6.633  13.464  -9.666  1.00 16.26 ? 104 LEU B CB  1 
ATOM   892  C  CG  . LEU B 2 104 ? -6.630  11.961  -9.379  1.00 16.00 ? 104 LEU B CG  1 
ATOM   893  C  CD1 . LEU B 2 104 ? -5.444  11.621  -8.424  1.00 14.81 ? 104 LEU B CD1 1 
ATOM   894  C  CD2 . LEU B 2 104 ? -7.980  11.511  -8.802  1.00 12.40 ? 104 LEU B CD2 1 
ATOM   895  N  N   . ALA B 2 105 ? -6.682  16.208  -11.335 1.00 19.34 ? 105 ALA B N   1 
ATOM   896  C  CA  . ALA B 2 105 ? -6.796  17.681  -11.278 1.00 21.21 ? 105 ALA B CA  1 
ATOM   897  C  C   . ALA B 2 105 ? -7.966  18.145  -12.132 1.00 22.51 ? 105 ALA B C   1 
ATOM   898  O  O   . ALA B 2 105 ? -8.750  19.018  -11.724 1.00 23.59 ? 105 ALA B O   1 
ATOM   899  C  CB  . ALA B 2 105 ? -5.526  18.331  -11.745 1.00 20.57 ? 105 ALA B CB  1 
ATOM   900  N  N   . GLU B 2 106 ? -8.095  17.524  -13.300 1.00 23.94 ? 106 GLU B N   1 
ATOM   901  C  CA  . GLU B 2 106 ? -9.146  17.863  -14.255 1.00 25.76 ? 106 GLU B CA  1 
ATOM   902  C  C   . GLU B 2 106 ? -10.529 17.534  -13.720 1.00 25.87 ? 106 GLU B C   1 
ATOM   903  O  O   . GLU B 2 106 ? -11.459 18.312  -13.915 1.00 26.39 ? 106 GLU B O   1 
ATOM   904  C  CB  . GLU B 2 106 ? -8.925  17.149  -15.590 1.00 25.94 ? 106 GLU B CB  1 
ATOM   905  C  CG  . GLU B 2 106 ? -7.711  17.624  -16.345 1.00 30.92 ? 106 GLU B CG  1 
ATOM   906  C  CD  . GLU B 2 106 ? -7.984  17.736  -17.826 1.00 36.15 ? 106 GLU B CD  1 
ATOM   907  O  OE1 . GLU B 2 106 ? -8.688  16.861  -18.390 1.00 39.26 ? 106 GLU B OE1 1 
ATOM   908  O  OE2 . GLU B 2 106 ? -7.502  18.716  -18.425 1.00 39.96 ? 106 GLU B OE2 1 
ATOM   909  N  N   . SER B 2 107 ? -10.648 16.392  -13.035 1.00 25.94 ? 107 SER B N   1 
ATOM   910  C  CA  . SER B 2 107 ? -11.924 15.904  -12.505 1.00 25.96 ? 107 SER B CA  1 
ATOM   911  C  C   . SER B 2 107 ? -12.266 16.580  -11.184 1.00 26.15 ? 107 SER B C   1 
ATOM   912  O  O   . SER B 2 107 ? -13.406 16.511  -10.707 1.00 27.06 ? 107 SER B O   1 
ATOM   913  C  CB  A SER B 2 107 ? -11.848 14.394  -12.287 0.50 25.86 ? 107 SER B CB  1 
ATOM   914  C  CB  B SER B 2 107 ? -11.882 14.381  -12.347 0.50 26.16 ? 107 SER B CB  1 
ATOM   915  O  OG  A SER B 2 107 ? -10.900 14.082  -11.281 0.50 24.33 ? 107 SER B OG  1 
ATOM   916  O  OG  B SER B 2 107 ? -11.670 13.744  -13.601 0.50 27.00 ? 107 SER B OG  1 
ATOM   917  N  N   . GLY B 2 108 ? -11.272 17.227  -10.587 1.00 26.27 ? 108 GLY B N   1 
ATOM   918  C  CA  . GLY B 2 108 ? -11.433 17.880  -9.292  1.00 26.32 ? 108 GLY B CA  1 
ATOM   919  C  C   . GLY B 2 108 ? -11.506 16.874  -8.154  1.00 26.20 ? 108 GLY B C   1 
ATOM   920  O  O   . GLY B 2 108 ? -12.043 17.180  -7.091  1.00 27.46 ? 108 GLY B O   1 
ATOM   921  N  N   . ARG B 2 109 ? -10.970 15.675  -8.379  1.00 24.71 ? 109 ARG B N   1 
ATOM   922  C  CA  . ARG B 2 109 ? -10.968 14.621  -7.363  1.00 23.65 ? 109 ARG B CA  1 
ATOM   923  C  C   . ARG B 2 109 ? -9.597  14.520  -6.671  1.00 22.94 ? 109 ARG B C   1 
ATOM   924  O  O   . ARG B 2 109 ? -8.604  15.039  -7.184  1.00 22.93 ? 109 ARG B O   1 
ATOM   925  C  CB  A ARG B 2 109 ? -11.332 13.267  -7.984  0.50 23.51 ? 109 ARG B CB  1 
ATOM   926  C  CB  B ARG B 2 109 ? -11.397 13.293  -7.978  0.50 23.54 ? 109 ARG B CB  1 
ATOM   927  C  CG  A ARG B 2 109 ? -12.823 13.061  -8.296  0.50 23.96 ? 109 ARG B CG  1 
ATOM   928  C  CG  B ARG B 2 109 ? -12.635 13.439  -8.860  0.50 23.93 ? 109 ARG B CG  1 
ATOM   929  C  CD  A ARG B 2 109 ? -13.068 11.650  -8.844  0.50 23.80 ? 109 ARG B CD  1 
ATOM   930  C  CD  B ARG B 2 109 ? -13.729 12.485  -8.469  0.50 23.77 ? 109 ARG B CD  1 
ATOM   931  N  NE  A ARG B 2 109 ? -12.003 11.255  -9.760  0.50 23.46 ? 109 ARG B NE  1 
ATOM   932  N  NE  B ARG B 2 109 ? -14.986 12.884  -9.089  0.50 23.58 ? 109 ARG B NE  1 
ATOM   933  C  CZ  A ARG B 2 109 ? -12.077 11.319  -11.084 0.50 23.15 ? 109 ARG B CZ  1 
ATOM   934  C  CZ  B ARG B 2 109 ? -15.333 12.574  -10.332 0.50 23.29 ? 109 ARG B CZ  1 
ATOM   935  N  NH1 A ARG B 2 109 ? -13.188 11.738  -11.678 0.50 23.81 ? 109 ARG B NH1 1 
ATOM   936  N  NH1 B ARG B 2 109 ? -14.517 11.858  -11.095 0.50 21.19 ? 109 ARG B NH1 1 
ATOM   937  N  NH2 A ARG B 2 109 ? -11.039 10.952  -11.812 0.50 23.20 ? 109 ARG B NH2 1 
ATOM   938  N  NH2 B ARG B 2 109 ? -16.497 12.988  -10.810 0.50 24.03 ? 109 ARG B NH2 1 
ATOM   939  N  N   . ARG B 2 110 ? -9.553  13.867  -5.508  1.00 22.11 ? 110 ARG B N   1 
ATOM   940  C  CA  . ARG B 2 110 ? -8.318  13.788  -4.723  1.00 20.78 ? 110 ARG B CA  1 
ATOM   941  C  C   . ARG B 2 110 ? -7.935  12.369  -4.298  1.00 20.37 ? 110 ARG B C   1 
ATOM   942  O  O   . ARG B 2 110 ? -8.803  11.524  -4.069  1.00 19.34 ? 110 ARG B O   1 
ATOM   943  C  CB  . ARG B 2 110 ? -8.404  14.697  -3.489  1.00 21.10 ? 110 ARG B CB  1 
ATOM   944  C  CG  . ARG B 2 110 ? -8.564  16.184  -3.808  0.20 21.02 ? 110 ARG B CG  1 
ATOM   945  C  CD  . ARG B 2 110 ? -8.846  17.020  -2.562  0.20 21.15 ? 110 ARG B CD  1 
ATOM   946  N  NE  . ARG B 2 110 ? -10.105 16.649  -1.919  0.20 21.39 ? 110 ARG B NE  1 
ATOM   947  C  CZ  . ARG B 2 110 ? -10.191 15.901  -0.824  0.20 22.15 ? 110 ARG B CZ  1 
ATOM   948  N  NH1 . ARG B 2 110 ? -9.089  15.446  -0.245  0.20 22.07 ? 110 ARG B NH1 1 
ATOM   949  N  NH2 . ARG B 2 110 ? -11.379 15.609  -0.309  0.20 22.45 ? 110 ARG B NH2 1 
ATOM   950  N  N   . VAL B 2 111 ? -6.618  12.147  -4.188  1.00 18.82 ? 111 VAL B N   1 
ATOM   951  C  CA  . VAL B 2 111 ? -6.012  10.925  -3.646  1.00 18.72 ? 111 VAL B CA  1 
ATOM   952  C  C   . VAL B 2 111 ? -4.848  11.427  -2.757  1.00 17.84 ? 111 VAL B C   1 
ATOM   953  O  O   . VAL B 2 111 ? -4.193  12.384  -3.156  1.00 19.07 ? 111 VAL B O   1 
ATOM   954  C  CB  . VAL B 2 111 ? -5.472  10.043  -4.837  1.00 18.83 ? 111 VAL B CB  1 
ATOM   955  C  CG1 . VAL B 2 111 ? -4.529  8.971   -4.381  1.00 19.94 ? 111 VAL B CG1 1 
ATOM   956  C  CG2 . VAL B 2 111 ? -6.646  9.418   -5.675  1.00 18.83 ? 111 VAL B CG2 1 
ATOM   957  N  N   . ARG B 2 112 ? -4.596  10.811  -1.591  1.00 16.92 ? 112 ARG B N   1 
ATOM   958  C  CA  . ARG B 2 112 ? -3.376  11.080  -0.763  1.00 15.97 ? 112 ARG B CA  1 
ATOM   959  C  C   . ARG B 2 112 ? -2.190  10.990  -1.712  1.00 14.04 ? 112 ARG B C   1 
ATOM   960  O  O   . ARG B 2 112 ? -2.132  10.062  -2.529  1.00 13.12 ? 112 ARG B O   1 
ATOM   961  C  CB  . ARG B 2 112 ? -3.112  9.943   0.259   1.00 17.80 ? 112 ARG B CB  1 
ATOM   962  C  CG  . ARG B 2 112 ? -3.889  9.847   1.591   1.00 21.98 ? 112 ARG B CG  1 
ATOM   963  C  CD  . ARG B 2 112 ? -3.015  9.079   2.648   1.00 24.87 ? 112 ARG B CD  1 
ATOM   964  N  NE  . ARG B 2 112 ? -2.427  7.809   2.171   1.00 26.02 ? 112 ARG B NE  1 
ATOM   965  C  CZ  . ARG B 2 112 ? -1.223  7.340   2.518   1.00 26.74 ? 112 ARG B CZ  1 
ATOM   966  N  NH1 . ARG B 2 112 ? -0.436  8.037   3.331   1.00 26.88 ? 112 ARG B NH1 1 
ATOM   967  N  NH2 . ARG B 2 112 ? -0.781  6.182   2.035   1.00 27.52 ? 112 ARG B NH2 1 
ATOM   968  N  N   A ILE B 2 113 ? -1.225  11.903  -1.613  0.50 13.39 ? 113 ILE B N   1 
ATOM   969  N  N   B ILE B 2 113 ? -1.233  11.906  -1.593  0.50 13.28 ? 113 ILE B N   1 
ATOM   970  C  CA  A ILE B 2 113 ? -0.115  11.868  -2.577  0.50 12.29 ? 113 ILE B CA  1 
ATOM   971  C  CA  B ILE B 2 113 ? -0.077  11.898  -2.495  0.50 12.04 ? 113 ILE B CA  1 
ATOM   972  C  C   A ILE B 2 113 ? 0.677   10.547  -2.524  0.50 11.53 ? 113 ILE B C   1 
ATOM   973  C  C   B ILE B 2 113 ? 0.651   10.552  -2.510  0.50 11.40 ? 113 ILE B C   1 
ATOM   974  O  O   A ILE B 2 113 ? 1.083   10.027  -3.564  0.50 10.85 ? 113 ILE B O   1 
ATOM   975  O  O   B ILE B 2 113 ? 0.997   10.031  -3.570  0.50 10.71 ? 113 ILE B O   1 
ATOM   976  C  CB  A ILE B 2 113 ? 0.806   13.123  -2.508  0.50 12.85 ? 113 ILE B CB  1 
ATOM   977  C  CB  B ILE B 2 113 ? 0.905   13.029  -2.160  0.50 12.61 ? 113 ILE B CB  1 
ATOM   978  C  CG1 A ILE B 2 113 ? 1.683   13.208  -3.762  0.50 12.74 ? 113 ILE B CG1 1 
ATOM   979  C  CG1 B ILE B 2 113 ? 0.344   14.344  -2.678  0.50 12.67 ? 113 ILE B CG1 1 
ATOM   980  C  CG2 A ILE B 2 113 ? 1.672   13.105  -1.265  0.50 12.49 ? 113 ILE B CG2 1 
ATOM   981  C  CG2 B ILE B 2 113 ? 2.281   12.771  -2.773  0.50 10.92 ? 113 ILE B CG2 1 
ATOM   982  C  CD1 A ILE B 2 113 ? 2.339   14.571  -3.986  0.50 13.96 ? 113 ILE B CD1 1 
ATOM   983  C  CD1 B ILE B 2 113 ? 1.409   15.365  -3.005  0.50 16.17 ? 113 ILE B CD1 1 
ATOM   984  N  N   . ASN B 2 114 ? 0.865   9.993   -1.327  1.00 10.73 ? 114 ASN B N   1 
ATOM   985  C  CA  . ASN B 2 114 ? 1.602   8.749   -1.196  1.00 10.07 ? 114 ASN B CA  1 
ATOM   986  C  C   . ASN B 2 114 ? 0.806   7.583   -1.787  1.00 8.99  ? 114 ASN B C   1 
ATOM   987  O  O   . ASN B 2 114 ? 1.390   6.696   -2.382  1.00 8.44  ? 114 ASN B O   1 
ATOM   988  C  CB  . ASN B 2 114 ? 1.998   8.474   0.245   1.00 10.47 ? 114 ASN B CB  1 
ATOM   989  C  CG  . ASN B 2 114 ? 3.363   9.054   0.599   1.00 11.29 ? 114 ASN B CG  1 
ATOM   990  O  OD1 . ASN B 2 114 ? 3.994   9.748   -0.209  1.00 12.83 ? 114 ASN B OD1 1 
ATOM   991  N  ND2 . ASN B 2 114 ? 3.829   8.754   1.816   1.00 14.63 ? 114 ASN B ND2 1 
ATOM   992  N  N   . ASP B 2 115 ? -0.522  7.622   -1.661  1.00 9.47  ? 115 ASP B N   1 
ATOM   993  C  CA  . ASP B 2 115 ? -1.362  6.638   -2.372  1.00 9.49  ? 115 ASP B CA  1 
ATOM   994  C  C   . ASP B 2 115 ? -1.271  6.776   -3.885  1.00 9.57  ? 115 ASP B C   1 
ATOM   995  O  O   . ASP B 2 115 ? -1.266  5.772   -4.598  1.00 8.46  ? 115 ASP B O   1 
ATOM   996  C  CB  . ASP B 2 115 ? -2.831  6.681   -1.911  1.00 10.24 ? 115 ASP B CB  1 
ATOM   997  C  CG  . ASP B 2 115 ? -3.047  5.914   -0.599  1.00 12.54 ? 115 ASP B CG  1 
ATOM   998  O  OD1 . ASP B 2 115 ? -2.127  5.168   -0.167  1.00 16.42 ? 115 ASP B OD1 1 
ATOM   999  O  OD2 . ASP B 2 115 ? -4.129  6.053   0.001   1.00 14.51 ? 115 ASP B OD2 1 
ATOM   1000 N  N   . LEU B 2 116 ? -1.130  8.006   -4.378  1.00 10.27 ? 116 LEU B N   1 
ATOM   1001 C  CA  . LEU B 2 116 ? -0.962  8.193   -5.835  1.00 9.09  ? 116 LEU B CA  1 
ATOM   1002 C  C   . LEU B 2 116 ? 0.346   7.587   -6.343  1.00 8.17  ? 116 LEU B C   1 
ATOM   1003 O  O   . LEU B 2 116 ? 0.372   6.972   -7.418  1.00 8.73  ? 116 LEU B O   1 
ATOM   1004 C  CB  . LEU B 2 116 ? -1.071  9.672   -6.232  1.00 8.69  ? 116 LEU B CB  1 
ATOM   1005 C  CG  . LEU B 2 116 ? -1.195  9.939   -7.745  1.00 7.90  ? 116 LEU B CG  1 
ATOM   1006 C  CD1 . LEU B 2 116 ? -2.442  9.236   -8.384  1.00 7.59  ? 116 LEU B CD1 1 
ATOM   1007 C  CD2 . LEU B 2 116 ? -1.241  11.472  -7.946  1.00 10.94 ? 116 LEU B CD2 1 
ATOM   1008 N  N   . TRP B 2 117 ? 1.427   7.741   -5.571  1.00 8.08  ? 117 TRP B N   1 
ATOM   1009 C  CA  . TRP B 2 117 ? 2.693   7.049   -5.866  1.00 8.02  ? 117 TRP B CA  1 
ATOM   1010 C  C   . TRP B 2 117 ? 2.527   5.522   -5.909  1.00 8.54  ? 117 TRP B C   1 
ATOM   1011 O  O   . TRP B 2 117 ? 3.027   4.865   -6.802  1.00 7.55  ? 117 TRP B O   1 
ATOM   1012 C  CB  . TRP B 2 117 ? 3.806   7.465   -4.873  1.00 7.07  ? 117 TRP B CB  1 
ATOM   1013 C  CG  . TRP B 2 117 ? 4.354   8.866   -5.130  1.00 8.76  ? 117 TRP B CG  1 
ATOM   1014 C  CD1 . TRP B 2 117 ? 4.267   9.964   -4.322  1.00 9.77  ? 117 TRP B CD1 1 
ATOM   1015 C  CD2 . TRP B 2 117 ? 5.103   9.267   -6.278  1.00 8.47  ? 117 TRP B CD2 1 
ATOM   1016 N  NE1 . TRP B 2 117 ? 4.930   11.051  -4.913  1.00 8.88  ? 117 TRP B NE1 1 
ATOM   1017 C  CE2 . TRP B 2 117 ? 5.434   10.638  -6.119  1.00 7.94  ? 117 TRP B CE2 1 
ATOM   1018 C  CE3 . TRP B 2 117 ? 5.509   8.600   -7.445  1.00 9.22  ? 117 TRP B CE3 1 
ATOM   1019 C  CZ2 . TRP B 2 117 ? 6.164   11.359  -7.090  1.00 9.94  ? 117 TRP B CZ2 1 
ATOM   1020 C  CZ3 . TRP B 2 117 ? 6.239   9.326   -8.422  1.00 11.85 ? 117 TRP B CZ3 1 
ATOM   1021 C  CH2 . TRP B 2 117 ? 6.566   10.682  -8.215  1.00 9.04  ? 117 TRP B CH2 1 
ATOM   1022 N  N   . ILE B 2 118 ? 1.808   4.964   -4.945  1.00 8.76  ? 118 ILE B N   1 
ATOM   1023 C  CA  . ILE B 2 118 ? 1.516   3.531   -4.963  1.00 8.24  ? 118 ILE B CA  1 
ATOM   1024 C  C   . ILE B 2 118 ? 0.774   3.120   -6.240  1.00 8.05  ? 118 ILE B C   1 
ATOM   1025 O  O   . ILE B 2 118 ? 1.202   2.185   -6.929  1.00 7.99  ? 118 ILE B O   1 
ATOM   1026 C  CB  . ILE B 2 118 ? 0.752   3.097   -3.704  1.00 8.07  ? 118 ILE B CB  1 
ATOM   1027 C  CG1 . ILE B 2 118 ? 1.674   3.232   -2.478  1.00 6.58  ? 118 ILE B CG1 1 
ATOM   1028 C  CG2 . ILE B 2 118 ? 0.306   1.618   -3.826  1.00 8.95  ? 118 ILE B CG2 1 
ATOM   1029 C  CD1 . ILE B 2 118 ? 0.895   3.145   -1.133  1.00 11.06 ? 118 ILE B CD1 1 
ATOM   1030 N  N   . ALA B 2 119 ? -0.308  3.838   -6.553  1.00 8.37  ? 119 ALA B N   1 
ATOM   1031 C  CA  . ALA B 2 119 ? -1.109  3.575   -7.746  1.00 9.45  ? 119 ALA B CA  1 
ATOM   1032 C  C   . ALA B 2 119 ? -0.266  3.741   -9.011  1.00 9.17  ? 119 ALA B C   1 
ATOM   1033 O  O   . ALA B 2 119 ? -0.387  2.941   -9.942  1.00 9.82  ? 119 ALA B O   1 
ATOM   1034 C  CB  . ALA B 2 119 ? -2.306  4.500   -7.787  1.00 9.06  ? 119 ALA B CB  1 
ATOM   1035 N  N   . ALA B 2 120 ? 0.615   4.753   -9.028  1.00 9.18  ? 120 ALA B N   1 
ATOM   1036 C  CA  . ALA B 2 120 ? 1.505   4.963   -10.182 1.00 8.82  ? 120 ALA B CA  1 
ATOM   1037 C  C   . ALA B 2 120 ? 2.448   3.782   -10.397 1.00 9.14  ? 120 ALA B C   1 
ATOM   1038 O  O   . ALA B 2 120 ? 2.642   3.318   -11.523 1.00 8.87  ? 120 ALA B O   1 
ATOM   1039 C  CB  . ALA B 2 120 ? 2.290   6.304   -10.042 1.00 8.80  ? 120 ALA B CB  1 
ATOM   1040 N  N   . VAL B 2 121 ? 3.043   3.294   -9.318  1.00 9.03  ? 121 VAL B N   1 
ATOM   1041 C  CA  . VAL B 2 121 ? 3.917   2.135   -9.399  1.00 9.40  ? 121 VAL B CA  1 
ATOM   1042 C  C   . VAL B 2 121 ? 3.159   0.906   -9.944  1.00 9.24  ? 121 VAL B C   1 
ATOM   1043 O  O   . VAL B 2 121 ? 3.607   0.252   -10.912 1.00 9.44  ? 121 VAL B O   1 
ATOM   1044 C  CB  . VAL B 2 121 ? 4.559   1.829   -8.003  1.00 9.22  ? 121 VAL B CB  1 
ATOM   1045 C  CG1 . VAL B 2 121 ? 5.220   0.422   -7.965  1.00 10.03 ? 121 VAL B CG1 1 
ATOM   1046 C  CG2 . VAL B 2 121 ? 5.587   2.940   -7.636  1.00 7.93  ? 121 VAL B CG2 1 
ATOM   1047 N  N   . ALA B 2 122 ? 2.021   0.599   -9.327  1.00 9.99  ? 122 ALA B N   1 
ATOM   1048 C  CA  . ALA B 2 122 ? 1.221   -0.541  -9.769  1.00 11.03 ? 122 ALA B CA  1 
ATOM   1049 C  C   . ALA B 2 122 ? 0.779   -0.403  -11.229 1.00 10.90 ? 122 ALA B C   1 
ATOM   1050 O  O   . ALA B 2 122 ? 1.009   -1.331  -12.035 1.00 12.02 ? 122 ALA B O   1 
ATOM   1051 C  CB  . ALA B 2 122 ? 0.002   -0.742  -8.827  1.00 11.32 ? 122 ALA B CB  1 
ATOM   1052 N  N   . ALA B 2 123 ? 0.146   0.725   -11.573 1.00 10.62 ? 123 ALA B N   1 
ATOM   1053 C  CA  . ALA B 2 123 ? -0.326  0.968   -12.952 1.00 11.52 ? 123 ALA B CA  1 
ATOM   1054 C  C   . ALA B 2 123 ? 0.777   0.874   -13.990 1.00 12.83 ? 123 ALA B C   1 
ATOM   1055 O  O   . ALA B 2 123 ? 0.559   0.359   -15.089 1.00 12.29 ? 123 ALA B O   1 
ATOM   1056 C  CB  . ALA B 2 123 ? -1.044  2.299   -13.063 1.00 11.67 ? 123 ALA B CB  1 
ATOM   1057 N  N   . SER B 2 124 ? 1.969   1.372   -13.643 1.00 12.35 ? 124 SER B N   1 
ATOM   1058 C  CA  . SER B 2 124 ? 3.086   1.393   -14.589 1.00 13.39 ? 124 SER B CA  1 
ATOM   1059 C  C   . SER B 2 124 ? 3.603   -0.026  -14.874 1.00 14.53 ? 124 SER B C   1 
ATOM   1060 O  O   . SER B 2 124 ? 4.284   -0.251  -15.873 1.00 15.39 ? 124 SER B O   1 
ATOM   1061 C  CB  . SER B 2 124 ? 4.223   2.292   -14.059 1.00 12.31 ? 124 SER B CB  1 
ATOM   1062 O  OG  . SER B 2 124 ? 4.904   1.664   -12.988 1.00 11.96 ? 124 SER B OG  1 
ATOM   1063 N  N   . ARG B 2 125 ? 3.272   -0.967  -13.984 1.00 15.60 ? 125 ARG B N   1 
ATOM   1064 C  CA  . ARG B 2 125 ? 3.616   -2.378  -14.136 1.00 16.46 ? 125 ARG B CA  1 
ATOM   1065 C  C   . ARG B 2 125 ? 2.429   -3.230  -14.582 1.00 17.19 ? 125 ARG B C   1 
ATOM   1066 O  O   . ARG B 2 125 ? 2.532   -4.457  -14.635 1.00 17.62 ? 125 ARG B O   1 
ATOM   1067 C  CB  . ARG B 2 125 ? 4.204   -2.906  -12.840 1.00 16.49 ? 125 ARG B CB  1 
ATOM   1068 C  CG  . ARG B 2 125 ? 5.541   -2.256  -12.536 1.00 19.00 ? 125 ARG B CG  1 
ATOM   1069 C  CD  . ARG B 2 125 ? 6.206   -2.814  -11.330 1.00 24.50 ? 125 ARG B CD  1 
ATOM   1070 N  NE  . ARG B 2 125 ? 7.519   -2.184  -11.174 1.00 25.90 ? 125 ARG B NE  1 
ATOM   1071 C  CZ  . ARG B 2 125 ? 8.681   -2.773  -11.430 1.00 26.40 ? 125 ARG B CZ  1 
ATOM   1072 N  NH1 . ARG B 2 125 ? 8.724   -4.037  -11.846 1.00 27.00 ? 125 ARG B NH1 1 
ATOM   1073 N  NH2 . ARG B 2 125 ? 9.804   -2.094  -11.248 1.00 26.38 ? 125 ARG B NH2 1 
ATOM   1074 N  N   . ALA B 2 126 ? 1.316   -2.568  -14.900 1.00 17.33 ? 126 ALA B N   1 
ATOM   1075 C  CA  . ALA B 2 126 ? 0.065   -3.210  -15.291 1.00 17.56 ? 126 ALA B CA  1 
ATOM   1076 C  C   . ALA B 2 126 ? -0.356  -4.243  -14.234 1.00 17.63 ? 126 ALA B C   1 
ATOM   1077 O  O   . ALA B 2 126 ? -0.705  -5.399  -14.548 1.00 18.13 ? 126 ALA B O   1 
ATOM   1078 C  CB  . ALA B 2 126 ? 0.182   -3.824  -16.685 1.00 18.67 ? 126 ALA B CB  1 
ATOM   1079 N  N   . LEU B 2 127 ? -0.283  -3.827  -12.971 1.00 15.80 ? 127 LEU B N   1 
ATOM   1080 C  CA  . LEU B 2 127 ? -0.729  -4.629  -11.840 1.00 15.38 ? 127 LEU B CA  1 
ATOM   1081 C  C   . LEU B 2 127 ? -1.790  -3.887  -11.046 1.00 14.42 ? 127 LEU B C   1 
ATOM   1082 O  O   . LEU B 2 127 ? -1.775  -2.648  -10.971 1.00 12.89 ? 127 LEU B O   1 
ATOM   1083 C  CB  . LEU B 2 127 ? 0.435   -4.969  -10.903 1.00 15.75 ? 127 LEU B CB  1 
ATOM   1084 C  CG  . LEU B 2 127 ? 1.612   -5.774  -11.467 1.00 16.48 ? 127 LEU B CG  1 
ATOM   1085 C  CD1 . LEU B 2 127 ? 2.782   -5.636  -10.537 1.00 17.15 ? 127 LEU B CD1 1 
ATOM   1086 C  CD2 . LEU B 2 127 ? 1.248   -7.231  -11.705 1.00 18.73 ? 127 LEU B CD2 1 
ATOM   1087 N  N   . PRO B 2 128 ? -2.729  -4.636  -10.450 1.00 13.77 ? 128 PRO B N   1 
ATOM   1088 C  CA  . PRO B 2 128 ? -3.734  -4.013  -9.627  1.00 13.16 ? 128 PRO B CA  1 
ATOM   1089 C  C   . PRO B 2 128 ? -3.196  -3.609  -8.256  1.00 12.77 ? 128 PRO B C   1 
ATOM   1090 O  O   . PRO B 2 128 ? -2.272  -4.245  -7.737  1.00 13.75 ? 128 PRO B O   1 
ATOM   1091 C  CB  . PRO B 2 128 ? -4.785  -5.130  -9.465  1.00 13.18 ? 128 PRO B CB  1 
ATOM   1092 C  CG  . PRO B 2 128 ? -4.032  -6.371  -9.553  1.00 13.25 ? 128 PRO B CG  1 
ATOM   1093 C  CD  . PRO B 2 128 ? -2.898  -6.105  -10.519 1.00 14.25 ? 128 PRO B CD  1 
ATOM   1094 N  N   . VAL B 2 129 ? -3.789  -2.572  -7.676  1.00 12.23 ? 129 VAL B N   1 
ATOM   1095 C  CA  . VAL B 2 129 ? -3.556  -2.201  -6.291  1.00 11.83 ? 129 VAL B CA  1 
ATOM   1096 C  C   . VAL B 2 129 ? -4.540  -2.968  -5.389  1.00 12.60 ? 129 VAL B C   1 
ATOM   1097 O  O   . VAL B 2 129 ? -5.754  -2.945  -5.627  1.00 12.68 ? 129 VAL B O   1 
ATOM   1098 C  CB  . VAL B 2 129 ? -3.779  -0.682  -6.057  1.00 12.54 ? 129 VAL B CB  1 
ATOM   1099 C  CG1 . VAL B 2 129 ? -3.627  -0.365  -4.565  1.00 11.82 ? 129 VAL B CG1 1 
ATOM   1100 C  CG2 . VAL B 2 129 ? -2.798  0.169   -6.892  1.00 11.78 ? 129 VAL B CG2 1 
ATOM   1101 N  N   . ILE B 2 130 ? -4.005  -3.638  -4.367  1.00 12.07 ? 130 ILE B N   1 
ATOM   1102 C  CA  . ILE B 2 130 ? -4.809  -4.359  -3.379  1.00 12.53 ? 130 ILE B CA  1 
ATOM   1103 C  C   . ILE B 2 130 ? -4.894  -3.463  -2.163  1.00 13.14 ? 130 ILE B C   1 
ATOM   1104 O  O   . ILE B 2 130 ? -3.856  -3.120  -1.569  1.00 13.58 ? 130 ILE B O   1 
ATOM   1105 C  CB  A ILE B 2 130 ? -4.177  -5.744  -3.049  0.50 12.21 ? 130 ILE B CB  1 
ATOM   1106 C  CB  B ILE B 2 130 ? -4.194  -5.733  -2.978  0.50 12.51 ? 130 ILE B CB  1 
ATOM   1107 C  CG1 A ILE B 2 130 ? -3.679  -6.436  -4.325  0.50 12.67 ? 130 ILE B CG1 1 
ATOM   1108 C  CG1 B ILE B 2 130 ? -4.172  -6.694  -4.155  0.50 13.73 ? 130 ILE B CG1 1 
ATOM   1109 C  CG2 A ILE B 2 130 ? -5.158  -6.646  -2.302  0.50 11.90 ? 130 ILE B CG2 1 
ATOM   1110 C  CG2 B ILE B 2 130 ? -4.977  -6.391  -1.843  0.50 12.57 ? 130 ILE B CG2 1 
ATOM   1111 C  CD1 A ILE B 2 130 ? -4.730  -6.601  -5.414  0.50 13.14 ? 130 ILE B CD1 1 
ATOM   1112 C  CD1 B ILE B 2 130 ? -2.809  -7.145  -4.520  0.50 15.45 ? 130 ILE B CD1 1 
ATOM   1113 N  N   . THR B 2 131 ? -6.113  -3.071  -1.789  1.00 13.04 ? 131 THR B N   1 
ATOM   1114 C  CA  . THR B 2 131 ? -6.304  -2.121  -0.700  1.00 15.13 ? 131 THR B CA  1 
ATOM   1115 C  C   . THR B 2 131 ? -7.437  -2.523  0.238   1.00 16.86 ? 131 THR B C   1 
ATOM   1116 O  O   . THR B 2 131 ? -8.443  -3.099  -0.188  1.00 17.30 ? 131 THR B O   1 
ATOM   1117 C  CB  . THR B 2 131 ? -6.467  -0.629  -1.206  1.00 14.56 ? 131 THR B CB  1 
ATOM   1118 O  OG1 . THR B 2 131 ? -6.486  0.278   -0.098  1.00 15.10 ? 131 THR B OG1 1 
ATOM   1119 C  CG2 . THR B 2 131 ? -7.733  -0.419  -2.031  1.00 15.52 ? 131 THR B CG2 1 
ATOM   1120 N  N   . GLN B 2 132 ? -7.266  -2.199  1.510   1.00 18.75 ? 132 GLN B N   1 
ATOM   1121 C  CA  . GLN B 2 132 ? -8.308  -2.429  2.485   1.00 21.62 ? 132 GLN B CA  1 
ATOM   1122 C  C   . GLN B 2 132 ? -9.131  -1.159  2.681   1.00 22.77 ? 132 GLN B C   1 
ATOM   1123 O  O   . GLN B 2 132 ? -10.247 -1.230  3.182   1.00 23.34 ? 132 GLN B O   1 
ATOM   1124 C  CB  . GLN B 2 132 ? -7.713  -2.931  3.820   1.00 21.47 ? 132 GLN B CB  1 
ATOM   1125 C  CG  . GLN B 2 132 ? -8.760  -3.317  4.820   1.00 24.09 ? 132 GLN B CG  1 
ATOM   1126 C  CD  . GLN B 2 132 ? -8.223  -3.738  6.171   1.00 24.96 ? 132 GLN B CD  1 
ATOM   1127 O  OE1 . GLN B 2 132 ? -8.958  -4.329  6.952   1.00 29.49 ? 132 GLN B OE1 1 
ATOM   1128 N  NE2 . GLN B 2 132 ? -6.946  -3.448  6.463   1.00 23.84 ? 132 GLN B NE2 1 
ATOM   1129 N  N   . ASP B 2 133 ? -8.582  -0.009  2.285   1.00 23.88 ? 133 ASP B N   1 
ATOM   1130 C  CA  . ASP B 2 133 ? -9.195  1.290   2.580   1.00 26.15 ? 133 ASP B CA  1 
ATOM   1131 C  C   . ASP B 2 133 ? -9.820  1.916   1.321   1.00 26.55 ? 133 ASP B C   1 
ATOM   1132 O  O   . ASP B 2 133 ? -9.809  1.287   0.273   1.00 26.63 ? 133 ASP B O   1 
ATOM   1133 C  CB  . ASP B 2 133 ? -8.190  2.243   3.245   1.00 26.45 ? 133 ASP B CB  1 
ATOM   1134 C  CG  . ASP B 2 133 ? -7.862  1.850   4.690   1.00 28.88 ? 133 ASP B CG  1 
ATOM   1135 O  OD1 . ASP B 2 133 ? -8.295  0.767   5.150   1.00 30.32 ? 133 ASP B OD1 1 
ATOM   1136 O  OD2 . ASP B 2 133 ? -7.155  2.630   5.375   1.00 31.56 ? 133 ASP B OD2 1 
ATOM   1137 N  N   . ASP B 2 134 ? -10.340 3.140   1.422   1.00 27.43 ? 134 ASP B N   1 
ATOM   1138 C  CA  . ASP B 2 134 ? -11.180 3.710   0.350   1.00 28.70 ? 134 ASP B CA  1 
ATOM   1139 C  C   . ASP B 2 134 ? -10.573 4.819   -0.514  1.00 28.71 ? 134 ASP B C   1 
ATOM   1140 O  O   . ASP B 2 134 ? -11.305 5.532   -1.205  1.00 28.39 ? 134 ASP B O   1 
ATOM   1141 C  CB  . ASP B 2 134 ? -12.551 4.161   0.908   1.00 29.54 ? 134 ASP B CB  1 
ATOM   1142 C  CG  . ASP B 2 134 ? -12.466 5.373   1.846   1.00 32.21 ? 134 ASP B CG  1 
ATOM   1143 O  OD1 . ASP B 2 134 ? -11.349 5.881   2.145   1.00 35.24 ? 134 ASP B OD1 1 
ATOM   1144 O  OD2 . ASP B 2 134 ? -13.550 5.825   2.297   1.00 35.85 ? 134 ASP B OD2 1 
ATOM   1145 N  N   . ASP B 2 135 ? -9.249  4.958   -0.496  1.00 28.81 ? 135 ASP B N   1 
ATOM   1146 C  CA  . ASP B 2 135 ? -8.601  6.119   -1.107  1.00 29.07 ? 135 ASP B CA  1 
ATOM   1147 C  C   . ASP B 2 135 ? -8.434  6.043   -2.621  1.00 29.03 ? 135 ASP B C   1 
ATOM   1148 O  O   . ASP B 2 135 ? -8.355  7.070   -3.297  1.00 30.38 ? 135 ASP B O   1 
ATOM   1149 C  CB  . ASP B 2 135 ? -7.232  6.381   -0.471  1.00 29.03 ? 135 ASP B CB  1 
ATOM   1150 C  CG  . ASP B 2 135 ? -6.670  7.769   -0.822  1.00 29.75 ? 135 ASP B CG  1 
ATOM   1151 O  OD1 . ASP B 2 135 ? -7.454  8.707   -1.104  1.00 32.04 ? 135 ASP B OD1 1 
ATOM   1152 O  OD2 . ASP B 2 135 ? -5.434  7.931   -0.797  1.00 25.72 ? 135 ASP B OD2 1 
ATOM   1153 N  N   . PHE B 2 136 ? -8.342  4.840   -3.150  1.00 27.96 ? 136 PHE B N   1 
ATOM   1154 C  CA  . PHE B 2 136 ? -7.949  4.683   -4.547  1.00 27.37 ? 136 PHE B CA  1 
ATOM   1155 C  C   . PHE B 2 136 ? -9.154  4.784   -5.463  1.00 27.23 ? 136 PHE B C   1 
ATOM   1156 O  O   . PHE B 2 136 ? -9.021  4.835   -6.684  1.00 27.73 ? 136 PHE B O   1 
ATOM   1157 C  CB  . PHE B 2 136 ? -7.242  3.355   -4.716  1.00 26.27 ? 136 PHE B CB  1 
ATOM   1158 C  CG  . PHE B 2 136 ? -5.906  3.292   -4.044  1.00 25.42 ? 136 PHE B CG  1 
ATOM   1159 C  CD1 . PHE B 2 136 ? -4.758  3.677   -4.729  1.00 23.44 ? 136 PHE B CD1 1 
ATOM   1160 C  CD2 . PHE B 2 136 ? -5.786  2.864   -2.727  1.00 21.62 ? 136 PHE B CD2 1 
ATOM   1161 C  CE1 . PHE B 2 136 ? -3.520  3.613   -4.117  1.00 22.88 ? 136 PHE B CE1 1 
ATOM   1162 C  CE2 . PHE B 2 136 ? -4.543  2.820   -2.102  1.00 23.61 ? 136 PHE B CE2 1 
ATOM   1163 C  CZ  . PHE B 2 136 ? -3.403  3.181   -2.806  1.00 21.59 ? 136 PHE B CZ  1 
ATOM   1164 N  N   . ALA B 2 137 ? -10.336 4.834   -4.846  1.00 27.72 ? 137 ALA B N   1 
ATOM   1165 C  CA  . ALA B 2 137 ? -11.627 4.926   -5.535  1.00 27.05 ? 137 ALA B CA  1 
ATOM   1166 C  C   . ALA B 2 137 ? -11.693 6.017   -6.572  1.00 25.87 ? 137 ALA B C   1 
ATOM   1167 O  O   . ALA B 2 137 ? -12.265 5.821   -7.645  1.00 25.89 ? 137 ALA B O   1 
ATOM   1168 C  CB  . ALA B 2 137 ? -12.748 5.116   -4.520  1.00 28.26 ? 137 ALA B CB  1 
ATOM   1169 N  N   . ALA B 2 138 ? -11.090 7.166   -6.277  1.00 24.00 ? 138 ALA B N   1 
ATOM   1170 C  CA  . ALA B 2 138 ? -11.116 8.295   -7.193  1.00 21.30 ? 138 ALA B CA  1 
ATOM   1171 C  C   . ALA B 2 138 ? -10.483 8.019   -8.565  1.00 19.58 ? 138 ALA B C   1 
ATOM   1172 O  O   . ALA B 2 138 ? -10.714 8.755   -9.509  1.00 19.95 ? 138 ALA B O   1 
ATOM   1173 C  CB  . ALA B 2 138 ? -10.431 9.486   -6.556  1.00 22.67 ? 138 ALA B CB  1 
ATOM   1174 N  N   . LEU B 2 139 ? -9.663  6.987   -8.649  1.00 17.27 ? 139 LEU B N   1 
ATOM   1175 C  CA  . LEU B 2 139 ? -8.931  6.648   -9.869  1.00 15.89 ? 139 LEU B CA  1 
ATOM   1176 C  C   . LEU B 2 139 ? -9.608  5.590   -10.752 1.00 14.88 ? 139 LEU B C   1 
ATOM   1177 O  O   . LEU B 2 139 ? -9.096  5.247   -11.823 1.00 13.97 ? 139 LEU B O   1 
ATOM   1178 C  CB  . LEU B 2 139 ? -7.535  6.162   -9.487  1.00 15.12 ? 139 LEU B CB  1 
ATOM   1179 C  CG  . LEU B 2 139 ? -6.575  7.233   -8.965  1.00 16.34 ? 139 LEU B CG  1 
ATOM   1180 C  CD1 . LEU B 2 139 ? -5.374  6.586   -8.308  1.00 13.70 ? 139 LEU B CD1 1 
ATOM   1181 C  CD2 . LEU B 2 139 ? -6.132  8.079   -10.141 1.00 13.51 ? 139 LEU B CD2 1 
ATOM   1182 N  N   . ASP B 2 140 ? -10.745 5.053   -10.297 1.00 14.02 ? 140 ASP B N   1 
ATOM   1183 C  CA  . ASP B 2 140 ? -11.381 3.966   -11.034 1.00 13.37 ? 140 ASP B CA  1 
ATOM   1184 C  C   . ASP B 2 140 ? -11.641 4.343   -12.485 1.00 13.20 ? 140 ASP B C   1 
ATOM   1185 O  O   . ASP B 2 140 ? -12.234 5.380   -12.762 1.00 13.55 ? 140 ASP B O   1 
ATOM   1186 C  CB  . ASP B 2 140 ? -12.708 3.556   -10.355 1.00 12.86 ? 140 ASP B CB  1 
ATOM   1187 C  CG  . ASP B 2 140 ? -12.498 2.774   -9.063  1.00 14.81 ? 140 ASP B CG  1 
ATOM   1188 O  OD1 . ASP B 2 140 ? -11.441 2.125   -8.887  1.00 15.10 ? 140 ASP B OD1 1 
ATOM   1189 O  OD2 . ASP B 2 140 ? -13.416 2.816   -8.227  1.00 17.63 ? 140 ASP B OD2 1 
ATOM   1190 N  N   . GLY B 2 141 ? -11.185 3.500   -13.403 1.00 13.86 ? 141 GLY B N   1 
ATOM   1191 C  CA  . GLY B 2 141 ? -11.399 3.727   -14.832 1.00 14.82 ? 141 GLY B CA  1 
ATOM   1192 C  C   . GLY B 2 141 ? -10.237 4.395   -15.545 1.00 16.23 ? 141 GLY B C   1 
ATOM   1193 O  O   . GLY B 2 141 ? -10.179 4.383   -16.772 1.00 16.61 ? 141 GLY B O   1 
ATOM   1194 N  N   . ALA B 2 142 ? -9.323  5.013   -14.803 1.00 16.51 ? 142 ALA B N   1 
ATOM   1195 C  CA  . ALA B 2 142 ? -8.105  5.558   -15.429 1.00 17.88 ? 142 ALA B CA  1 
ATOM   1196 C  C   . ALA B 2 142 ? -7.317  4.445   -16.124 1.00 18.33 ? 142 ALA B C   1 
ATOM   1197 O  O   . ALA B 2 142 ? -7.310  3.314   -15.674 1.00 18.76 ? 142 ALA B O   1 
ATOM   1198 C  CB  . ALA B 2 142 ? -7.260  6.296   -14.396 1.00 17.73 ? 142 ALA B CB  1 
ATOM   1199 N  N   . ALA B 2 143 ? -6.675  4.722   -17.259 1.00 19.81 ? 143 ALA B N   1 
ATOM   1200 C  CA  . ALA B 2 143 ? -5.946  3.647   -17.918 1.00 19.24 ? 143 ALA B CA  1 
ATOM   1201 C  C   . ALA B 2 143 ? -4.854  3.050   -17.022 1.00 18.50 ? 143 ALA B C   1 
ATOM   1202 O  O   . ALA B 2 143 ? -4.193  3.747   -16.231 1.00 19.36 ? 143 ALA B O   1 
ATOM   1203 C  CB  . ALA B 2 143 ? -5.388  4.068   -19.304 1.00 20.43 ? 143 ALA B CB  1 
ATOM   1204 N  N   . SER B 2 144 ? -4.728  1.738   -17.155 1.00 17.56 ? 144 SER B N   1 
ATOM   1205 C  CA  . SER B 2 144 ? -3.841  0.898   -16.384 1.00 15.94 ? 144 SER B CA  1 
ATOM   1206 C  C   . SER B 2 144 ? -4.195  0.784   -14.900 1.00 14.75 ? 144 SER B C   1 
ATOM   1207 O  O   . SER B 2 144 ? -3.537  0.029   -14.207 1.00 14.59 ? 144 SER B O   1 
ATOM   1208 C  CB  . SER B 2 144 ? -2.371  1.309   -16.591 1.00 16.71 ? 144 SER B CB  1 
ATOM   1209 O  OG  . SER B 2 144 ? -2.102  1.304   -17.988 1.00 17.90 ? 144 SER B OG  1 
ATOM   1210 N  N   . VAL B 2 145 ? -5.231  1.497   -14.429 1.00 12.92 ? 145 VAL B N   1 
ATOM   1211 C  CA  . VAL B 2 145 ? -5.634  1.430   -12.994 1.00 12.09 ? 145 VAL B CA  1 
ATOM   1212 C  C   . VAL B 2 145 ? -6.646  0.297   -12.761 1.00 11.99 ? 145 VAL B C   1 
ATOM   1213 O  O   . VAL B 2 145 ? -7.675  0.240   -13.433 1.00 12.07 ? 145 VAL B O   1 
ATOM   1214 C  CB  . VAL B 2 145 ? -6.172  2.794   -12.458 1.00 12.22 ? 145 VAL B CB  1 
ATOM   1215 C  CG1 . VAL B 2 145 ? -6.761  2.659   -11.021 1.00 11.67 ? 145 VAL B CG1 1 
ATOM   1216 C  CG2 . VAL B 2 145 ? -5.017  3.853   -12.477 1.00 11.20 ? 145 VAL B CG2 1 
ATOM   1217 N  N   . GLU B 2 146 ? -6.333  -0.622  -11.846 1.00 11.83 ? 146 GLU B N   1 
ATOM   1218 C  CA  . GLU B 2 146 ? -7.347  -1.581  -11.355 1.00 12.67 ? 146 GLU B CA  1 
ATOM   1219 C  C   . GLU B 2 146 ? -7.201  -1.620  -9.835  1.00 11.42 ? 146 GLU B C   1 
ATOM   1220 O  O   . GLU B 2 146 ? -6.097  -1.805  -9.325  1.00 12.00 ? 146 GLU B O   1 
ATOM   1221 C  CB  A GLU B 2 146 ? -7.036  -2.966  -11.985 0.50 12.79 ? 146 GLU B CB  1 
ATOM   1222 C  CB  B GLU B 2 146 ? -7.242  -2.966  -12.005 0.50 12.59 ? 146 GLU B CB  1 
ATOM   1223 C  CG  A GLU B 2 146 ? -7.816  -4.210  -11.489 0.50 14.62 ? 146 GLU B CG  1 
ATOM   1224 C  CG  B GLU B 2 146 ? -7.639  -3.017  -13.494 0.50 13.86 ? 146 GLU B CG  1 
ATOM   1225 C  CD  A GLU B 2 146 ? -7.237  -5.548  -12.024 0.50 19.23 ? 146 GLU B CD  1 
ATOM   1226 C  CD  B GLU B 2 146 ? -9.093  -2.596  -13.785 0.50 15.91 ? 146 GLU B CD  1 
ATOM   1227 O  OE1 A GLU B 2 146 ? -6.351  -5.536  -12.899 0.50 20.60 ? 146 GLU B OE1 1 
ATOM   1228 O  OE1 B GLU B 2 146 ? -9.918  -2.482  -12.852 0.50 16.21 ? 146 GLU B OE1 1 
ATOM   1229 O  OE2 A GLU B 2 146 ? -7.665  -6.628  -11.564 0.50 21.70 ? 146 GLU B OE2 1 
ATOM   1230 O  OE2 B GLU B 2 146 ? -9.402  -2.380  -14.971 0.50 18.18 ? 146 GLU B OE2 1 
ATOM   1231 N  N   . ILE B 2 147 ? -8.296  -1.366  -9.124  1.00 10.52 ? 147 ILE B N   1 
ATOM   1232 C  CA  . ILE B 2 147 ? -8.306  -1.337  -7.666  1.00 10.43 ? 147 ILE B CA  1 
ATOM   1233 C  C   . ILE B 2 147 ? -9.079  -2.580  -7.167  1.00 11.56 ? 147 ILE B C   1 
ATOM   1234 O  O   . ILE B 2 147 ? -10.156 -2.847  -7.655  1.00 11.40 ? 147 ILE B O   1 
ATOM   1235 C  CB  . ILE B 2 147 ? -9.019  -0.070  -7.146  1.00 10.37 ? 147 ILE B CB  1 
ATOM   1236 C  CG1 . ILE B 2 147 ? -8.332  1.195   -7.727  1.00 9.88  ? 147 ILE B CG1 1 
ATOM   1237 C  CG2 . ILE B 2 147 ? -9.019  0.004   -5.607  1.00 11.80 ? 147 ILE B CG2 1 
ATOM   1238 C  CD1 . ILE B 2 147 ? -6.778  1.236   -7.439  1.00 10.59 ? 147 ILE B CD1 1 
ATOM   1239 N  N   . ILE B 2 148 ? -8.506  -3.310  -6.212  1.00 11.89 ? 148 ILE B N   1 
ATOM   1240 C  CA  . ILE B 2 148 ? -9.155  -4.491  -5.616  1.00 13.51 ? 148 ILE B CA  1 
ATOM   1241 C  C   . ILE B 2 148 ? -9.309  -4.239  -4.124  1.00 13.88 ? 148 ILE B C   1 
ATOM   1242 O  O   . ILE B 2 148 ? -8.324  -4.137  -3.401  1.00 14.51 ? 148 ILE B O   1 
ATOM   1243 C  CB  . ILE B 2 148 ? -8.339  -5.771  -5.906  1.00 13.10 ? 148 ILE B CB  1 
ATOM   1244 C  CG1 . ILE B 2 148 ? -8.222  -5.990  -7.416  1.00 13.95 ? 148 ILE B CG1 1 
ATOM   1245 C  CG2 . ILE B 2 148 ? -8.980  -7.018  -5.228  1.00 15.20 ? 148 ILE B CG2 1 
ATOM   1246 C  CD1 . ILE B 2 148 ? -7.201  -7.067  -7.828  1.00 17.58 ? 148 ILE B CD1 1 
ATOM   1247 N  N   . ARG B 2 149 ? -10.554 -4.081  -3.673  1.00 14.16 ? 149 ARG B N   1 
ATOM   1248 C  CA  . ARG B 2 149 ? -10.819 -3.749  -2.283  1.00 14.35 ? 149 ARG B CA  1 
ATOM   1249 C  C   . ARG B 2 149 ? -10.985 -5.021  -1.458  1.00 15.70 ? 149 ARG B C   1 
ATOM   1250 O  O   . ARG B 2 149 ? -11.872 -5.830  -1.739  1.00 15.89 ? 149 ARG B O   1 
ATOM   1251 C  CB  A ARG B 2 149 ? -12.059 -2.886  -2.149  0.60 14.66 ? 149 ARG B CB  1 
ATOM   1252 C  CB  B ARG B 2 149 ? -12.099 -2.914  -2.209  0.40 14.20 ? 149 ARG B CB  1 
ATOM   1253 C  CG  A ARG B 2 149 ? -11.967 -1.681  -3.000  0.60 15.56 ? 149 ARG B CG  1 
ATOM   1254 C  CG  B ARG B 2 149 ? -12.436 -2.364  -0.836  0.40 12.82 ? 149 ARG B CG  1 
ATOM   1255 C  CD  A ARG B 2 149 ? -12.650 -0.498  -2.439  0.60 17.11 ? 149 ARG B CD  1 
ATOM   1256 C  CD  B ARG B 2 149 ? -11.745 -1.044  -0.587  0.40 12.41 ? 149 ARG B CD  1 
ATOM   1257 N  NE  A ARG B 2 149 ? -12.461 0.575   -3.408  0.60 12.71 ? 149 ARG B NE  1 
ATOM   1258 N  NE  B ARG B 2 149 ? -12.084 -0.519  0.732   0.40 12.15 ? 149 ARG B NE  1 
ATOM   1259 C  CZ  A ARG B 2 149 ? -11.556 1.533   -3.315  0.60 15.92 ? 149 ARG B CZ  1 
ATOM   1260 C  CZ  B ARG B 2 149 ? -13.059 0.353   0.958   0.40 9.94  ? 149 ARG B CZ  1 
ATOM   1261 N  NH1 A ARG B 2 149 ? -10.727 1.640   -2.270  0.60 15.65 ? 149 ARG B NH1 1 
ATOM   1262 N  NH1 B ARG B 2 149 ? -13.784 0.823   -0.050  0.40 10.19 ? 149 ARG B NH1 1 
ATOM   1263 N  NH2 A ARG B 2 149 ? -11.504 2.413   -4.270  0.60 17.22 ? 149 ARG B NH2 1 
ATOM   1264 N  NH2 B ARG B 2 149 ? -13.295 0.764   2.191   0.40 11.41 ? 149 ARG B NH2 1 
ATOM   1265 N  N   . VAL B 2 150 ? -10.141 -5.187  -0.443  1.00 15.55 ? 150 VAL B N   1 
ATOM   1266 C  CA  . VAL B 2 150 ? -10.159 -6.388  0.400   1.00 16.90 ? 150 VAL B CA  1 
ATOM   1267 C  C   . VAL B 2 150 ? -10.469 -6.038  1.848   1.00 17.33 ? 150 VAL B C   1 
ATOM   1268 O  O   . VAL B 2 150 ? -10.446 -6.901  2.701   1.00 19.42 ? 150 VAL B O   1 
ATOM   1269 C  CB  . VAL B 2 150 ? -8.821  -7.147  0.337   1.00 16.84 ? 150 VAL B CB  1 
ATOM   1270 C  CG1 . VAL B 2 150 ? -8.589  -7.708  -1.074  1.00 16.51 ? 150 VAL B CG1 1 
ATOM   1271 C  CG2 . VAL B 2 150 ? -7.676  -6.219  0.783   1.00 15.70 ? 150 VAL B CG2 1 
ATOM   1272 O  OXT . VAL B 2 150 ? -10.781 -4.903  2.204   1.00 19.25 ? 150 VAL B OXT 1 
HETATM 1273 NA NA  . NA  C 3 .   ? 2.609   -0.020  -1.473  1.00 19.82 ? 301 NA  B NA  1 
HETATM 1274 NA NA  . NA  D 3 .   ? -3.433  -0.604  -11.430 1.00 20.29 ? 302 NA  B NA  1 
HETATM 1275 NA NA  . NA  E 3 .   ? 11.782  -4.544  6.395   1.00 36.63 ? 303 NA  B NA  1 
HETATM 1276 NA NA  . NA  F 3 .   ? 8.456   4.345   18.647  1.00 20.73 ? 304 NA  B NA  1 
HETATM 1277 C  C   . ACT G 4 .   ? 14.196  -5.338  8.852   0.50 33.79 ? 305 ACT B C   1 
HETATM 1278 O  O   . ACT G 4 .   ? 13.377  -6.035  8.216   0.50 33.92 ? 305 ACT B O   1 
HETATM 1279 O  OXT . ACT G 4 .   ? 15.357  -5.270  8.399   0.50 34.00 ? 305 ACT B OXT 1 
HETATM 1280 C  CH3 . ACT G 4 .   ? 13.773  -4.628  10.102  0.50 33.54 ? 305 ACT B CH3 1 
HETATM 1281 C  C1  . BME H 5 .   ? -5.775  7.919   -17.329 0.70 24.06 ? 306 BME B C1  1 
HETATM 1282 C  C2  . BME H 5 .   ? -7.118  8.095   -18.008 0.70 22.77 ? 306 BME B C2  1 
HETATM 1283 O  O1  . BME H 5 .   ? -5.475  8.986   -16.480 0.70 18.01 ? 306 BME B O1  1 
HETATM 1284 S  S2  . BME H 5 .   ? -7.174  6.973   -19.426 0.70 31.71 ? 306 BME B S2  1 
HETATM 1285 O  O   . HOH I 6 .   ? 0.270   11.350  1.236   1.00 13.81 ? 94  HOH A O   1 
HETATM 1286 O  O   . HOH J 6 .   ? -10.746 -0.242  -10.279 1.00 15.25 ? 307 HOH B O   1 
HETATM 1287 O  O   . HOH J 6 .   ? 7.536   0.894   -12.764 1.00 27.34 ? 308 HOH B O   1 
HETATM 1288 O  O   . HOH J 6 .   ? -10.205 0.972   -12.711 1.00 17.96 ? 309 HOH B O   1 
HETATM 1289 O  O   . HOH J 6 .   ? 7.910   -0.780  -15.366 1.00 39.08 ? 310 HOH B O   1 
HETATM 1290 O  O   . HOH J 6 .   ? -1.891  2.686   1.307   1.00 25.19 ? 311 HOH B O   1 
HETATM 1291 O  O   . HOH J 6 .   ? -12.284 12.801  -4.363  1.00 26.23 ? 312 HOH B O   1 
HETATM 1292 O  O   . HOH J 6 .   ? -11.369 7.936   -13.438 1.00 18.07 ? 313 HOH B O   1 
HETATM 1293 O  O   . HOH J 6 .   ? 1.174   5.152   18.983  1.00 27.07 ? 314 HOH B O   1 
HETATM 1294 O  O   . HOH J 6 .   ? 6.620   -5.950  -12.311 1.00 31.13 ? 315 HOH B O   1 
HETATM 1295 O  O   . HOH J 6 .   ? 3.546   -0.998  26.349  1.00 24.13 ? 316 HOH B O   1 
HETATM 1296 O  O   . HOH J 6 .   ? -11.744 2.678   -18.332 1.00 27.79 ? 317 HOH B O   1 
HETATM 1297 O  O   . HOH J 6 .   ? 7.196   -8.074  17.911  1.00 20.02 ? 318 HOH B O   1 
HETATM 1298 O  O   . HOH J 6 .   ? 4.305   4.577   -17.215 1.00 25.04 ? 319 HOH B O   1 
HETATM 1299 O  O   . HOH J 6 .   ? 11.278  2.581   -15.365 1.00 18.62 ? 320 HOH B O   1 
HETATM 1300 O  O   . HOH J 6 .   ? 13.082  -0.147  -11.730 1.00 20.45 ? 321 HOH B O   1 
HETATM 1301 O  O   . HOH J 6 .   ? 6.629   -10.276 11.270  1.00 20.37 ? 322 HOH B O   1 
HETATM 1302 O  O   . HOH J 6 .   ? -8.828  1.132   -15.942 1.00 24.69 ? 323 HOH B O   1 
HETATM 1303 O  O   . HOH J 6 .   ? -11.219 7.490   -3.018  1.00 26.04 ? 324 HOH B O   1 
HETATM 1304 O  O   . HOH J 6 .   ? -6.476  16.621  -7.348  1.00 27.01 ? 325 HOH B O   1 
HETATM 1305 O  O   . HOH J 6 .   ? -13.736 -7.072  -0.041  1.00 23.53 ? 326 HOH B O   1 
HETATM 1306 O  O   . HOH J 6 .   ? 12.865  -0.965  -4.327  1.00 22.20 ? 327 HOH B O   1 
HETATM 1307 O  O   . HOH J 6 .   ? -3.039  1.753   -10.096 1.00 13.56 ? 328 HOH B O   1 
HETATM 1308 O  O   . HOH J 6 .   ? -12.412 0.183   -14.102 1.00 20.46 ? 329 HOH B O   1 
HETATM 1309 O  O   . HOH J 6 .   ? -1.944  -9.340  -12.539 1.00 31.50 ? 330 HOH B O   1 
HETATM 1310 O  O   . HOH J 6 .   ? 5.784   -4.636  25.782  1.00 33.96 ? 331 HOH B O   1 
HETATM 1311 O  O   . HOH J 6 .   ? 14.711  -1.365  -6.206  1.00 23.82 ? 332 HOH B O   1 
HETATM 1312 O  O   . HOH J 6 .   ? -3.400  6.180   -17.077 1.00 32.33 ? 333 HOH B O   1 
HETATM 1313 O  O   . HOH J 6 .   ? 2.741   6.925   -18.681 1.00 31.86 ? 334 HOH B O   1 
HETATM 1314 O  O   . HOH J 6 .   ? -4.901  3.868   1.342   1.00 26.34 ? 335 HOH B O   1 
HETATM 1315 O  O   . HOH J 6 .   ? -7.256  2.994   0.262   1.00 25.09 ? 336 HOH B O   1 
HETATM 1316 O  O   . HOH J 6 .   ? -13.666 10.489  -4.963  1.00 29.70 ? 337 HOH B O   1 
HETATM 1317 O  O   . HOH J 6 .   ? -4.928  10.426  -19.131 1.00 27.81 ? 338 HOH B O   1 
HETATM 1318 O  O   . HOH J 6 .   ? 4.685   1.882   -17.743 1.00 29.72 ? 339 HOH B O   1 
HETATM 1319 O  O   . HOH J 6 .   ? 0.916   0.235   -17.873 1.00 32.62 ? 340 HOH B O   1 
HETATM 1320 O  O   . HOH J 6 .   ? 12.464  -2.890  -10.824 1.00 32.11 ? 341 HOH B O   1 
HETATM 1321 O  O   . HOH J 6 .   ? -8.804  -10.675 -7.260  1.00 32.47 ? 342 HOH B O   1 
HETATM 1322 O  O   . HOH J 6 .   ? 0.813   -10.355 -13.699 1.00 37.70 ? 343 HOH B O   1 
HETATM 1323 O  O   . HOH J 6 .   ? -9.728  9.717   -2.628  1.00 30.94 ? 344 HOH B O   1 
HETATM 1324 O  O   . HOH J 6 .   ? -3.914  12.260  -17.994 1.00 36.68 ? 345 HOH B O   1 
HETATM 1325 O  O   . HOH J 6 .   ? 5.507   -10.008 17.583  1.00 27.91 ? 346 HOH B O   1 
HETATM 1326 O  O   . HOH J 6 .   ? 15.619  0.820   -7.658  1.00 21.05 ? 347 HOH B O   1 
HETATM 1327 O  O   . HOH J 6 .   ? 8.266   0.112   -10.052 1.00 22.00 ? 348 HOH B O   1 
HETATM 1328 O  O   . HOH J 6 .   ? 13.901  3.618   -14.467 1.00 17.84 ? 349 HOH B O   1 
HETATM 1329 O  O   . HOH J 6 .   ? 5.452   7.150   -20.831 1.00 26.95 ? 350 HOH B O   1 
HETATM 1330 O  O   . HOH J 6 .   ? 4.646   -0.749  11.042  1.00 13.05 ? 351 HOH B O   1 
# 
